data_4IIM
# 
_entry.id   4IIM 
# 
_audit_conform.dict_name       mmcif_pdbx.dic 
_audit_conform.dict_version    5.379 
_audit_conform.dict_location   http://mmcif.pdb.org/dictionaries/ascii/mmcif_pdbx.dic 
# 
loop_
_database_2.database_id 
_database_2.database_code 
_database_2.pdbx_database_accession 
_database_2.pdbx_DOI 
PDB   4IIM         pdb_00004iim 10.2210/pdb4iim/pdb 
RCSB  RCSB076798   ?            ?                   
WWPDB D_1000076798 ?            ?                   
# 
_pdbx_database_related.db_name        TargetTrack 
_pdbx_database_related.db_id          NESG-HR3646 
_pdbx_database_related.details        . 
_pdbx_database_related.content_type   unspecified 
# 
_pdbx_database_status.entry_id                        4IIM 
_pdbx_database_status.status_code                     REL 
_pdbx_database_status.deposit_site                    RCSB 
_pdbx_database_status.process_site                    RCSB 
_pdbx_database_status.recvd_initial_deposition_date   2012-12-20 
_pdbx_database_status.status_code_sf                  REL 
_pdbx_database_status.status_code_mr                  ? 
_pdbx_database_status.SG_entry                        Y 
_pdbx_database_status.status_code_cs                  ? 
_pdbx_database_status.methods_development_category    ? 
_pdbx_database_status.pdb_format_compatible           Y 
_pdbx_database_status.status_code_nmr_data            ? 
# 
loop_
_audit_author.name 
_audit_author.pdbx_ordinal 
'Dong, A.'                             1  
'Guan, X.'                             2  
'Huang, H.'                            3  
'Wernimont, A.'                        4  
'Gu, J.'                               5  
'Sidhu, S.'                            6  
'Bountra, C.'                          7  
'Arrowsmith, C.H.'                     8  
'Edwards, A.M.'                        9  
'Tong, Y.'                             10 
'Structural Genomics Consortium (SGC)' 11 
# 
_citation.id                        primary 
_citation.title                     'Crystal structure of the Second SH3 Domain of ITSN1 bound with a synthetic peptide' 
_citation.journal_abbrev            'To be Published' 
_citation.journal_volume            ? 
_citation.page_first                ? 
_citation.page_last                 ? 
_citation.year                      ? 
_citation.journal_id_ASTM           ? 
_citation.country                   ? 
_citation.journal_id_ISSN           ? 
_citation.journal_id_CSD            0353 
_citation.book_publisher            ? 
_citation.pdbx_database_id_PubMed   ? 
_citation.pdbx_database_id_DOI      ? 
# 
loop_
_citation_author.citation_id 
_citation_author.name 
_citation_author.ordinal 
_citation_author.identifier_ORCID 
primary 'Guan, X.'                             1  ? 
primary 'Dong, A.'                             2  ? 
primary 'Huang, H.'                            3  ? 
primary 'Wernimont, A.'                        4  ? 
primary 'Gu, J.'                               5  ? 
primary 'Sidhu, S.'                            6  ? 
primary 'Bountra, C.'                          7  ? 
primary 'Arrowsmith, C.H.'                     8  ? 
primary 'Edwards, A.M.'                        9  ? 
primary 'Tong, Y.'                             10 ? 
primary 'Structural Genomics Consortium (SGC)' 11 ? 
# 
_cell.length_a           41.048 
_cell.length_b           51.393 
_cell.length_c           69.260 
_cell.angle_alpha        90.000 
_cell.angle_beta         90.000 
_cell.angle_gamma        90.000 
_cell.entry_id           4IIM 
_cell.pdbx_unique_axis   ? 
_cell.Z_PDB              12 
_cell.length_a_esd       ? 
_cell.length_b_esd       ? 
_cell.length_c_esd       ? 
_cell.angle_alpha_esd    ? 
_cell.angle_beta_esd     ? 
_cell.angle_gamma_esd    ? 
# 
_symmetry.space_group_name_H-M             'P 21 21 21' 
_symmetry.entry_id                         4IIM 
_symmetry.Int_Tables_number                19 
_symmetry.pdbx_full_space_group_name_H-M   ? 
_symmetry.cell_setting                     ? 
_symmetry.space_group_name_Hall            ? 
# 
loop_
_entity.id 
_entity.type 
_entity.src_method 
_entity.pdbx_description 
_entity.formula_weight 
_entity.pdbx_number_of_molecules 
_entity.pdbx_ec 
_entity.pdbx_mutation 
_entity.pdbx_fragment 
_entity.details 
1 polymer     man Intersectin-1         7883.971 2  ? ? ? ? 
2 polymer     syn 'peptide ligand'      1441.591 3  ? ? ? ? 
3 non-polymer syn 'UNKNOWN ATOM OR ION' ?        11 ? ? ? ? 
4 water       nat water                 18.015   99 ? ? ? ? 
# 
_entity_name_com.entity_id   1 
_entity_name_com.name        'SH3 domain-containing protein 1A, SH3P17' 
# 
loop_
_entity_poly.entity_id 
_entity_poly.type 
_entity_poly.nstd_linkage 
_entity_poly.nstd_monomer 
_entity_poly.pdbx_seq_one_letter_code 
_entity_poly.pdbx_seq_one_letter_code_can 
_entity_poly.pdbx_strand_id 
_entity_poly.pdbx_target_identifier 
1 'polypeptide(L)' no no GAAQPAMAQGALLQAQALYPWRAKKDNHLNFNKNDVITVLEQQDMWWFGEVQGQKGWFPKSYVKLISAAA 
GAAQPAMAQGALLQAQALYPWRAKKDNHLNFNKNDVITVLEQQDMWWFGEVQGQKGWFPKSYVKLISAAA A,B   NESG-HR3646 
2 'polypeptide(L)' no no WRDSSGYVMGPW                                                           WRDSSGYVMGPW C,D,E ?           
# 
loop_
_entity_poly_seq.entity_id 
_entity_poly_seq.num 
_entity_poly_seq.mon_id 
_entity_poly_seq.hetero 
1 1  GLY n 
1 2  ALA n 
1 3  ALA n 
1 4  GLN n 
1 5  PRO n 
1 6  ALA n 
1 7  MET n 
1 8  ALA n 
1 9  GLN n 
1 10 GLY n 
1 11 ALA n 
1 12 LEU n 
1 13 LEU n 
1 14 GLN n 
1 15 ALA n 
1 16 GLN n 
1 17 ALA n 
1 18 LEU n 
1 19 TYR n 
1 20 PRO n 
1 21 TRP n 
1 22 ARG n 
1 23 ALA n 
1 24 LYS n 
1 25 LYS n 
1 26 ASP n 
1 27 ASN n 
1 28 HIS n 
1 29 LEU n 
1 30 ASN n 
1 31 PHE n 
1 32 ASN n 
1 33 LYS n 
1 34 ASN n 
1 35 ASP n 
1 36 VAL n 
1 37 ILE n 
1 38 THR n 
1 39 VAL n 
1 40 LEU n 
1 41 GLU n 
1 42 GLN n 
1 43 GLN n 
1 44 ASP n 
1 45 MET n 
1 46 TRP n 
1 47 TRP n 
1 48 PHE n 
1 49 GLY n 
1 50 GLU n 
1 51 VAL n 
1 52 GLN n 
1 53 GLY n 
1 54 GLN n 
1 55 LYS n 
1 56 GLY n 
1 57 TRP n 
1 58 PHE n 
1 59 PRO n 
1 60 LYS n 
1 61 SER n 
1 62 TYR n 
1 63 VAL n 
1 64 LYS n 
1 65 LEU n 
1 66 ILE n 
1 67 SER n 
1 68 ALA n 
1 69 ALA n 
1 70 ALA n 
2 1  TRP n 
2 2  ARG n 
2 3  ASP n 
2 4  SER n 
2 5  SER n 
2 6  GLY n 
2 7  TYR n 
2 8  VAL n 
2 9  MET n 
2 10 GLY n 
2 11 PRO n 
2 12 TRP n 
# 
_entity_src_gen.entity_id                          1 
_entity_src_gen.pdbx_src_id                        1 
_entity_src_gen.pdbx_alt_source_flag               sample 
_entity_src_gen.pdbx_seq_type                      ? 
_entity_src_gen.pdbx_beg_seq_num                   ? 
_entity_src_gen.pdbx_end_seq_num                   ? 
_entity_src_gen.gene_src_common_name               human 
_entity_src_gen.gene_src_genus                     ? 
_entity_src_gen.pdbx_gene_src_gene                 'ITSN1, ITSN, SH3D1A' 
_entity_src_gen.gene_src_species                   ? 
_entity_src_gen.gene_src_strain                    ? 
_entity_src_gen.gene_src_tissue                    ? 
_entity_src_gen.gene_src_tissue_fraction           ? 
_entity_src_gen.gene_src_details                   ? 
_entity_src_gen.pdbx_gene_src_fragment             ? 
_entity_src_gen.pdbx_gene_src_scientific_name      'Homo sapiens' 
_entity_src_gen.pdbx_gene_src_ncbi_taxonomy_id     9606 
_entity_src_gen.pdbx_gene_src_variant              ? 
_entity_src_gen.pdbx_gene_src_cell_line            ? 
_entity_src_gen.pdbx_gene_src_atcc                 ? 
_entity_src_gen.pdbx_gene_src_organ                ? 
_entity_src_gen.pdbx_gene_src_organelle            ? 
_entity_src_gen.pdbx_gene_src_cell                 ? 
_entity_src_gen.pdbx_gene_src_cellular_location    ? 
_entity_src_gen.host_org_common_name               ? 
_entity_src_gen.pdbx_host_org_scientific_name      'Escherichia coli' 
_entity_src_gen.pdbx_host_org_ncbi_taxonomy_id     511693 
_entity_src_gen.host_org_genus                     ? 
_entity_src_gen.pdbx_host_org_gene                 ? 
_entity_src_gen.pdbx_host_org_organ                ? 
_entity_src_gen.host_org_species                   ? 
_entity_src_gen.pdbx_host_org_tissue               ? 
_entity_src_gen.pdbx_host_org_tissue_fraction      ? 
_entity_src_gen.pdbx_host_org_strain               BL21 
_entity_src_gen.pdbx_host_org_variant              ? 
_entity_src_gen.pdbx_host_org_cell_line            ? 
_entity_src_gen.pdbx_host_org_atcc                 ? 
_entity_src_gen.pdbx_host_org_culture_collection   ? 
_entity_src_gen.pdbx_host_org_cell                 ? 
_entity_src_gen.pdbx_host_org_organelle            ? 
_entity_src_gen.pdbx_host_org_cellular_location    ? 
_entity_src_gen.pdbx_host_org_vector_type          plasmid 
_entity_src_gen.pdbx_host_org_vector               ? 
_entity_src_gen.host_org_details                   ? 
_entity_src_gen.expression_system_id               ? 
_entity_src_gen.plasmid_name                       pHH0239 
_entity_src_gen.plasmid_details                    ? 
_entity_src_gen.pdbx_description                   ? 
# 
_pdbx_entity_src_syn.entity_id              2 
_pdbx_entity_src_syn.pdbx_src_id            1 
_pdbx_entity_src_syn.pdbx_alt_source_flag   sample 
_pdbx_entity_src_syn.pdbx_beg_seq_num       ? 
_pdbx_entity_src_syn.pdbx_end_seq_num       ? 
_pdbx_entity_src_syn.organism_scientific    ? 
_pdbx_entity_src_syn.organism_common_name   ? 
_pdbx_entity_src_syn.ncbi_taxonomy_id       ? 
_pdbx_entity_src_syn.details                'synthetic sequence' 
# 
loop_
_struct_ref.id 
_struct_ref.db_name 
_struct_ref.db_code 
_struct_ref.pdbx_db_accession 
_struct_ref.entity_id 
_struct_ref.pdbx_seq_one_letter_code 
_struct_ref.pdbx_align_begin 
_struct_ref.pdbx_db_isoform 
1 UNP ITSN1_HUMAN Q15811 1 LQAQALYPWRAKKDNHLNFNKNDVITVLEQQDMWWFGEVQGQKGWFPKSYVKLIS 916 ? 
2 PDB 4IIM        4IIM   2 WRDSSGYVMGPW                                            ?   ? 
# 
loop_
_struct_ref_seq.align_id 
_struct_ref_seq.ref_id 
_struct_ref_seq.pdbx_PDB_id_code 
_struct_ref_seq.pdbx_strand_id 
_struct_ref_seq.seq_align_beg 
_struct_ref_seq.pdbx_seq_align_beg_ins_code 
_struct_ref_seq.seq_align_end 
_struct_ref_seq.pdbx_seq_align_end_ins_code 
_struct_ref_seq.pdbx_db_accession 
_struct_ref_seq.db_align_beg 
_struct_ref_seq.pdbx_db_align_beg_ins_code 
_struct_ref_seq.db_align_end 
_struct_ref_seq.pdbx_db_align_end_ins_code 
_struct_ref_seq.pdbx_auth_seq_align_beg 
_struct_ref_seq.pdbx_auth_seq_align_end 
1 1 4IIM A 13 ? 67 ? Q15811 916  ? 970  ? 916  970  
2 1 4IIM B 13 ? 67 ? Q15811 916  ? 970  ? 916  970  
3 2 4IIM C 1  ? 12 ? 4IIM   2001 ? 2012 ? 2001 2012 
4 2 4IIM D 1  ? 12 ? 4IIM   2001 ? 2012 ? 2001 2012 
5 2 4IIM E 1  ? 12 ? 4IIM   2004 ? 2015 ? 2004 2015 
# 
loop_
_struct_ref_seq_dif.align_id 
_struct_ref_seq_dif.pdbx_pdb_id_code 
_struct_ref_seq_dif.mon_id 
_struct_ref_seq_dif.pdbx_pdb_strand_id 
_struct_ref_seq_dif.seq_num 
_struct_ref_seq_dif.pdbx_pdb_ins_code 
_struct_ref_seq_dif.pdbx_seq_db_name 
_struct_ref_seq_dif.pdbx_seq_db_accession_code 
_struct_ref_seq_dif.db_mon_id 
_struct_ref_seq_dif.pdbx_seq_db_seq_num 
_struct_ref_seq_dif.details 
_struct_ref_seq_dif.pdbx_auth_seq_num 
_struct_ref_seq_dif.pdbx_ordinal 
1 4IIM GLY A 1  ? UNP Q15811 ? ? 'expression tag' 904 1  
1 4IIM ALA A 2  ? UNP Q15811 ? ? 'expression tag' 905 2  
1 4IIM ALA A 3  ? UNP Q15811 ? ? 'expression tag' 906 3  
1 4IIM GLN A 4  ? UNP Q15811 ? ? 'expression tag' 907 4  
1 4IIM PRO A 5  ? UNP Q15811 ? ? 'expression tag' 908 5  
1 4IIM ALA A 6  ? UNP Q15811 ? ? 'expression tag' 909 6  
1 4IIM MET A 7  ? UNP Q15811 ? ? 'expression tag' 910 7  
1 4IIM ALA A 8  ? UNP Q15811 ? ? 'expression tag' 911 8  
1 4IIM GLN A 9  ? UNP Q15811 ? ? 'expression tag' 912 9  
1 4IIM GLY A 10 ? UNP Q15811 ? ? 'expression tag' 913 10 
1 4IIM ALA A 11 ? UNP Q15811 ? ? 'expression tag' 914 11 
1 4IIM LEU A 12 ? UNP Q15811 ? ? 'expression tag' 915 12 
1 4IIM ALA A 68 ? UNP Q15811 ? ? 'expression tag' 971 13 
1 4IIM ALA A 69 ? UNP Q15811 ? ? 'expression tag' 972 14 
1 4IIM ALA A 70 ? UNP Q15811 ? ? 'expression tag' 973 15 
2 4IIM GLY B 1  ? UNP Q15811 ? ? 'expression tag' 904 16 
2 4IIM ALA B 2  ? UNP Q15811 ? ? 'expression tag' 905 17 
2 4IIM ALA B 3  ? UNP Q15811 ? ? 'expression tag' 906 18 
2 4IIM GLN B 4  ? UNP Q15811 ? ? 'expression tag' 907 19 
2 4IIM PRO B 5  ? UNP Q15811 ? ? 'expression tag' 908 20 
2 4IIM ALA B 6  ? UNP Q15811 ? ? 'expression tag' 909 21 
2 4IIM MET B 7  ? UNP Q15811 ? ? 'expression tag' 910 22 
2 4IIM ALA B 8  ? UNP Q15811 ? ? 'expression tag' 911 23 
2 4IIM GLN B 9  ? UNP Q15811 ? ? 'expression tag' 912 24 
2 4IIM GLY B 10 ? UNP Q15811 ? ? 'expression tag' 913 25 
2 4IIM ALA B 11 ? UNP Q15811 ? ? 'expression tag' 914 26 
2 4IIM LEU B 12 ? UNP Q15811 ? ? 'expression tag' 915 27 
2 4IIM ALA B 68 ? UNP Q15811 ? ? 'expression tag' 971 28 
2 4IIM ALA B 69 ? UNP Q15811 ? ? 'expression tag' 972 29 
2 4IIM ALA B 70 ? UNP Q15811 ? ? 'expression tag' 973 30 
# 
loop_
_chem_comp.id 
_chem_comp.type 
_chem_comp.mon_nstd_flag 
_chem_comp.name 
_chem_comp.pdbx_synonyms 
_chem_comp.formula 
_chem_comp.formula_weight 
ALA 'L-peptide linking' y ALANINE               ? 'C3 H7 N O2'     89.093  
ARG 'L-peptide linking' y ARGININE              ? 'C6 H15 N4 O2 1' 175.209 
ASN 'L-peptide linking' y ASPARAGINE            ? 'C4 H8 N2 O3'    132.118 
ASP 'L-peptide linking' y 'ASPARTIC ACID'       ? 'C4 H7 N O4'     133.103 
GLN 'L-peptide linking' y GLUTAMINE             ? 'C5 H10 N2 O3'   146.144 
GLU 'L-peptide linking' y 'GLUTAMIC ACID'       ? 'C5 H9 N O4'     147.129 
GLY 'peptide linking'   y GLYCINE               ? 'C2 H5 N O2'     75.067  
HIS 'L-peptide linking' y HISTIDINE             ? 'C6 H10 N3 O2 1' 156.162 
HOH non-polymer         . WATER                 ? 'H2 O'           18.015  
ILE 'L-peptide linking' y ISOLEUCINE            ? 'C6 H13 N O2'    131.173 
LEU 'L-peptide linking' y LEUCINE               ? 'C6 H13 N O2'    131.173 
LYS 'L-peptide linking' y LYSINE                ? 'C6 H15 N2 O2 1' 147.195 
MET 'L-peptide linking' y METHIONINE            ? 'C5 H11 N O2 S'  149.211 
PHE 'L-peptide linking' y PHENYLALANINE         ? 'C9 H11 N O2'    165.189 
PRO 'L-peptide linking' y PROLINE               ? 'C5 H9 N O2'     115.130 
SER 'L-peptide linking' y SERINE                ? 'C3 H7 N O3'     105.093 
THR 'L-peptide linking' y THREONINE             ? 'C4 H9 N O3'     119.119 
TRP 'L-peptide linking' y TRYPTOPHAN            ? 'C11 H12 N2 O2'  204.225 
TYR 'L-peptide linking' y TYROSINE              ? 'C9 H11 N O3'    181.189 
UNX non-polymer         . 'UNKNOWN ATOM OR ION' ? ?                ?       
VAL 'L-peptide linking' y VALINE                ? 'C5 H11 N O2'    117.146 
# 
_exptl.crystals_number   1 
_exptl.entry_id          4IIM 
_exptl.method            'X-RAY DIFFRACTION' 
# 
_exptl_crystal.id                    1 
_exptl_crystal.density_Matthews      1.82 
_exptl_crystal.density_meas          ? 
_exptl_crystal.density_percent_sol   32.34 
_exptl_crystal.description           ? 
_exptl_crystal.F_000                 ? 
_exptl_crystal.preparation           ? 
# 
_exptl_crystal_grow.crystal_id      1 
_exptl_crystal_grow.method          'VAPOR DIFFUSION, HANGING DROP' 
_exptl_crystal_grow.pH              8.5 
_exptl_crystal_grow.temp            291 
_exptl_crystal_grow.pdbx_details    '1.2 M NaCitrate and 0.1 M Tris, pH 8.5, vapor diffusion hanging drop, temperature 291K' 
_exptl_crystal_grow.temp_details    ? 
_exptl_crystal_grow.pdbx_pH_range   ? 
# 
_diffrn.id                     1 
_diffrn.ambient_temp           100 
_diffrn.ambient_temp_details   ? 
_diffrn.crystal_id             1 
# 
_diffrn_detector.diffrn_id              1 
_diffrn_detector.detector               CCD 
_diffrn_detector.type                   'ADSC QUANTUM 315r' 
_diffrn_detector.pdbx_collection_date   2012-07-29 
_diffrn_detector.details                ? 
# 
_diffrn_radiation.diffrn_id                        1 
_diffrn_radiation.pdbx_diffrn_protocol             'SINGLE WAVELENGTH' 
_diffrn_radiation.monochromator                    ? 
_diffrn_radiation.wavelength_id                    1 
_diffrn_radiation.pdbx_monochromatic_or_laue_m_l   M 
_diffrn_radiation.pdbx_scattering_type             x-ray 
# 
_diffrn_radiation_wavelength.id           1 
_diffrn_radiation_wavelength.wavelength   1.54178 
_diffrn_radiation_wavelength.wt           1.0 
# 
_diffrn_source.diffrn_id                   1 
_diffrn_source.source                      'ROTATING ANODE' 
_diffrn_source.type                        'RIGAKU FR-E SUPERBRIGHT' 
_diffrn_source.pdbx_wavelength_list        1.54178 
_diffrn_source.pdbx_wavelength             ? 
_diffrn_source.pdbx_synchrotron_site       ? 
_diffrn_source.pdbx_synchrotron_beamline   ? 
# 
_reflns.entry_id                     4IIM 
_reflns.d_resolution_high            1.800 
_reflns.d_resolution_low             50.000 
_reflns.number_obs                   13540 
_reflns.pdbx_Rmerge_I_obs            0.030 
_reflns.pdbx_netI_over_sigmaI        28.7 
_reflns.pdbx_chi_squared             0.186 
_reflns.pdbx_redundancy              7.600 
_reflns.percent_possible_obs         95.800 
_reflns.observed_criterion_sigma_F   0 
_reflns.observed_criterion_sigma_I   0 
_reflns.number_all                   13540 
_reflns.pdbx_Rsym_value              ? 
_reflns.B_iso_Wilson_estimate        23.5 
_reflns.R_free_details               ? 
_reflns.limit_h_max                  ? 
_reflns.limit_h_min                  ? 
_reflns.limit_k_max                  ? 
_reflns.limit_k_min                  ? 
_reflns.limit_l_max                  ? 
_reflns.limit_l_min                  ? 
_reflns.observed_criterion_F_max     ? 
_reflns.observed_criterion_F_min     ? 
_reflns.pdbx_scaling_rejects         ? 
_reflns.pdbx_ordinal                 1 
_reflns.pdbx_diffrn_id               1 
# 
loop_
_reflns_shell.d_res_high 
_reflns_shell.d_res_low 
_reflns_shell.number_measured_obs 
_reflns_shell.number_measured_all 
_reflns_shell.number_unique_obs 
_reflns_shell.Rmerge_I_obs 
_reflns_shell.meanI_over_sigI_obs 
_reflns_shell.pdbx_Rsym_value 
_reflns_shell.pdbx_chi_squared 
_reflns_shell.pdbx_redundancy 
_reflns_shell.percent_possible_obs 
_reflns_shell.number_unique_all 
_reflns_shell.percent_possible_all 
_reflns_shell.pdbx_ordinal 
_reflns_shell.pdbx_diffrn_id 
1.800 1.830  ? ? ? 0.345 ? ? 0.125 6.800 ? 651 93.700 1  1 
1.830 1.860  ? ? ? 0.313 ? ? 0.117 7.300 ? 612 90.500 2  1 
1.860 1.900  ? ? ? 0.265 ? ? 0.129 7.400 ? 658 95.400 3  1 
1.900 1.940  ? ? ? 0.183 ? ? 0.146 7.700 ? 650 93.400 4  1 
1.940 1.980  ? ? ? 0.167 ? ? 0.141 7.700 ? 648 93.600 5  1 
1.980 2.030  ? ? ? 0.137 ? ? 0.143 7.800 ? 648 94.500 6  1 
2.030 2.080  ? ? ? 0.117 ? ? 0.167 7.800 ? 653 94.600 7  1 
2.080 2.130  ? ? ? 0.098 ? ? 0.152 8.000 ? 662 94.400 8  1 
2.130 2.200  ? ? ? 0.091 ? ? 0.168 7.800 ? 656 96.000 9  1 
2.200 2.270  ? ? ? 0.077 ? ? 0.203 7.900 ? 671 94.400 10 1 
2.270 2.350  ? ? ? 0.071 ? ? 0.183 7.900 ? 687 97.200 11 1 
2.350 2.440  ? ? ? 0.064 ? ? 0.175 7.900 ? 668 95.300 12 1 
2.440 2.550  ? ? ? 0.052 ? ? 0.170 7.900 ? 671 96.100 13 1 
2.550 2.690  ? ? ? 0.043 ? ? 0.176 7.800 ? 696 98.200 14 1 
2.690 2.860  ? ? ? 0.032 ? ? 0.184 7.700 ? 686 97.300 15 1 
2.860 3.080  ? ? ? 0.028 ? ? 0.191 7.800 ? 690 97.600 16 1 
3.080 3.390  ? ? ? 0.021 ? ? 0.220 7.700 ? 695 97.900 17 1 
3.390 3.880  ? ? ? 0.017 ? ? 0.256 7.700 ? 717 98.200 18 1 
3.880 4.880  ? ? ? 0.014 ? ? 0.281 7.500 ? 723 98.900 19 1 
4.880 50.000 ? ? ? 0.016 ? ? 0.362 6.500 ? 798 98.600 20 1 
# 
_refine.entry_id                                 4IIM 
_refine.ls_d_res_high                            1.8000 
_refine.ls_d_res_low                             29.1200 
_refine.pdbx_ls_sigma_F                          0.000 
_refine.pdbx_data_cutoff_high_absF               ? 
_refine.pdbx_data_cutoff_low_absF                ? 
_refine.ls_percent_reflns_obs                    95.4900 
_refine.ls_number_reflns_obs                     13452 
_refine.ls_number_reflns_all                     ? 
_refine.pdbx_ls_cross_valid_method               THROUGHOUT 
_refine.pdbx_R_Free_selection_details            RANDOM 
_refine.details                                  ? 
_refine.ls_R_factor_all                          0.19016 
_refine.ls_R_factor_obs                          0.1902 
_refine.ls_R_factor_R_work                       0.1875 
_refine.ls_wR_factor_R_work                      0.1754 
_refine.ls_R_factor_R_free                       0.2429 
_refine.ls_wR_factor_R_free                      0.2231 
_refine.ls_percent_reflns_R_free                 4.9000 
_refine.ls_number_reflns_R_free                  664 
_refine.ls_R_factor_R_free_error                 ? 
_refine.B_iso_mean                               26.3598 
_refine.solvent_model_param_bsol                 ? 
_refine.solvent_model_param_ksol                 ? 
_refine.pdbx_isotropic_thermal_model             ? 
_refine.aniso_B[1][1]                            -1.2800 
_refine.aniso_B[2][2]                            1.3600 
_refine.aniso_B[3][3]                            -0.0800 
_refine.aniso_B[1][2]                            0.0000 
_refine.aniso_B[1][3]                            0.0000 
_refine.aniso_B[2][3]                            0.0000 
_refine.correlation_coeff_Fo_to_Fc               0.9630 
_refine.correlation_coeff_Fo_to_Fc_free          0.9390 
_refine.overall_SU_R_Cruickshank_DPI             0.1465 
_refine.overall_SU_R_free                        0.1453 
_refine.pdbx_overall_ESU_R                       0.1460 
_refine.pdbx_overall_ESU_R_Free                  0.1450 
_refine.overall_SU_ML                            0.1020 
_refine.overall_SU_B                             3.2530 
_refine.solvent_model_details                    MASK 
_refine.pdbx_solvent_vdw_probe_radii             1.2000 
_refine.pdbx_solvent_ion_probe_radii             0.8000 
_refine.pdbx_solvent_shrinkage_radii             0.8000 
_refine.ls_number_parameters                     ? 
_refine.ls_number_restraints                     ? 
_refine.pdbx_starting_model                      1J3T 
_refine.pdbx_method_to_determine_struct          'MOLECULAR REPLACEMENT' 
_refine.pdbx_stereochemistry_target_values       'MAXIMUM LIKELIHOOD' 
_refine.pdbx_stereochem_target_val_spec_case     ? 
_refine.overall_FOM_work_R_set                   0.8283 
_refine.B_iso_max                                64.260 
_refine.B_iso_min                                12.680 
_refine.pdbx_overall_phase_error                 ? 
_refine.occupancy_max                            1.000 
_refine.occupancy_min                            0.300 
_refine.pdbx_ls_sigma_I                          ? 
_refine.ls_redundancy_reflns_obs                 ? 
_refine.ls_R_factor_R_free_error_details         ? 
_refine.pdbx_data_cutoff_high_rms_absF           ? 
_refine.overall_FOM_free_R_set                   ? 
_refine.pdbx_diffrn_id                           1 
_refine.pdbx_refine_id                           'X-RAY DIFFRACTION' 
_refine.pdbx_TLS_residual_ADP_flag               ? 
_refine.pdbx_overall_SU_R_free_Cruickshank_DPI   ? 
_refine.pdbx_overall_SU_R_Blow_DPI               ? 
_refine.pdbx_overall_SU_R_free_Blow_DPI          ? 
# 
_refine_hist.pdbx_refine_id                   'X-RAY DIFFRACTION' 
_refine_hist.cycle_id                         LAST 
_refine_hist.pdbx_number_atoms_protein        1185 
_refine_hist.pdbx_number_atoms_nucleic_acid   0 
_refine_hist.pdbx_number_atoms_ligand         11 
_refine_hist.number_atoms_solvent             99 
_refine_hist.number_atoms_total               1295 
_refine_hist.d_res_high                       1.8000 
_refine_hist.d_res_low                        29.1200 
# 
loop_
_refine_ls_restr.type 
_refine_ls_restr.number 
_refine_ls_restr.dev_ideal 
_refine_ls_restr.dev_ideal_target 
_refine_ls_restr.weight 
_refine_ls_restr.pdbx_restraint_function 
_refine_ls_restr.pdbx_refine_id 
r_bond_refined_d       1268 0.010  0.020  ? ? 'X-RAY DIFFRACTION' 
r_angle_refined_deg    1733 1.359  1.898  ? ? 'X-RAY DIFFRACTION' 
r_dihedral_angle_1_deg 150  6.558  5.000  ? ? 'X-RAY DIFFRACTION' 
r_dihedral_angle_2_deg 65   38.170 24.923 ? ? 'X-RAY DIFFRACTION' 
r_dihedral_angle_3_deg 208  14.187 15.000 ? ? 'X-RAY DIFFRACTION' 
r_dihedral_angle_4_deg 3    4.982  15.000 ? ? 'X-RAY DIFFRACTION' 
r_chiral_restr         166  0.104  0.200  ? ? 'X-RAY DIFFRACTION' 
r_gen_planes_refined   999  0.007  0.021  ? ? 'X-RAY DIFFRACTION' 
r_mcbond_it            573  1.813  2.444  ? ? 'X-RAY DIFFRACTION' 
r_mcangle_it           711  2.916  3.639  ? ? 'X-RAY DIFFRACTION' 
r_scbond_it            695  2.173  2.586  ? ? 'X-RAY DIFFRACTION' 
# 
_refine_ls_shell.d_res_high                       1.8020 
_refine_ls_shell.d_res_low                        1.8480 
_refine_ls_shell.pdbx_total_number_of_bins_used   20 
_refine_ls_shell.percent_reflns_obs               92.4600 
_refine_ls_shell.number_reflns_R_work             879 
_refine_ls_shell.R_factor_all                     ? 
_refine_ls_shell.R_factor_R_work                  0.2960 
_refine_ls_shell.R_factor_R_free                  0.3600 
_refine_ls_shell.percent_reflns_R_free            ? 
_refine_ls_shell.number_reflns_R_free             53 
_refine_ls_shell.R_factor_R_free_error            ? 
_refine_ls_shell.number_reflns_all                932 
_refine_ls_shell.number_reflns_obs                ? 
_refine_ls_shell.redundancy_reflns_obs            ? 
_refine_ls_shell.pdbx_refine_id                   'X-RAY DIFFRACTION' 
# 
_struct.entry_id                  4IIM 
_struct.title                     'Crystal structure of the Second SH3 Domain of ITSN1 bound with a synthetic peptide' 
_struct.pdbx_model_details        ? 
_struct.pdbx_CASP_flag            ? 
_struct.pdbx_model_type_details   ? 
# 
_struct_keywords.entry_id        4IIM 
_struct_keywords.text            'SH3 Domain, ITSN1, Structural Genomics Consortium, SGC, protein-peptide complex, ENDOCYTOSIS' 
_struct_keywords.pdbx_keywords   ENDOCYTOSIS 
# 
loop_
_struct_asym.id 
_struct_asym.pdbx_blank_PDB_chainid_flag 
_struct_asym.pdbx_modified 
_struct_asym.entity_id 
_struct_asym.details 
A N N 1 ? 
B N N 2 ? 
C N N 1 ? 
D N N 2 ? 
E N N 2 ? 
F N N 3 ? 
G N N 3 ? 
H N N 3 ? 
I N N 3 ? 
J N N 3 ? 
K N N 3 ? 
L N N 3 ? 
M N N 3 ? 
N N N 3 ? 
O N N 3 ? 
P N N 3 ? 
Q N N 4 ? 
R N N 4 ? 
S N N 4 ? 
T N N 4 ? 
U N N 4 ? 
# 
_struct_biol.id        1 
_struct_biol.details   ? 
# 
loop_
_struct_conf.conf_type_id 
_struct_conf.id 
_struct_conf.pdbx_PDB_helix_id 
_struct_conf.beg_label_comp_id 
_struct_conf.beg_label_asym_id 
_struct_conf.beg_label_seq_id 
_struct_conf.pdbx_beg_PDB_ins_code 
_struct_conf.end_label_comp_id 
_struct_conf.end_label_asym_id 
_struct_conf.end_label_seq_id 
_struct_conf.pdbx_end_PDB_ins_code 
_struct_conf.beg_auth_comp_id 
_struct_conf.beg_auth_asym_id 
_struct_conf.beg_auth_seq_id 
_struct_conf.end_auth_comp_id 
_struct_conf.end_auth_asym_id 
_struct_conf.end_auth_seq_id 
_struct_conf.pdbx_PDB_helix_class 
_struct_conf.details 
_struct_conf.pdbx_PDB_helix_length 
HELX_P HELX_P1 1 SER B 4 ? MET B 9 ? SER C 2004 MET C 2009 1 ? 6 
HELX_P HELX_P2 2 SER D 4 ? MET D 9 ? SER D 2004 MET D 2009 1 ? 6 
# 
_struct_conf_type.id          HELX_P 
_struct_conf_type.criteria    ? 
_struct_conf_type.reference   ? 
# 
loop_
_struct_sheet.id 
_struct_sheet.type 
_struct_sheet.number_strands 
_struct_sheet.details 
A ? 5 ? 
B ? 5 ? 
# 
loop_
_struct_sheet_order.sheet_id 
_struct_sheet_order.range_id_1 
_struct_sheet_order.range_id_2 
_struct_sheet_order.offset 
_struct_sheet_order.sense 
A 1 2 ? anti-parallel 
A 2 3 ? anti-parallel 
A 3 4 ? anti-parallel 
A 4 5 ? anti-parallel 
B 1 2 ? anti-parallel 
B 2 3 ? anti-parallel 
B 3 4 ? anti-parallel 
B 4 5 ? anti-parallel 
# 
loop_
_struct_sheet_range.sheet_id 
_struct_sheet_range.id 
_struct_sheet_range.beg_label_comp_id 
_struct_sheet_range.beg_label_asym_id 
_struct_sheet_range.beg_label_seq_id 
_struct_sheet_range.pdbx_beg_PDB_ins_code 
_struct_sheet_range.end_label_comp_id 
_struct_sheet_range.end_label_asym_id 
_struct_sheet_range.end_label_seq_id 
_struct_sheet_range.pdbx_end_PDB_ins_code 
_struct_sheet_range.beg_auth_comp_id 
_struct_sheet_range.beg_auth_asym_id 
_struct_sheet_range.beg_auth_seq_id 
_struct_sheet_range.end_auth_comp_id 
_struct_sheet_range.end_auth_asym_id 
_struct_sheet_range.end_auth_seq_id 
A 1 GLN A 54 ? PRO A 59 ? GLN A 957 PRO A 962 
A 2 TRP A 46 ? VAL A 51 ? TRP A 949 VAL A 954 
A 3 VAL A 36 ? GLN A 42 ? VAL A 939 GLN A 945 
A 4 LEU A 13 ? ALA A 17 ? LEU A 916 ALA A 920 
A 5 VAL A 63 ? ILE A 66 ? VAL A 966 ILE A 969 
B 1 GLN C 54 ? PRO C 59 ? GLN B 957 PRO B 962 
B 2 TRP C 46 ? VAL C 51 ? TRP B 949 VAL B 954 
B 3 VAL C 36 ? GLN C 42 ? VAL B 939 GLN B 945 
B 4 LEU C 13 ? ALA C 17 ? LEU B 916 ALA B 920 
B 5 VAL C 63 ? LEU C 65 ? VAL B 966 LEU B 968 
# 
loop_
_pdbx_struct_sheet_hbond.sheet_id 
_pdbx_struct_sheet_hbond.range_id_1 
_pdbx_struct_sheet_hbond.range_id_2 
_pdbx_struct_sheet_hbond.range_1_label_atom_id 
_pdbx_struct_sheet_hbond.range_1_label_comp_id 
_pdbx_struct_sheet_hbond.range_1_label_asym_id 
_pdbx_struct_sheet_hbond.range_1_label_seq_id 
_pdbx_struct_sheet_hbond.range_1_PDB_ins_code 
_pdbx_struct_sheet_hbond.range_1_auth_atom_id 
_pdbx_struct_sheet_hbond.range_1_auth_comp_id 
_pdbx_struct_sheet_hbond.range_1_auth_asym_id 
_pdbx_struct_sheet_hbond.range_1_auth_seq_id 
_pdbx_struct_sheet_hbond.range_2_label_atom_id 
_pdbx_struct_sheet_hbond.range_2_label_comp_id 
_pdbx_struct_sheet_hbond.range_2_label_asym_id 
_pdbx_struct_sheet_hbond.range_2_label_seq_id 
_pdbx_struct_sheet_hbond.range_2_PDB_ins_code 
_pdbx_struct_sheet_hbond.range_2_auth_atom_id 
_pdbx_struct_sheet_hbond.range_2_auth_comp_id 
_pdbx_struct_sheet_hbond.range_2_auth_asym_id 
_pdbx_struct_sheet_hbond.range_2_auth_seq_id 
A 1 2 O PHE A 58 ? O PHE A 961 N TRP A 47 ? N TRP A 950 
A 2 3 O PHE A 48 ? O PHE A 951 N LEU A 40 ? N LEU A 943 
A 3 4 O VAL A 39 ? O VAL A 942 N LEU A 13 ? N LEU A 916 
A 4 5 N GLN A 16 ? N GLN A 919 O LYS A 64 ? O LYS A 967 
B 1 2 O PHE C 58 ? O PHE B 961 N TRP C 47 ? N TRP B 950 
B 2 3 O PHE C 48 ? O PHE B 951 N LEU C 40 ? N LEU B 943 
B 3 4 O VAL C 39 ? O VAL B 942 N LEU C 13 ? N LEU B 916 
B 4 5 N GLN C 16 ? N GLN B 919 O LYS C 64 ? O LYS B 967 
# 
_atom_sites.entry_id                    4IIM 
_atom_sites.fract_transf_matrix[1][1]   0.00200531 
_atom_sites.fract_transf_matrix[1][2]   -0.00632329 
_atom_sites.fract_transf_matrix[1][3]   -0.02344146 
_atom_sites.fract_transf_matrix[2][1]   0.00651226 
_atom_sites.fract_transf_matrix[2][2]   0.01783557 
_atom_sites.fract_transf_matrix[2][3]   -0.00425402 
_atom_sites.fract_transf_matrix[3][1]   0.01355337 
_atom_sites.fract_transf_matrix[3][2]   -0.00438974 
_atom_sites.fract_transf_matrix[3][3]   0.00234355 
_atom_sites.fract_transf_vector[1]      -0.215206 
_atom_sites.fract_transf_vector[2]      -0.009136 
_atom_sites.fract_transf_vector[3]      -0.167863 
# 
loop_
_atom_type.symbol 
C 
N 
O 
S 
X 
# 
loop_
_atom_site.group_PDB 
_atom_site.id 
_atom_site.type_symbol 
_atom_site.label_atom_id 
_atom_site.label_alt_id 
_atom_site.label_comp_id 
_atom_site.label_asym_id 
_atom_site.label_entity_id 
_atom_site.label_seq_id 
_atom_site.pdbx_PDB_ins_code 
_atom_site.Cartn_x 
_atom_site.Cartn_y 
_atom_site.Cartn_z 
_atom_site.occupancy 
_atom_site.B_iso_or_equiv 
_atom_site.pdbx_formal_charge 
_atom_site.auth_seq_id 
_atom_site.auth_comp_id 
_atom_site.auth_asym_id 
_atom_site.auth_atom_id 
_atom_site.pdbx_PDB_model_num 
ATOM   1    N N   . LEU A 1 12 ? 1.899   -4.905  14.079  1.00 40.01 ? 915  LEU A N   1 
ATOM   2    C CA  . LEU A 1 12 ? 2.990   -4.023  13.553  1.00 40.11 ? 915  LEU A CA  1 
ATOM   3    C C   . LEU A 1 12 ? 3.213   -4.204  12.046  1.00 36.93 ? 915  LEU A C   1 
ATOM   4    O O   . LEU A 1 12 ? 3.669   -5.269  11.600  1.00 37.46 ? 915  LEU A O   1 
ATOM   5    C CB  . LEU A 1 12 ? 4.302   -4.275  14.294  1.00 44.19 ? 915  LEU A CB  1 
ATOM   6    C CG  . LEU A 1 12 ? 5.342   -3.164  14.127  1.00 46.80 ? 915  LEU A CG  1 
ATOM   7    C CD1 . LEU A 1 12 ? 5.062   -2.077  15.162  1.00 47.95 ? 915  LEU A CD1 1 
ATOM   8    C CD2 . LEU A 1 12 ? 6.765   -3.698  14.241  1.00 46.24 ? 915  LEU A CD2 1 
ATOM   9    N N   . LEU A 1 13 ? 2.911   -3.161  11.270  1.00 30.39 ? 916  LEU A N   1 
ATOM   10   C CA  . LEU A 1 13 ? 3.077   -3.219  9.814   1.00 25.02 ? 916  LEU A CA  1 
ATOM   11   C C   . LEU A 1 13 ? 4.388   -2.539  9.449   1.00 23.31 ? 916  LEU A C   1 
ATOM   12   O O   . LEU A 1 13 ? 4.693   -1.469  9.970   1.00 21.01 ? 916  LEU A O   1 
ATOM   13   C CB  . LEU A 1 13 ? 1.897   -2.547  9.109   1.00 26.41 ? 916  LEU A CB  1 
ATOM   14   C CG  . LEU A 1 13 ? 1.864   -2.487  7.578   1.00 27.04 ? 916  LEU A CG  1 
ATOM   15   C CD1 . LEU A 1 13 ? 1.792   -3.869  6.917   1.00 29.37 ? 916  LEU A CD1 1 
ATOM   16   C CD2 . LEU A 1 13 ? 0.725   -1.608  7.080   1.00 27.44 ? 916  LEU A CD2 1 
ATOM   17   N N   . GLN A 1 14 ? 5.179   -3.202  8.609   1.00 22.50 ? 917  GLN A N   1 
ATOM   18   C CA  . GLN A 1 14 ? 6.490   -2.706  8.207   1.00 22.41 ? 917  GLN A CA  1 
ATOM   19   C C   . GLN A 1 14 ? 6.613   -2.526  6.707   1.00 21.72 ? 917  GLN A C   1 
ATOM   20   O O   . GLN A 1 14 ? 6.007   -3.272  5.927   1.00 21.01 ? 917  GLN A O   1 
ATOM   21   C CB  . GLN A 1 14 ? 7.587   -3.638  8.702   1.00 23.91 ? 917  GLN A CB  1 
ATOM   22   C CG  . GLN A 1 14 ? 7.825   -3.484  10.196  1.00 26.36 ? 917  GLN A CG  1 
ATOM   23   C CD  . GLN A 1 14 ? 8.895   -4.429  10.697  1.00 29.10 ? 917  GLN A CD  1 
ATOM   24   O OE1 . GLN A 1 14 ? 8.911   -5.611  10.334  1.00 31.19 ? 917  GLN A OE1 1 
ATOM   25   N NE2 . GLN A 1 14 ? 9.797   -3.918  11.522  1.00 26.75 ? 917  GLN A NE2 1 
ATOM   26   N N   . ALA A 1 15 ? 7.401   -1.524  6.316   1.00 20.18 ? 918  ALA A N   1 
ATOM   27   C CA  . ALA A 1 15 ? 7.700   -1.254  4.932   1.00 19.52 ? 918  ALA A CA  1 
ATOM   28   C C   . ALA A 1 15 ? 9.220   -1.333  4.763   1.00 19.77 ? 918  ALA A C   1 
ATOM   29   O O   . ALA A 1 15 ? 9.962   -1.057  5.702   1.00 20.88 ? 918  ALA A O   1 
ATOM   30   C CB  . ALA A 1 15 ? 7.181   0.141   4.532   1.00 17.99 ? 918  ALA A CB  1 
ATOM   31   N N   . GLN A 1 16 ? 9.668   -1.735  3.573   1.00 20.41 ? 919  GLN A N   1 
ATOM   32   C CA  . GLN A 1 16 ? 11.096  -1.688  3.199   1.00 20.65 ? 919  GLN A CA  1 
ATOM   33   C C   . GLN A 1 16 ? 11.299  -0.732  2.027   1.00 19.45 ? 919  GLN A C   1 
ATOM   34   O O   . GLN A 1 16 ? 10.584  -0.799  1.010   1.00 16.40 ? 919  GLN A O   1 
ATOM   35   C CB  . GLN A 1 16 ? 11.626  -3.061  2.833   1.00 23.37 ? 919  GLN A CB  1 
ATOM   36   C CG  . GLN A 1 16 ? 13.127  -3.090  2.590   1.00 27.50 ? 919  GLN A CG  1 
ATOM   37   C CD  . GLN A 1 16 ? 13.723  -4.433  2.954   1.00 32.47 ? 919  GLN A CD  1 
ATOM   38   O OE1 . GLN A 1 16 ? 13.099  -5.485  2.729   1.00 34.80 ? 919  GLN A OE1 1 
ATOM   39   N NE2 . GLN A 1 16 ? 14.931  -4.413  3.533   1.00 32.37 ? 919  GLN A NE2 1 
ATOM   40   N N   . ALA A 1 17 ? 12.258  0.167   2.186   1.00 17.49 ? 920  ALA A N   1 
ATOM   41   C CA  . ALA A 1 17 ? 12.544  1.198   1.188   1.00 17.78 ? 920  ALA A CA  1 
ATOM   42   C C   . ALA A 1 17 ? 13.098  0.612   -0.105  1.00 18.99 ? 920  ALA A C   1 
ATOM   43   O O   . ALA A 1 17 ? 14.089  -0.125  -0.096  1.00 20.72 ? 920  ALA A O   1 
ATOM   44   C CB  . ALA A 1 17 ? 13.518  2.229   1.751   1.00 18.46 ? 920  ALA A CB  1 
ATOM   45   N N   . LEU A 1 18 ? 12.453  0.961   -1.216  1.00 20.60 ? 921  LEU A N   1 
ATOM   46   C CA  . LEU A 1 18 ? 12.956  0.645   -2.550  1.00 20.33 ? 921  LEU A CA  1 
ATOM   47   C C   . LEU A 1 18 ? 13.913  1.706   -3.049  1.00 22.06 ? 921  LEU A C   1 
ATOM   48   O O   . LEU A 1 18 ? 14.789  1.412   -3.884  1.00 22.15 ? 921  LEU A O   1 
ATOM   49   C CB  . LEU A 1 18 ? 11.791  0.490   -3.528  1.00 20.47 ? 921  LEU A CB  1 
ATOM   50   C CG  . LEU A 1 18 ? 10.894  -0.699  -3.227  1.00 21.60 ? 921  LEU A CG  1 
ATOM   51   C CD1 . LEU A 1 18 ? 9.593   -0.621  -4.037  1.00 22.65 ? 921  LEU A CD1 1 
ATOM   52   C CD2 . LEU A 1 18 ? 11.646  -2.004  -3.484  1.00 22.53 ? 921  LEU A CD2 1 
ATOM   53   N N   . TYR A 1 19 ? 13.736  2.931   -2.552  1.00 20.91 ? 922  TYR A N   1 
ATOM   54   C CA  . TYR A 1 19 ? 14.545  4.092   -2.964  1.00 20.95 ? 922  TYR A CA  1 
ATOM   55   C C   . TYR A 1 19 ? 14.844  4.882   -1.711  1.00 21.76 ? 922  TYR A C   1 
ATOM   56   O O   . TYR A 1 19 ? 14.014  4.890   -0.776  1.00 20.58 ? 922  TYR A O   1 
ATOM   57   C CB  . TYR A 1 19 ? 13.784  4.973   -3.979  1.00 21.13 ? 922  TYR A CB  1 
ATOM   58   C CG  . TYR A 1 19 ? 13.352  4.195   -5.209  1.00 21.98 ? 922  TYR A CG  1 
ATOM   59   C CD1 . TYR A 1 19 ? 12.057  3.693   -5.327  1.00 22.58 ? 922  TYR A CD1 1 
ATOM   60   C CD2 . TYR A 1 19 ? 14.268  3.896   -6.211  1.00 22.88 ? 922  TYR A CD2 1 
ATOM   61   C CE1 . TYR A 1 19 ? 11.681  2.942   -6.439  1.00 22.79 ? 922  TYR A CE1 1 
ATOM   62   C CE2 . TYR A 1 19 ? 13.917  3.152   -7.323  1.00 23.58 ? 922  TYR A CE2 1 
ATOM   63   C CZ  . TYR A 1 19 ? 12.622  2.669   -7.431  1.00 24.42 ? 922  TYR A CZ  1 
ATOM   64   O OH  . TYR A 1 19 ? 12.278  1.936   -8.552  1.00 24.67 ? 922  TYR A OH  1 
ATOM   65   N N   . PRO A 1 20 ? 16.010  5.553   -1.667  1.00 22.60 ? 923  PRO A N   1 
ATOM   66   C CA  . PRO A 1 20 ? 16.191  6.501   -0.579  1.00 21.96 ? 923  PRO A CA  1 
ATOM   67   C C   . PRO A 1 20 ? 15.180  7.641   -0.682  1.00 21.49 ? 923  PRO A C   1 
ATOM   68   O O   . PRO A 1 20 ? 14.722  8.025   -1.779  1.00 20.25 ? 923  PRO A O   1 
ATOM   69   C CB  . PRO A 1 20 ? 17.613  7.046   -0.813  1.00 23.29 ? 923  PRO A CB  1 
ATOM   70   C CG  . PRO A 1 20 ? 17.787  6.958   -2.293  1.00 23.50 ? 923  PRO A CG  1 
ATOM   71   C CD  . PRO A 1 20 ? 17.100  5.660   -2.666  1.00 22.70 ? 923  PRO A CD  1 
ATOM   72   N N   . TRP A 1 21 ? 14.825  8.181   0.469   1.00 21.16 ? 924  TRP A N   1 
ATOM   73   C CA  . TRP A 1 21 ? 13.839  9.252   0.533   1.00 21.06 ? 924  TRP A CA  1 
ATOM   74   C C   . TRP A 1 21 ? 14.337  10.348  1.477   1.00 22.90 ? 924  TRP A C   1 
ATOM   75   O O   . TRP A 1 21 ? 14.819  10.052  2.592   1.00 20.65 ? 924  TRP A O   1 
ATOM   76   C CB  . TRP A 1 21 ? 12.484  8.701   1.025   1.00 20.77 ? 924  TRP A CB  1 
ATOM   77   C CG  . TRP A 1 21 ? 11.503  9.771   1.499   1.00 20.72 ? 924  TRP A CG  1 
ATOM   78   C CD1 . TRP A 1 21 ? 11.224  10.094  2.804   1.00 20.34 ? 924  TRP A CD1 1 
ATOM   79   C CD2 . TRP A 1 21 ? 10.718  10.669  0.689   1.00 19.63 ? 924  TRP A CD2 1 
ATOM   80   N NE1 . TRP A 1 21 ? 10.319  11.120  2.859   1.00 19.28 ? 924  TRP A NE1 1 
ATOM   81   C CE2 . TRP A 1 21 ? 9.990   11.499  1.581   1.00 19.36 ? 924  TRP A CE2 1 
ATOM   82   C CE3 . TRP A 1 21 ? 10.551  10.853  -0.698  1.00 19.15 ? 924  TRP A CE3 1 
ATOM   83   C CZ2 . TRP A 1 21 ? 9.111   12.487  1.137   1.00 19.04 ? 924  TRP A CZ2 1 
ATOM   84   C CZ3 . TRP A 1 21 ? 9.687   11.860  -1.142  1.00 18.80 ? 924  TRP A CZ3 1 
ATOM   85   C CH2 . TRP A 1 21 ? 8.977   12.660  -0.225  1.00 20.43 ? 924  TRP A CH2 1 
ATOM   86   N N   . ARG A 1 22 ? 14.206  11.596  1.032   1.00 23.93 ? 925  ARG A N   1 
ATOM   87   C CA  . ARG A 1 22 ? 14.623  12.750  1.833   1.00 27.69 ? 925  ARG A CA  1 
ATOM   88   C C   . ARG A 1 22 ? 13.419  13.661  2.018   1.00 26.58 ? 925  ARG A C   1 
ATOM   89   O O   . ARG A 1 22 ? 12.709  13.997  1.056   1.00 26.40 ? 925  ARG A O   1 
ATOM   90   C CB  . ARG A 1 22 ? 15.824  13.495  1.209   1.00 30.25 ? 925  ARG A CB  1 
ATOM   91   C CG  . ARG A 1 22 ? 17.114  12.667  1.138   1.00 34.70 ? 925  ARG A CG  1 
ATOM   92   C CD  . ARG A 1 22 ? 17.712  12.386  2.523   1.00 39.59 ? 925  ARG A CD  1 
ATOM   93   N NE  . ARG A 1 22 ? 18.887  11.499  2.460   1.00 45.94 ? 925  ARG A NE  1 
ATOM   94   C CZ  . ARG A 1 22 ? 18.869  10.182  2.687   1.00 47.41 ? 925  ARG A CZ  1 
ATOM   95   N NH1 . ARG A 1 22 ? 17.732  9.564   3.000   1.00 44.45 ? 925  ARG A NH1 1 
ATOM   96   N NH2 . ARG A 1 22 ? 19.996  9.471   2.594   1.00 46.49 ? 925  ARG A NH2 1 
ATOM   97   N N   . ALA A 1 23 ? 13.195  14.030  3.280   1.00 26.84 ? 926  ALA A N   1 
ATOM   98   C CA  . ALA A 1 23 ? 12.051  14.824  3.689   1.00 26.59 ? 926  ALA A CA  1 
ATOM   99   C C   . ALA A 1 23 ? 11.994  16.080  2.843   1.00 28.48 ? 926  ALA A C   1 
ATOM   100  O O   . ALA A 1 23 ? 13.030  16.662  2.526   1.00 28.57 ? 926  ALA A O   1 
ATOM   101  C CB  . ALA A 1 23 ? 12.158  15.183  5.167   1.00 26.95 ? 926  ALA A CB  1 
ATOM   102  N N   . LYS A 1 24 ? 10.792  16.455  2.425   1.00 29.15 ? 927  LYS A N   1 
ATOM   103  C CA  . LYS A 1 24 ? 10.595  17.723  1.756   1.00 29.71 ? 927  LYS A CA  1 
ATOM   104  C C   . LYS A 1 24 ? 9.881   18.739  2.658   1.00 31.56 ? 927  LYS A C   1 
ATOM   105  O O   . LYS A 1 24 ? 9.849   19.940  2.366   1.00 31.48 ? 927  LYS A O   1 
ATOM   106  C CB  . LYS A 1 24 ? 9.858   17.504  0.441   1.00 31.41 ? 927  LYS A CB  1 
ATOM   107  C CG  . LYS A 1 24 ? 10.787  16.915  -0.616  1.00 33.82 ? 927  LYS A CG  1 
ATOM   108  C CD  . LYS A 1 24 ? 10.044  16.227  -1.735  1.00 35.33 ? 927  LYS A CD  1 
ATOM   109  C CE  . LYS A 1 24 ? 11.016  15.424  -2.588  1.00 35.91 ? 927  LYS A CE  1 
ATOM   110  N NZ  . LYS A 1 24 ? 11.835  14.479  -1.770  1.00 36.22 ? 927  LYS A NZ  1 
ATOM   111  N N   . LYS A 1 25 ? 9.308   18.247  3.753   1.00 30.04 ? 928  LYS A N   1 
ATOM   112  C CA  . LYS A 1 25 ? 8.608   19.079  4.748   1.00 27.33 ? 928  LYS A CA  1 
ATOM   113  C C   . LYS A 1 25 ? 9.020   18.605  6.146   1.00 26.06 ? 928  LYS A C   1 
ATOM   114  O O   . LYS A 1 25 ? 9.587   17.506  6.295   1.00 23.83 ? 928  LYS A O   1 
ATOM   115  C CB  . LYS A 1 25 ? 7.086   18.955  4.604   1.00 29.11 ? 928  LYS A CB  1 
ATOM   116  C CG  . LYS A 1 25 ? 6.477   19.466  3.300   1.00 31.60 ? 928  LYS A CG  1 
ATOM   117  C CD  . LYS A 1 25 ? 6.318   20.986  3.284   1.00 33.09 ? 928  LYS A CD  1 
ATOM   118  N N   . ASP A 1 26 ? 8.712   19.426  7.158   1.00 24.44 ? 929  ASP A N   1 
ATOM   119  C CA  A ASP A 1 26 ? 9.054   19.177  8.566   0.70 25.35 ? 929  ASP A CA  1 
ATOM   120  C CA  B ASP A 1 26 ? 9.115   19.138  8.535   0.30 24.37 ? 929  ASP A CA  1 
ATOM   121  C C   . ASP A 1 26 ? 8.447   17.900  9.124   1.00 24.09 ? 929  ASP A C   1 
ATOM   122  O O   . ASP A 1 26 ? 8.908   17.375  10.138  1.00 25.04 ? 929  ASP A O   1 
ATOM   123  C CB  A ASP A 1 26 ? 8.565   20.355  9.438   0.70 26.18 ? 929  ASP A CB  1 
ATOM   124  C CB  B ASP A 1 26 ? 8.938   20.368  9.457   0.30 24.33 ? 929  ASP A CB  1 
ATOM   125  C CG  A ASP A 1 26 ? 9.641   21.404  9.679   0.70 29.17 ? 929  ASP A CG  1 
ATOM   126  C CG  B ASP A 1 26 ? 7.517   20.929  9.460   0.30 24.50 ? 929  ASP A CG  1 
ATOM   127  O OD1 A ASP A 1 26 ? 10.805  21.175  9.287   0.70 29.82 ? 929  ASP A OD1 1 
ATOM   128  O OD1 B ASP A 1 26 ? 6.657   20.462  8.684   0.30 25.25 ? 929  ASP A OD1 1 
ATOM   129  O OD2 A ASP A 1 26 ? 9.321   22.456  10.275  0.70 29.94 ? 929  ASP A OD2 1 
ATOM   130  O OD2 B ASP A 1 26 ? 7.265   21.869  10.248  0.30 24.59 ? 929  ASP A OD2 1 
ATOM   131  N N   . ASN A 1 27 ? 7.382   17.421  8.484   1.00 22.16 ? 930  ASN A N   1 
ATOM   132  C CA  . ASN A 1 27 ? 6.694   16.213  8.956   1.00 21.46 ? 930  ASN A CA  1 
ATOM   133  C C   . ASN A 1 27 ? 6.833   15.010  7.987   1.00 19.60 ? 930  ASN A C   1 
ATOM   134  O O   . ASN A 1 27 ? 5.948   14.162  7.908   1.00 20.54 ? 930  ASN A O   1 
ATOM   135  C CB  . ASN A 1 27 ? 5.230   16.507  9.282   1.00 21.18 ? 930  ASN A CB  1 
ATOM   136  C CG  . ASN A 1 27 ? 4.428   16.913  8.053   1.00 22.06 ? 930  ASN A CG  1 
ATOM   137  O OD1 . ASN A 1 27 ? 5.005   17.310  7.037   1.00 23.69 ? 930  ASN A OD1 1 
ATOM   138  N ND2 . ASN A 1 27 ? 3.105   16.788  8.128   1.00 20.71 ? 930  ASN A ND2 1 
ATOM   139  N N   . HIS A 1 28 ? 7.940   14.966  7.247   1.00 20.03 ? 931  HIS A N   1 
ATOM   140  C CA  . HIS A 1 28 ? 8.308   13.796  6.464   1.00 18.80 ? 931  HIS A CA  1 
ATOM   141  C C   . HIS A 1 28 ? 9.428   13.002  7.150   1.00 20.13 ? 931  HIS A C   1 
ATOM   142  O O   . HIS A 1 28 ? 10.194  13.556  7.955   1.00 20.62 ? 931  HIS A O   1 
ATOM   143  C CB  . HIS A 1 28 ? 8.772   14.218  5.063   1.00 19.76 ? 931  HIS A CB  1 
ATOM   144  C CG  . HIS A 1 28 ? 7.699   14.836  4.210   1.00 18.89 ? 931  HIS A CG  1 
ATOM   145  N ND1 . HIS A 1 28 ? 7.966   15.350  2.958   1.00 20.09 ? 931  HIS A ND1 1 
ATOM   146  C CD2 . HIS A 1 28 ? 6.381   15.047  4.431   1.00 18.47 ? 931  HIS A CD2 1 
ATOM   147  C CE1 . HIS A 1 28 ? 6.854   15.844  2.443   1.00 18.86 ? 931  HIS A CE1 1 
ATOM   148  N NE2 . HIS A 1 28 ? 5.875   15.669  3.315   1.00 18.45 ? 931  HIS A NE2 1 
ATOM   149  N N   . LEU A 1 29 ? 9.535   11.713  6.824   1.00 18.70 ? 932  LEU A N   1 
ATOM   150  C CA  . LEU A 1 29 ? 10.672  10.911  7.263   1.00 19.24 ? 932  LEU A CA  1 
ATOM   151  C C   . LEU A 1 29 ? 11.890  11.115  6.347   1.00 18.58 ? 932  LEU A C   1 
ATOM   152  O O   . LEU A 1 29 ? 11.798  11.794  5.319   1.00 20.12 ? 932  LEU A O   1 
ATOM   153  C CB  . LEU A 1 29 ? 10.328  9.418   7.275   1.00 18.84 ? 932  LEU A CB  1 
ATOM   154  C CG  . LEU A 1 29 ? 9.124   8.978   8.101   1.00 19.23 ? 932  LEU A CG  1 
ATOM   155  C CD1 . LEU A 1 29 ? 9.031   7.471   7.974   1.00 18.87 ? 932  LEU A CD1 1 
ATOM   156  C CD2 . LEU A 1 29 ? 9.279   9.407   9.550   1.00 18.99 ? 932  LEU A CD2 1 
ATOM   157  N N   . ASN A 1 30 ? 13.000  10.507  6.749   1.00 20.14 ? 933  ASN A N   1 
ATOM   158  C CA  . ASN A 1 30 ? 14.177  10.296  5.892   1.00 20.09 ? 933  ASN A CA  1 
ATOM   159  C C   . ASN A 1 30 ? 14.543  8.853   6.072   1.00 20.40 ? 933  ASN A C   1 
ATOM   160  O O   . ASN A 1 30 ? 14.407  8.307   7.183   1.00 20.34 ? 933  ASN A O   1 
ATOM   161  C CB  . ASN A 1 30 ? 15.390  11.122  6.347   1.00 22.08 ? 933  ASN A CB  1 
ATOM   162  C CG  . ASN A 1 30 ? 15.118  12.602  6.337   1.00 23.68 ? 933  ASN A CG  1 
ATOM   163  O OD1 . ASN A 1 30 ? 15.035  13.228  5.270   1.00 22.42 ? 933  ASN A OD1 1 
ATOM   164  N ND2 . ASN A 1 30 ? 14.978  13.185  7.541   1.00 26.58 ? 933  ASN A ND2 1 
ATOM   165  N N   . PHE A 1 31 ? 15.000  8.227   4.987   1.00 19.28 ? 934  PHE A N   1 
ATOM   166  C CA  . PHE A 1 31 ? 15.490  6.851   5.056   1.00 20.02 ? 934  PHE A CA  1 
ATOM   167  C C   . PHE A 1 31 ? 16.327  6.471   3.840   1.00 20.20 ? 934  PHE A C   1 
ATOM   168  O O   . PHE A 1 31 ? 16.286  7.138   2.806   1.00 21.86 ? 934  PHE A O   1 
ATOM   169  C CB  . PHE A 1 31 ? 14.368  5.823   5.270   1.00 18.62 ? 934  PHE A CB  1 
ATOM   170  C CG  . PHE A 1 31 ? 13.189  5.958   4.342   1.00 18.27 ? 934  PHE A CG  1 
ATOM   171  C CD1 . PHE A 1 31 ? 13.213  5.394   3.056   1.00 17.13 ? 934  PHE A CD1 1 
ATOM   172  C CD2 . PHE A 1 31 ? 12.017  6.562   4.784   1.00 17.42 ? 934  PHE A CD2 1 
ATOM   173  C CE1 . PHE A 1 31 ? 12.094  5.470   2.219   1.00 17.24 ? 934  PHE A CE1 1 
ATOM   174  C CE2 . PHE A 1 31 ? 10.902  6.666   3.931   1.00 18.61 ? 934  PHE A CE2 1 
ATOM   175  C CZ  . PHE A 1 31 ? 10.941  6.108   2.660   1.00 16.41 ? 934  PHE A CZ  1 
ATOM   176  N N   . ASN A 1 32 ? 17.083  5.388   3.993   1.00 22.05 ? 935  ASN A N   1 
ATOM   177  C CA  A ASN A 1 32 ? 17.991  4.854   2.972   0.50 21.95 ? 935  ASN A CA  1 
ATOM   178  C CA  B ASN A 1 32 ? 17.921  4.930   2.896   0.50 22.74 ? 935  ASN A CA  1 
ATOM   179  C C   . ASN A 1 32 ? 17.305  3.699   2.257   1.00 23.28 ? 935  ASN A C   1 
ATOM   180  O O   . ASN A 1 32 ? 16.427  3.065   2.836   1.00 21.70 ? 935  ASN A O   1 
ATOM   181  C CB  A ASN A 1 32 ? 19.255  4.281   3.630   0.50 21.28 ? 935  ASN A CB  1 
ATOM   182  C CB  B ASN A 1 32 ? 19.343  4.660   3.380   0.50 23.55 ? 935  ASN A CB  1 
ATOM   183  C CG  A ASN A 1 32 ? 19.892  5.224   4.643   0.50 20.97 ? 935  ASN A CG  1 
ATOM   184  C CG  B ASN A 1 32 ? 20.092  5.939   3.710   0.50 24.13 ? 935  ASN A CG  1 
ATOM   185  O OD1 A ASN A 1 32 ? 20.400  6.287   4.291   0.50 21.68 ? 935  ASN A OD1 1 
ATOM   186  O OD1 B ASN A 1 32 ? 19.640  7.049   3.385   0.50 24.44 ? 935  ASN A OD1 1 
ATOM   187  N ND2 A ASN A 1 32 ? 19.893  4.815   5.910   0.50 20.68 ? 935  ASN A ND2 1 
ATOM   188  N ND2 B ASN A 1 32 ? 21.243  5.796   4.353   0.50 24.49 ? 935  ASN A ND2 1 
ATOM   189  N N   . LYS A 1 33 ? 17.742  3.379   1.034   1.00 24.24 ? 936  LYS A N   1 
ATOM   190  C CA  . LYS A 1 33 ? 17.286  2.143   0.382   1.00 23.54 ? 936  LYS A CA  1 
ATOM   191  C C   . LYS A 1 33 ? 17.472  0.943   1.312   1.00 24.05 ? 936  LYS A C   1 
ATOM   192  O O   . LYS A 1 33 ? 18.510  0.806   1.985   1.00 26.30 ? 936  LYS A O   1 
ATOM   193  C CB  . LYS A 1 33 ? 18.070  1.918   -0.909  1.00 25.01 ? 936  LYS A CB  1 
ATOM   194  C CG  . LYS A 1 33 ? 17.468  0.906   -1.873  1.00 26.46 ? 936  LYS A CG  1 
ATOM   195  C CD  . LYS A 1 33 ? 18.231  0.900   -3.216  1.00 28.35 ? 936  LYS A CD  1 
ATOM   196  C CE  . LYS A 1 33 ? 18.153  2.252   -3.923  1.00 27.43 ? 936  LYS A CE  1 
ATOM   197  N NZ  . LYS A 1 33 ? 18.447  2.250   -5.387  1.00 29.09 ? 936  LYS A NZ  1 
ATOM   198  N N   . ASN A 1 34 ? 16.472  0.073   1.362   1.00 21.34 ? 937  ASN A N   1 
ATOM   199  C CA  . ASN A 1 34 ? 16.493  -1.166  2.155   1.00 22.91 ? 937  ASN A CA  1 
ATOM   200  C C   . ASN A 1 34 ? 16.206  -1.012  3.646   1.00 21.98 ? 937  ASN A C   1 
ATOM   201  O O   . ASN A 1 34 ? 16.062  -2.014  4.356   1.00 22.43 ? 937  ASN A O   1 
ATOM   202  C CB  . ASN A 1 34 ? 17.784  -1.977  1.936   1.00 25.72 ? 937  ASN A CB  1 
ATOM   203  C CG  . ASN A 1 34 ? 18.015  -2.306  0.481   1.00 30.03 ? 937  ASN A CG  1 
ATOM   204  O OD1 . ASN A 1 34 ? 17.152  -2.889  -0.165  1.00 33.79 ? 937  ASN A OD1 1 
ATOM   205  N ND2 . ASN A 1 34 ? 19.170  -1.916  -0.049  1.00 30.39 ? 937  ASN A ND2 1 
ATOM   206  N N   . ASP A 1 35 ? 16.115  0.233   4.111   1.00 20.95 ? 938  ASP A N   1 
ATOM   207  C CA  . ASP A 1 35 ? 15.660  0.516   5.473   1.00 21.52 ? 938  ASP A CA  1 
ATOM   208  C C   . ASP A 1 35 ? 14.248  0.013   5.700   1.00 21.97 ? 938  ASP A C   1 
ATOM   209  O O   . ASP A 1 35 ? 13.402  0.039   4.781   1.00 21.80 ? 938  ASP A O   1 
ATOM   210  C CB  . ASP A 1 35 ? 15.704  2.025   5.776   1.00 20.25 ? 938  ASP A CB  1 
ATOM   211  C CG  . ASP A 1 35 ? 17.077  2.501   6.151   1.00 20.60 ? 938  ASP A CG  1 
ATOM   212  O OD1 . ASP A 1 35 ? 17.963  1.642   6.357   1.00 21.84 ? 938  ASP A OD1 1 
ATOM   213  O OD2 . ASP A 1 35 ? 17.247  3.728   6.258   1.00 19.30 ? 938  ASP A OD2 1 
ATOM   214  N N   . VAL A 1 36 ? 14.005  -0.411  6.936   1.00 20.70 ? 939  VAL A N   1 
ATOM   215  C CA  . VAL A 1 36 ? 12.713  -0.916  7.373   1.00 20.39 ? 939  VAL A CA  1 
ATOM   216  C C   . VAL A 1 36 ? 12.037  0.136   8.254   1.00 20.23 ? 939  VAL A C   1 
ATOM   217  O O   . VAL A 1 36 ? 12.624  0.640   9.220   1.00 21.32 ? 939  VAL A O   1 
ATOM   218  C CB  . VAL A 1 36 ? 12.859  -2.270  8.102   1.00 21.40 ? 939  VAL A CB  1 
ATOM   219  C CG1 . VAL A 1 36 ? 11.546  -2.677  8.747   1.00 22.19 ? 939  VAL A CG1 1 
ATOM   220  C CG2 . VAL A 1 36 ? 13.336  -3.355  7.119   1.00 22.37 ? 939  VAL A CG2 1 
ATOM   221  N N   . ILE A 1 37 ? 10.800  0.469   7.905   1.00 19.64 ? 940  ILE A N   1 
ATOM   222  C CA  . ILE A 1 37 ? 10.067  1.599   8.478   1.00 18.01 ? 940  ILE A CA  1 
ATOM   223  C C   . ILE A 1 37 ? 8.762   1.071   9.090   1.00 17.53 ? 940  ILE A C   1 
ATOM   224  O O   . ILE A 1 37 ? 8.129   0.202   8.505   1.00 18.06 ? 940  ILE A O   1 
ATOM   225  C CB  . ILE A 1 37 ? 9.713   2.585   7.349   1.00 17.94 ? 940  ILE A CB  1 
ATOM   226  C CG1 . ILE A 1 37 ? 10.997  3.101   6.672   1.00 19.88 ? 940  ILE A CG1 1 
ATOM   227  C CG2 . ILE A 1 37 ? 8.806   3.706   7.843   1.00 17.24 ? 940  ILE A CG2 1 
ATOM   228  C CD1 . ILE A 1 37 ? 10.872  3.133   5.168   1.00 18.48 ? 940  ILE A CD1 1 
ATOM   229  N N   . THR A 1 38 ? 8.379   1.563   10.267  1.00 17.66 ? 941  THR A N   1 
ATOM   230  C CA  . THR A 1 38 ? 7.081   1.205   10.850  1.00 18.62 ? 941  THR A CA  1 
ATOM   231  C C   . THR A 1 38 ? 5.980   1.986   10.152  1.00 17.17 ? 941  THR A C   1 
ATOM   232  O O   . THR A 1 38 ? 6.063   3.196   10.070  1.00 16.63 ? 941  THR A O   1 
ATOM   233  C CB  . THR A 1 38 ? 7.020   1.509   12.373  1.00 20.06 ? 941  THR A CB  1 
ATOM   234  O OG1 . THR A 1 38 ? 7.946   0.656   13.053  1.00 23.01 ? 941  THR A OG1 1 
ATOM   235  C CG2 . THR A 1 38 ? 5.602   1.203   12.914  1.00 20.47 ? 941  THR A CG2 1 
ATOM   236  N N   . VAL A 1 39 ? 4.949   1.301   9.665   1.00 16.52 ? 942  VAL A N   1 
ATOM   237  C CA  . VAL A 1 39 ? 3.810   1.995   9.005   1.00 16.23 ? 942  VAL A CA  1 
ATOM   238  C C   . VAL A 1 39 ? 2.703   2.187   10.056  1.00 17.46 ? 942  VAL A C   1 
ATOM   239  O O   . VAL A 1 39 ? 2.289   1.214   10.710  1.00 18.23 ? 942  VAL A O   1 
ATOM   240  C CB  . VAL A 1 39 ? 3.292   1.227   7.751   1.00 16.96 ? 942  VAL A CB  1 
ATOM   241  C CG1 . VAL A 1 39 ? 2.101   1.944   7.110   1.00 16.36 ? 942  VAL A CG1 1 
ATOM   242  C CG2 . VAL A 1 39 ? 4.399   1.082   6.722   1.00 17.04 ? 942  VAL A CG2 1 
ATOM   243  N N   . LEU A 1 40 ? 2.258   3.434   10.232  1.00 18.08 ? 943  LEU A N   1 
ATOM   244  C CA  . LEU A 1 40 ? 1.236   3.783   11.219  1.00 18.00 ? 943  LEU A CA  1 
ATOM   245  C C   . LEU A 1 40 ? -0.123  4.141   10.630  1.00 18.83 ? 943  LEU A C   1 
ATOM   246  O O   . LEU A 1 40 ? -1.151  3.851   11.242  1.00 19.15 ? 943  LEU A O   1 
ATOM   247  C CB  . LEU A 1 40 ? 1.704   4.916   12.124  1.00 19.31 ? 943  LEU A CB  1 
ATOM   248  C CG  . LEU A 1 40 ? 2.955   4.608   12.941  1.00 20.33 ? 943  LEU A CG  1 
ATOM   249  C CD1 . LEU A 1 40 ? 3.425   5.925   13.538  1.00 21.72 ? 943  LEU A CD1 1 
ATOM   250  C CD2 . LEU A 1 40 ? 2.691   3.505   13.993  1.00 22.67 ? 943  LEU A CD2 1 
ATOM   251  N N   . GLU A 1 41 ? -0.134  4.801   9.475   1.00 18.93 ? 944  GLU A N   1 
ATOM   252  C CA  . GLU A 1 41 ? -1.399  5.207   8.831   1.00 18.99 ? 944  GLU A CA  1 
ATOM   253  C C   . GLU A 1 41 ? -1.142  5.488   7.357   1.00 19.96 ? 944  GLU A C   1 
ATOM   254  O O   . GLU A 1 41 ? -0.018  5.282   6.865   1.00 18.32 ? 944  GLU A O   1 
ATOM   255  C CB  . GLU A 1 41 ? -1.988  6.456   9.529   1.00 18.91 ? 944  GLU A CB  1 
ATOM   256  C CG  . GLU A 1 41 ? -3.212  6.208   10.424  1.00 20.63 ? 944  GLU A CG  1 
ATOM   257  C CD  . GLU A 1 41 ? -4.498  5.943   9.636   1.00 22.16 ? 944  GLU A CD  1 
ATOM   258  O OE1 . GLU A 1 41 ? -5.557  5.680   10.270  1.00 22.65 ? 944  GLU A OE1 1 
ATOM   259  O OE2 . GLU A 1 41 ? -4.478  5.980   8.385   1.00 19.01 ? 944  GLU A OE2 1 
ATOM   260  N N   . GLN A 1 42 ? -2.171  5.964   6.650   1.00 20.79 ? 945  GLN A N   1 
ATOM   261  C CA  A GLN A 1 42 ? -2.061  6.240   5.211   0.50 21.66 ? 945  GLN A CA  1 
ATOM   262  C CA  B GLN A 1 42 ? -2.051  6.257   5.214   0.50 21.45 ? 945  GLN A CA  1 
ATOM   263  C C   . GLN A 1 42 ? -3.068  7.282   4.746   1.00 22.64 ? 945  GLN A C   1 
ATOM   264  O O   . GLN A 1 42 ? -4.074  7.537   5.430   1.00 22.12 ? 945  GLN A O   1 
ATOM   265  C CB  A GLN A 1 42 ? -2.332  4.966   4.421   0.50 22.05 ? 945  GLN A CB  1 
ATOM   266  C CB  B GLN A 1 42 ? -2.171  4.979   4.356   0.50 21.45 ? 945  GLN A CB  1 
ATOM   267  C CG  A GLN A 1 42 ? -3.704  4.383   4.737   0.50 23.51 ? 945  GLN A CG  1 
ATOM   268  C CG  B GLN A 1 42 ? -3.450  4.153   4.526   0.50 22.64 ? 945  GLN A CG  1 
ATOM   269  C CD  A GLN A 1 42 ? -4.180  3.388   3.717   0.50 23.05 ? 945  GLN A CD  1 
ATOM   270  C CD  B GLN A 1 42 ? -4.536  4.510   3.529   0.50 21.70 ? 945  GLN A CD  1 
ATOM   271  O OE1 A GLN A 1 42 ? -3.568  3.198   2.674   0.50 21.70 ? 945  GLN A OE1 1 
ATOM   272  O OE1 B GLN A 1 42 ? -4.296  4.574   2.329   0.50 21.55 ? 945  GLN A OE1 1 
ATOM   273  N NE2 A GLN A 1 42 ? -5.301  2.745   4.019   0.50 25.21 ? 945  GLN A NE2 1 
ATOM   274  N NE2 B GLN A 1 42 ? -5.749  4.728   4.025   0.50 22.61 ? 945  GLN A NE2 1 
ATOM   275  N N   . GLN A 1 43 ? -2.791  7.856   3.577   1.00 22.95 ? 946  GLN A N   1 
ATOM   276  C CA  . GLN A 1 43 ? -3.748  8.622   2.780   1.00 26.62 ? 946  GLN A CA  1 
ATOM   277  C C   . GLN A 1 43 ? -3.595  8.033   1.389   1.00 27.69 ? 946  GLN A C   1 
ATOM   278  O O   . GLN A 1 43 ? -2.835  7.070   1.213   1.00 27.56 ? 946  GLN A O   1 
ATOM   279  C CB  . GLN A 1 43 ? -3.375  10.088  2.722   1.00 31.29 ? 946  GLN A CB  1 
ATOM   280  C CG  . GLN A 1 43 ? -3.832  10.877  3.919   1.00 35.89 ? 946  GLN A CG  1 
ATOM   281  C CD  . GLN A 1 43 ? -3.688  12.373  3.712   1.00 39.33 ? 946  GLN A CD  1 
ATOM   282  O OE1 . GLN A 1 43 ? -3.304  12.833  2.632   1.00 41.51 ? 946  GLN A OE1 1 
ATOM   283  N NE2 . GLN A 1 43 ? -4.002  13.144  4.754   1.00 41.67 ? 946  GLN A NE2 1 
ATOM   284  N N   . ASP A 1 44 ? -4.262  8.610   0.396   1.00 27.24 ? 947  ASP A N   1 
ATOM   285  C CA  . ASP A 1 44 ? -4.256  8.032   -0.945  1.00 28.74 ? 947  ASP A CA  1 
ATOM   286  C C   . ASP A 1 44 ? -2.866  7.596   -1.389  1.00 26.39 ? 947  ASP A C   1 
ATOM   287  O O   . ASP A 1 44 ? -2.620  6.399   -1.577  1.00 29.82 ? 947  ASP A O   1 
ATOM   288  C CB  . ASP A 1 44 ? -4.891  8.976   -1.981  1.00 32.50 ? 947  ASP A CB  1 
ATOM   289  C CG  . ASP A 1 44 ? -5.027  8.321   -3.382  1.00 37.59 ? 947  ASP A CG  1 
ATOM   290  O OD1 . ASP A 1 44 ? -5.267  7.084   -3.486  1.00 41.38 ? 947  ASP A OD1 1 
ATOM   291  O OD2 . ASP A 1 44 ? -4.900  9.062   -4.381  1.00 41.58 ? 947  ASP A OD2 1 
ATOM   292  N N   . MET A 1 45 ? -1.960  8.549   -1.549  1.00 21.72 ? 948  MET A N   1 
ATOM   293  C CA  . MET A 1 45 ? -0.670  8.211   -2.126  1.00 19.12 ? 948  MET A CA  1 
ATOM   294  C C   . MET A 1 45 ? 0.479   8.155   -1.130  1.00 17.20 ? 948  MET A C   1 
ATOM   295  O O   . MET A 1 45 ? 1.633   7.968   -1.545  1.00 15.88 ? 948  MET A O   1 
ATOM   296  C CB  . MET A 1 45 ? -0.309  9.185   -3.252  1.00 19.68 ? 948  MET A CB  1 
ATOM   297  C CG  . MET A 1 45 ? -1.163  9.019   -4.513  1.00 21.09 ? 948  MET A CG  1 
ATOM   298  S SD  . MET A 1 45 ? -0.843  10.372  -5.669  1.00 25.89 ? 948  MET A SD  1 
ATOM   299  C CE  . MET A 1 45 ? -1.623  11.730  -4.822  1.00 24.75 ? 948  MET A CE  1 
ATOM   300  N N   . TRP A 1 46 ? 0.181   8.325   0.164   1.00 16.35 ? 949  TRP A N   1 
ATOM   301  C CA  . TRP A 1 46 ? 1.269   8.437   1.145   1.00 15.55 ? 949  TRP A CA  1 
ATOM   302  C C   . TRP A 1 46 ? 1.068   7.519   2.335   1.00 15.19 ? 949  TRP A C   1 
ATOM   303  O O   . TRP A 1 46 ? -0.079  7.287   2.745   1.00 16.55 ? 949  TRP A O   1 
ATOM   304  C CB  . TRP A 1 46 ? 1.348   9.859   1.694   1.00 16.06 ? 949  TRP A CB  1 
ATOM   305  C CG  . TRP A 1 46 ? 1.737   10.950  0.767   1.00 16.16 ? 949  TRP A CG  1 
ATOM   306  C CD1 . TRP A 1 46 ? 0.948   11.533  -0.169  1.00 17.60 ? 949  TRP A CD1 1 
ATOM   307  C CD2 . TRP A 1 46 ? 2.981   11.675  0.761   1.00 17.03 ? 949  TRP A CD2 1 
ATOM   308  N NE1 . TRP A 1 46 ? 1.634   12.554  -0.789  1.00 17.81 ? 949  TRP A NE1 1 
ATOM   309  C CE2 . TRP A 1 46 ? 2.884   12.662  -0.242  1.00 17.17 ? 949  TRP A CE2 1 
ATOM   310  C CE3 . TRP A 1 46 ? 4.160   11.578  1.499   1.00 16.94 ? 949  TRP A CE3 1 
ATOM   311  C CZ2 . TRP A 1 46 ? 3.930   13.566  -0.523  1.00 17.38 ? 949  TRP A CZ2 1 
ATOM   312  C CZ3 . TRP A 1 46 ? 5.226   12.459  1.206   1.00 18.46 ? 949  TRP A CZ3 1 
ATOM   313  C CH2 . TRP A 1 46 ? 5.100   13.437  0.199   1.00 17.79 ? 949  TRP A CH2 1 
ATOM   314  N N   . TRP A 1 47 ? 2.182   7.043   2.908   1.00 15.23 ? 950  TRP A N   1 
ATOM   315  C CA  . TRP A 1 47 ? 2.182   6.424   4.236   1.00 15.58 ? 950  TRP A CA  1 
ATOM   316  C C   . TRP A 1 47 ? 2.597   7.419   5.311   1.00 16.43 ? 950  TRP A C   1 
ATOM   317  O O   . TRP A 1 47 ? 3.379   8.338   5.065   1.00 15.87 ? 950  TRP A O   1 
ATOM   318  C CB  . TRP A 1 47 ? 3.182   5.272   4.291   1.00 14.91 ? 950  TRP A CB  1 
ATOM   319  C CG  . TRP A 1 47 ? 2.971   4.120   3.380   1.00 16.10 ? 950  TRP A CG  1 
ATOM   320  C CD1 . TRP A 1 47 ? 3.828   3.679   2.391   1.00 15.58 ? 950  TRP A CD1 1 
ATOM   321  C CD2 . TRP A 1 47 ? 1.894   3.170   3.421   1.00 16.84 ? 950  TRP A CD2 1 
ATOM   322  N NE1 . TRP A 1 47 ? 3.340   2.535   1.813   1.00 15.67 ? 950  TRP A NE1 1 
ATOM   323  C CE2 . TRP A 1 47 ? 2.141   2.216   2.397   1.00 16.50 ? 950  TRP A CE2 1 
ATOM   324  C CE3 . TRP A 1 47 ? 0.739   3.048   4.200   1.00 17.37 ? 950  TRP A CE3 1 
ATOM   325  C CZ2 . TRP A 1 47 ? 1.272   1.131   2.145   1.00 16.76 ? 950  TRP A CZ2 1 
ATOM   326  C CZ3 . TRP A 1 47 ? -0.143  1.963   3.939   1.00 17.40 ? 950  TRP A CZ3 1 
ATOM   327  C CH2 . TRP A 1 47 ? 0.124   1.040   2.916   1.00 17.52 ? 950  TRP A CH2 1 
ATOM   328  N N   . PHE A 1 48 ? 2.076   7.206   6.508   1.00 16.75 ? 951  PHE A N   1 
ATOM   329  C CA  . PHE A 1 48 ? 2.578   7.872   7.696   1.00 16.40 ? 951  PHE A CA  1 
ATOM   330  C C   . PHE A 1 48 ? 3.247   6.773   8.498   1.00 16.22 ? 951  PHE A C   1 
ATOM   331  O O   . PHE A 1 48 ? 2.706   5.670   8.638   1.00 18.12 ? 951  PHE A O   1 
ATOM   332  C CB  . PHE A 1 48 ? 1.429   8.503   8.506   1.00 15.73 ? 951  PHE A CB  1 
ATOM   333  C CG  . PHE A 1 48 ? 1.894   9.302   9.675   1.00 16.70 ? 951  PHE A CG  1 
ATOM   334  C CD1 . PHE A 1 48 ? 2.450   10.584  9.486   1.00 16.34 ? 951  PHE A CD1 1 
ATOM   335  C CD2 . PHE A 1 48 ? 1.787   8.800   10.970  1.00 16.34 ? 951  PHE A CD2 1 
ATOM   336  C CE1 . PHE A 1 48 ? 2.892   11.344  10.571  1.00 18.46 ? 951  PHE A CE1 1 
ATOM   337  C CE2 . PHE A 1 48 ? 2.227   9.554   12.057  1.00 17.33 ? 951  PHE A CE2 1 
ATOM   338  C CZ  . PHE A 1 48 ? 2.768   10.823  11.861  1.00 17.09 ? 951  PHE A CZ  1 
ATOM   339  N N   . GLY A 1 49 ? 4.425   7.064   9.016   1.00 16.45 ? 952  GLY A N   1 
ATOM   340  C CA  . GLY A 1 49 ? 5.194   6.038   9.713   1.00 16.46 ? 952  GLY A CA  1 
ATOM   341  C C   . GLY A 1 49 ? 6.300   6.565   10.613  1.00 16.64 ? 952  GLY A C   1 
ATOM   342  O O   . GLY A 1 49 ? 6.320   7.729   10.948  1.00 18.48 ? 952  GLY A O   1 
ATOM   343  N N   . GLU A 1 50 ? 7.216   5.677   10.991  1.00 17.14 ? 953  GLU A N   1 
ATOM   344  C CA  . GLU A 1 50 ? 8.253   6.004   11.962  1.00 18.01 ? 953  GLU A CA  1 
ATOM   345  C C   . GLU A 1 50 ? 9.566   5.306   11.613  1.00 18.59 ? 953  GLU A C   1 
ATOM   346  O O   . GLU A 1 50 ? 9.582   4.084   11.388  1.00 18.40 ? 953  GLU A O   1 
ATOM   347  C CB  . GLU A 1 50 ? 7.815   5.579   13.366  1.00 21.88 ? 953  GLU A CB  1 
ATOM   348  C CG  . GLU A 1 50 ? 8.897   5.835   14.433  1.00 27.86 ? 953  GLU A CG  1 
ATOM   349  C CD  . GLU A 1 50 ? 8.416   5.684   15.866  1.00 35.00 ? 953  GLU A CD  1 
ATOM   350  O OE1 . GLU A 1 50 ? 7.267   5.241   16.093  1.00 37.66 ? 953  GLU A OE1 1 
ATOM   351  O OE2 . GLU A 1 50 ? 9.210   6.027   16.771  1.00 43.03 ? 953  GLU A OE2 1 
ATOM   352  N N   . VAL A 1 51 ? 10.664  6.080   11.580  1.00 17.39 ? 954  VAL A N   1 
ATOM   353  C CA  . VAL A 1 51 ? 12.008  5.546   11.345  1.00 18.76 ? 954  VAL A CA  1 
ATOM   354  C C   . VAL A 1 51 ? 12.970  6.620   11.854  1.00 20.24 ? 954  VAL A C   1 
ATOM   355  O O   . VAL A 1 51 ? 12.629  7.816   11.827  1.00 20.40 ? 954  VAL A O   1 
ATOM   356  C CB  . VAL A 1 51 ? 12.251  5.187   9.843   1.00 19.08 ? 954  VAL A CB  1 
ATOM   357  C CG1 . VAL A 1 51 ? 12.532  6.419   9.000   1.00 18.68 ? 954  VAL A CG1 1 
ATOM   358  C CG2 . VAL A 1 51 ? 13.368  4.129   9.697   1.00 19.63 ? 954  VAL A CG2 1 
ATOM   359  N N   . GLN A 1 52 ? 14.140  6.199   12.326  1.00 22.28 ? 955  GLN A N   1 
ATOM   360  C CA  . GLN A 1 52 ? 15.165  7.121   12.867  1.00 24.62 ? 955  GLN A CA  1 
ATOM   361  C C   . GLN A 1 52 ? 14.631  7.964   14.015  1.00 24.34 ? 955  GLN A C   1 
ATOM   362  O O   . GLN A 1 52 ? 15.018  9.122   14.149  1.00 27.02 ? 955  GLN A O   1 
ATOM   363  C CB  . GLN A 1 52 ? 15.747  8.025   11.744  1.00 25.09 ? 955  GLN A CB  1 
ATOM   364  C CG  . GLN A 1 52 ? 16.651  7.260   10.770  1.00 27.01 ? 955  GLN A CG  1 
ATOM   365  C CD  . GLN A 1 52 ? 17.225  8.104   9.634   1.00 29.91 ? 955  GLN A CD  1 
ATOM   366  O OE1 . GLN A 1 52 ? 17.253  9.340   9.689   1.00 28.09 ? 955  GLN A OE1 1 
ATOM   367  N NE2 . GLN A 1 52 ? 17.706  7.427   8.593   1.00 30.56 ? 955  GLN A NE2 1 
ATOM   368  N N   . GLY A 1 53 ? 13.730  7.394   14.817  1.00 24.09 ? 956  GLY A N   1 
ATOM   369  C CA  . GLY A 1 53 ? 13.080  8.106   15.934  1.00 26.76 ? 956  GLY A CA  1 
ATOM   370  C C   . GLY A 1 53 ? 12.299  9.379   15.589  1.00 27.85 ? 956  GLY A C   1 
ATOM   371  O O   . GLY A 1 53 ? 12.279  10.362  16.364  1.00 29.12 ? 956  GLY A O   1 
ATOM   372  N N   . GLN A 1 54 ? 11.681  9.396   14.416  1.00 23.72 ? 957  GLN A N   1 
ATOM   373  C CA  . GLN A 1 54 ? 10.809  10.488  14.006  1.00 22.57 ? 957  GLN A CA  1 
ATOM   374  C C   . GLN A 1 54 ? 9.582   9.816   13.418  1.00 20.30 ? 957  GLN A C   1 
ATOM   375  O O   . GLN A 1 54 ? 9.727   8.739   12.853  1.00 17.82 ? 957  GLN A O   1 
ATOM   376  C CB  . GLN A 1 54 ? 11.442  11.297  12.876  1.00 26.96 ? 957  GLN A CB  1 
ATOM   377  C CG  . GLN A 1 54 ? 12.211  12.540  13.261  1.00 33.63 ? 957  GLN A CG  1 
ATOM   378  C CD  . GLN A 1 54 ? 12.308  13.531  12.095  1.00 35.84 ? 957  GLN A CD  1 
ATOM   379  O OE1 . GLN A 1 54 ? 12.176  14.731  12.294  1.00 39.15 ? 957  GLN A OE1 1 
ATOM   380  N NE2 . GLN A 1 54 ? 12.515  13.026  10.863  1.00 37.37 ? 957  GLN A NE2 1 
ATOM   381  N N   . LYS A 1 55 ? 8.417   10.459  13.526  1.00 18.68 ? 958  LYS A N   1 
ATOM   382  C CA  . LYS A 1 55 ? 7.208   10.046  12.801  1.00 19.22 ? 958  LYS A CA  1 
ATOM   383  C C   . LYS A 1 55 ? 6.984   11.037  11.671  1.00 17.94 ? 958  LYS A C   1 
ATOM   384  O O   . LYS A 1 55 ? 7.295   12.220  11.806  1.00 18.04 ? 958  LYS A O   1 
ATOM   385  C CB  . LYS A 1 55 ? 5.974   9.997   13.702  1.00 18.75 ? 958  LYS A CB  1 
ATOM   386  C CG  . LYS A 1 55 ? 6.096   9.045   14.885  1.00 22.44 ? 958  LYS A CG  1 
ATOM   387  C CD  . LYS A 1 55 ? 4.738   8.808   15.549  1.00 24.39 ? 958  LYS A CD  1 
ATOM   388  C CE  . LYS A 1 55 ? 4.806   8.399   17.012  1.00 25.76 ? 958  LYS A CE  1 
ATOM   389  N NZ  . LYS A 1 55 ? 6.081   7.818   17.503  1.00 27.01 ? 958  LYS A NZ  1 
ATOM   390  N N   . GLY A 1 56 ? 6.411   10.582  10.561  1.00 17.55 ? 959  GLY A N   1 
ATOM   391  C CA  . GLY A 1 56 ? 6.282   11.457  9.417   1.00 15.85 ? 959  GLY A CA  1 
ATOM   392  C C   . GLY A 1 56 ? 5.771   10.739  8.195   1.00 16.75 ? 959  GLY A C   1 
ATOM   393  O O   . GLY A 1 56 ? 5.603   9.509   8.215   1.00 14.94 ? 959  GLY A O   1 
ATOM   394  N N   . TRP A 1 57 ? 5.551   11.521  7.134   1.00 15.53 ? 960  TRP A N   1 
ATOM   395  C CA  . TRP A 1 57 ? 4.961   11.032  5.882   1.00 16.10 ? 960  TRP A CA  1 
ATOM   396  C C   . TRP A 1 57 ? 6.052   10.618  4.888   1.00 15.26 ? 960  TRP A C   1 
ATOM   397  O O   . TRP A 1 57 ? 7.182   11.112  4.937   1.00 16.24 ? 960  TRP A O   1 
ATOM   398  C CB  . TRP A 1 57 ? 4.057   12.129  5.285   1.00 15.24 ? 960  TRP A CB  1 
ATOM   399  C CG  . TRP A 1 57 ? 2.817   12.410  6.135   1.00 16.33 ? 960  TRP A CG  1 
ATOM   400  C CD1 . TRP A 1 57 ? 2.676   13.389  7.111   1.00 16.53 ? 960  TRP A CD1 1 
ATOM   401  C CD2 . TRP A 1 57 ? 1.581   11.709  6.097   1.00 16.25 ? 960  TRP A CD2 1 
ATOM   402  N NE1 . TRP A 1 57 ? 1.407   13.328  7.663   1.00 17.10 ? 960  TRP A NE1 1 
ATOM   403  C CE2 . TRP A 1 57 ? 0.712   12.319  7.056   1.00 16.56 ? 960  TRP A CE2 1 
ATOM   404  C CE3 . TRP A 1 57 ? 1.093   10.640  5.330   1.00 15.90 ? 960  TRP A CE3 1 
ATOM   405  C CZ2 . TRP A 1 57 ? -0.598  11.879  7.264   1.00 17.02 ? 960  TRP A CZ2 1 
ATOM   406  C CZ3 . TRP A 1 57 ? -0.209  10.201  5.549   1.00 16.95 ? 960  TRP A CZ3 1 
ATOM   407  C CH2 . TRP A 1 57 ? -1.035  10.809  6.515   1.00 17.80 ? 960  TRP A CH2 1 
ATOM   408  N N   . PHE A 1 58 ? 5.705   9.716   3.965   1.00 15.18 ? 961  PHE A N   1 
ATOM   409  C CA  . PHE A 1 58 ? 6.583   9.363   2.843   1.00 14.66 ? 961  PHE A CA  1 
ATOM   410  C C   . PHE A 1 58 ? 5.698   8.710   1.776   1.00 14.88 ? 961  PHE A C   1 
ATOM   411  O O   . PHE A 1 58 ? 4.654   8.124   2.129   1.00 14.95 ? 961  PHE A O   1 
ATOM   412  C CB  . PHE A 1 58 ? 7.731   8.417   3.278   1.00 14.45 ? 961  PHE A CB  1 
ATOM   413  C CG  . PHE A 1 58 ? 7.273   7.144   3.946   1.00 14.57 ? 961  PHE A CG  1 
ATOM   414  C CD1 . PHE A 1 58 ? 7.198   5.948   3.224   1.00 14.36 ? 961  PHE A CD1 1 
ATOM   415  C CD2 . PHE A 1 58 ? 6.921   7.120   5.315   1.00 14.57 ? 961  PHE A CD2 1 
ATOM   416  C CE1 . PHE A 1 58 ? 6.811   4.751   3.855   1.00 13.71 ? 961  PHE A CE1 1 
ATOM   417  C CE2 . PHE A 1 58 ? 6.497   5.934   5.933   1.00 15.36 ? 961  PHE A CE2 1 
ATOM   418  C CZ  . PHE A 1 58 ? 6.440   4.747   5.203   1.00 15.15 ? 961  PHE A CZ  1 
ATOM   419  N N   . PRO A 1 59 ? 6.075   8.829   0.484   1.00 14.52 ? 962  PRO A N   1 
ATOM   420  C CA  . PRO A 1 59 ? 5.106   8.356   -0.514  1.00 14.53 ? 962  PRO A CA  1 
ATOM   421  C C   . PRO A 1 59 ? 5.108   6.847   -0.632  1.00 14.61 ? 962  PRO A C   1 
ATOM   422  O O   . PRO A 1 59 ? 6.139   6.187   -0.378  1.00 14.35 ? 962  PRO A O   1 
ATOM   423  C CB  . PRO A 1 59 ? 5.603   8.988   -1.821  1.00 15.53 ? 962  PRO A CB  1 
ATOM   424  C CG  . PRO A 1 59 ? 6.542   10.098  -1.394  1.00 14.91 ? 962  PRO A CG  1 
ATOM   425  C CD  . PRO A 1 59 ? 7.190   9.552   -0.154  1.00 15.26 ? 962  PRO A CD  1 
ATOM   426  N N   . LYS A 1 60 ? 3.960   6.299   -1.040  1.00 15.19 ? 963  LYS A N   1 
ATOM   427  C CA  . LYS A 1 60 ? 3.792   4.842   -1.159  1.00 16.09 ? 963  LYS A CA  1 
ATOM   428  C C   . LYS A 1 60 ? 4.707   4.243   -2.241  1.00 15.94 ? 963  LYS A C   1 
ATOM   429  O O   . LYS A 1 60 ? 5.109   3.100   -2.136  1.00 16.24 ? 963  LYS A O   1 
ATOM   430  C CB  . LYS A 1 60 ? 2.317   4.511   -1.438  1.00 15.02 ? 963  LYS A CB  1 
ATOM   431  C CG  . LYS A 1 60 ? 1.415   4.655   -0.193  1.00 15.71 ? 963  LYS A CG  1 
ATOM   432  C CD  . LYS A 1 60 ? -0.048  4.449   -0.568  1.00 16.34 ? 963  LYS A CD  1 
ATOM   433  C CE  . LYS A 1 60 ? -0.951  4.483   0.666   1.00 16.84 ? 963  LYS A CE  1 
ATOM   434  N NZ  . LYS A 1 60 ? -2.388  4.179   0.363   1.00 16.35 ? 963  LYS A NZ  1 
ATOM   435  N N   . SER A 1 61 ? 4.995   5.024   -3.277  1.00 17.51 ? 964  SER A N   1 
ATOM   436  C CA  . SER A 1 61 ? 5.933   4.627   -4.335  1.00 17.68 ? 964  SER A CA  1 
ATOM   437  C C   . SER A 1 61 ? 7.356   4.286   -3.883  1.00 17.39 ? 964  SER A C   1 
ATOM   438  O O   . SER A 1 61 ? 8.090   3.598   -4.613  1.00 18.26 ? 964  SER A O   1 
ATOM   439  C CB  . SER A 1 61 ? 5.986   5.738   -5.383  1.00 19.97 ? 964  SER A CB  1 
ATOM   440  O OG  . SER A 1 61 ? 6.440   6.948   -4.794  1.00 20.05 ? 964  SER A OG  1 
ATOM   441  N N   . TYR A 1 62 ? 7.760   4.750   -2.689  1.00 15.96 ? 965  TYR A N   1 
ATOM   442  C CA  . TYR A 1 62 ? 9.140   4.549   -2.200  1.00 15.89 ? 965  TYR A CA  1 
ATOM   443  C C   . TYR A 1 62 ? 9.390   3.255   -1.470  1.00 15.73 ? 965  TYR A C   1 
ATOM   444  O O   . TYR A 1 62 ? 10.548  2.951   -1.151  1.00 16.72 ? 965  TYR A O   1 
ATOM   445  C CB  . TYR A 1 62 ? 9.587   5.714   -1.286  1.00 15.50 ? 965  TYR A CB  1 
ATOM   446  C CG  . TYR A 1 62 ? 10.002  6.908   -2.138  1.00 16.66 ? 965  TYR A CG  1 
ATOM   447  C CD1 . TYR A 1 62 ? 9.028   7.705   -2.735  1.00 17.09 ? 965  TYR A CD1 1 
ATOM   448  C CD2 . TYR A 1 62 ? 11.350  7.205   -2.367  1.00 16.70 ? 965  TYR A CD2 1 
ATOM   449  C CE1 . TYR A 1 62 ? 9.365   8.783   -3.539  1.00 18.96 ? 965  TYR A CE1 1 
ATOM   450  C CE2 . TYR A 1 62 ? 11.711  8.304   -3.171  1.00 18.37 ? 965  TYR A CE2 1 
ATOM   451  C CZ  . TYR A 1 62 ? 10.708  9.073   -3.750  1.00 18.73 ? 965  TYR A CZ  1 
ATOM   452  O OH  . TYR A 1 62 ? 11.010  10.156  -4.554  1.00 21.92 ? 965  TYR A OH  1 
ATOM   453  N N   . VAL A 1 63 ? 8.305   2.516   -1.186  1.00 15.27 ? 966  VAL A N   1 
ATOM   454  C CA  . VAL A 1 63 ? 8.416   1.307   -0.396  1.00 15.04 ? 966  VAL A CA  1 
ATOM   455  C C   . VAL A 1 63 ? 7.582   0.136   -0.910  1.00 16.72 ? 966  VAL A C   1 
ATOM   456  O O   . VAL A 1 63 ? 6.612   0.311   -1.658  1.00 14.69 ? 966  VAL A O   1 
ATOM   457  C CB  . VAL A 1 63 ? 8.091   1.537   1.101   1.00 15.33 ? 966  VAL A CB  1 
ATOM   458  C CG1 . VAL A 1 63 ? 8.944   2.686   1.665   1.00 15.60 ? 966  VAL A CG1 1 
ATOM   459  C CG2 . VAL A 1 63 ? 6.583   1.783   1.348   1.00 13.88 ? 966  VAL A CG2 1 
ATOM   460  N N   . LYS A 1 64 ? 7.968   -1.056  -0.448  1.00 17.67 ? 967  LYS A N   1 
ATOM   461  C CA  . LYS A 1 64 ? 7.059   -2.196  -0.461  1.00 20.34 ? 967  LYS A CA  1 
ATOM   462  C C   . LYS A 1 64 ? 6.710   -2.532  0.976   1.00 20.55 ? 967  LYS A C   1 
ATOM   463  O O   . LYS A 1 64 ? 7.458   -2.198  1.894   1.00 19.83 ? 967  LYS A O   1 
ATOM   464  C CB  . LYS A 1 64 ? 7.712   -3.402  -1.149  1.00 21.99 ? 967  LYS A CB  1 
ATOM   465  C CG  . LYS A 1 64 ? 9.007   -3.897  -0.502  1.00 25.40 ? 967  LYS A CG  1 
ATOM   466  C CD  . LYS A 1 64 ? 9.500   -5.136  -1.244  1.00 28.70 ? 967  LYS A CD  1 
ATOM   467  C CE  . LYS A 1 64 ? 10.500  -5.917  -0.409  1.00 32.24 ? 967  LYS A CE  1 
ATOM   468  N NZ  . LYS A 1 64 ? 10.931  -7.154  -1.133  1.00 33.65 ? 967  LYS A NZ  1 
ATOM   469  N N   . LEU A 1 65 ? 5.579   -3.189  1.194   1.00 19.99 ? 968  LEU A N   1 
ATOM   470  C CA  . LEU A 1 65 ? 5.321   -3.701  2.530   1.00 20.48 ? 968  LEU A CA  1 
ATOM   471  C C   . LEU A 1 65 ? 5.982   -5.068  2.678   1.00 21.33 ? 968  LEU A C   1 
ATOM   472  O O   . LEU A 1 65 ? 6.147   -5.802  1.704   1.00 21.13 ? 968  LEU A O   1 
ATOM   473  C CB  . LEU A 1 65 ? 3.824   -3.791  2.810   1.00 20.34 ? 968  LEU A CB  1 
ATOM   474  C CG  . LEU A 1 65 ? 3.030   -2.487  2.722   1.00 20.02 ? 968  LEU A CG  1 
ATOM   475  C CD1 . LEU A 1 65 ? 1.564   -2.791  2.957   1.00 20.26 ? 968  LEU A CD1 1 
ATOM   476  C CD2 . LEU A 1 65 ? 3.549   -1.513  3.782   1.00 19.32 ? 968  LEU A CD2 1 
ATOM   477  N N   . ILE A 1 66 ? 6.369   -5.411  3.892   1.00 22.87 ? 969  ILE A N   1 
ATOM   478  C CA  . ILE A 1 66 ? 7.037   -6.696  4.116   1.00 25.00 ? 969  ILE A CA  1 
ATOM   479  C C   . ILE A 1 66 ? 6.315   -7.487  5.202   1.00 27.69 ? 969  ILE A C   1 
ATOM   480  O O   . ILE A 1 66 ? 5.518   -6.916  5.940   1.00 26.37 ? 969  ILE A O   1 
ATOM   481  C CB  . ILE A 1 66 ? 8.537   -6.522  4.412   1.00 25.26 ? 969  ILE A CB  1 
ATOM   482  C CG1 . ILE A 1 66 ? 8.759   -5.606  5.618   1.00 25.76 ? 969  ILE A CG1 1 
ATOM   483  C CG2 . ILE A 1 66 ? 9.236   -5.929  3.193   1.00 25.46 ? 969  ILE A CG2 1 
ATOM   484  C CD1 . ILE A 1 66 ? 10.178  -5.643  6.148   1.00 28.73 ? 969  ILE A CD1 1 
ATOM   485  N N   . SER A 1 67 ? 6.556   -8.797  5.285   1.00 33.24 ? 970  SER A N   1 
ATOM   486  C CA  . SER A 1 67 ? 5.965   -9.574  6.394   1.00 42.79 ? 970  SER A CA  1 
ATOM   487  C C   . SER A 1 67 ? 6.902   -10.516 7.200   1.00 49.75 ? 970  SER A C   1 
ATOM   488  O O   . SER A 1 67 ? 7.759   -10.045 7.955   1.00 54.53 ? 970  SER A O   1 
ATOM   489  C CB  . SER A 1 67 ? 4.697   -10.306 5.949   1.00 43.59 ? 970  SER A CB  1 
ATOM   490  O OG  . SER A 1 67 ? 4.087   -10.896 7.088   1.00 46.21 ? 970  SER A OG  1 
ATOM   491  N N   . ALA A 1 68 ? 6.705   -11.831 7.067   1.00 58.04 ? 971  ALA A N   1 
ATOM   492  C CA  . ALA A 1 68 ? 7.469   -12.845 7.822   1.00 60.39 ? 971  ALA A CA  1 
ATOM   493  C C   . ALA A 1 68 ? 7.967   -13.994 6.933   1.00 62.30 ? 971  ALA A C   1 
ATOM   494  O O   . ALA A 1 68 ? 7.232   -14.529 6.095   1.00 61.68 ? 971  ALA A O   1 
ATOM   495  C CB  . ALA A 1 68 ? 6.647   -13.386 8.993   1.00 60.53 ? 971  ALA A CB  1 
ATOM   496  N N   . TRP B 2 1  ? 0.138   10.295  18.773  1.00 29.18 ? 2001 TRP C N   1 
ATOM   497  C CA  . TRP B 2 1  ? 0.432   10.913  17.477  1.00 25.63 ? 2001 TRP C CA  1 
ATOM   498  C C   . TRP B 2 1  ? -0.799  11.264  16.629  1.00 24.74 ? 2001 TRP C C   1 
ATOM   499  O O   . TRP B 2 1  ? -0.690  12.099  15.728  1.00 23.29 ? 2001 TRP C O   1 
ATOM   500  C CB  . TRP B 2 1  ? 1.408   10.046  16.655  1.00 24.51 ? 2001 TRP C CB  1 
ATOM   501  C CG  . TRP B 2 1  ? 0.952   8.652   16.390  1.00 23.18 ? 2001 TRP C CG  1 
ATOM   502  C CD1 . TRP B 2 1  ? 1.266   7.542   17.111  1.00 23.72 ? 2001 TRP C CD1 1 
ATOM   503  C CD2 . TRP B 2 1  ? 0.100   8.212   15.327  1.00 22.27 ? 2001 TRP C CD2 1 
ATOM   504  N NE1 . TRP B 2 1  ? 0.671   6.432   16.565  1.00 22.92 ? 2001 TRP C NE1 1 
ATOM   505  C CE2 . TRP B 2 1  ? -0.056  6.810   15.472  1.00 22.42 ? 2001 TRP C CE2 1 
ATOM   506  C CE3 . TRP B 2 1  ? -0.556  8.860   14.278  1.00 20.70 ? 2001 TRP C CE3 1 
ATOM   507  C CZ2 . TRP B 2 1  ? -0.820  6.048   14.595  1.00 21.66 ? 2001 TRP C CZ2 1 
ATOM   508  C CZ3 . TRP B 2 1  ? -1.307  8.090   13.395  1.00 20.94 ? 2001 TRP C CZ3 1 
ATOM   509  C CH2 . TRP B 2 1  ? -1.441  6.705   13.570  1.00 21.03 ? 2001 TRP C CH2 1 
ATOM   510  N N   . ARG B 2 2  ? -1.950  10.646  16.912  1.00 24.85 ? 2002 ARG C N   1 
ATOM   511  C CA  . ARG B 2 2  ? -3.150  10.831  16.088  1.00 25.31 ? 2002 ARG C CA  1 
ATOM   512  C C   . ARG B 2 2  ? -3.732  12.235  16.144  1.00 26.01 ? 2002 ARG C C   1 
ATOM   513  O O   . ARG B 2 2  ? -4.469  12.637  15.258  1.00 25.35 ? 2002 ARG C O   1 
ATOM   514  C CB  . ARG B 2 2  ? -4.219  9.799   16.397  1.00 29.06 ? 2002 ARG C CB  1 
ATOM   515  C CG  . ARG B 2 2  ? -3.988  8.492   15.661  1.00 29.87 ? 2002 ARG C CG  1 
ATOM   516  C CD  . ARG B 2 2  ? -5.205  7.601   15.744  1.00 33.73 ? 2002 ARG C CD  1 
ATOM   517  N NE  . ARG B 2 2  ? -4.912  6.254   15.254  1.00 37.75 ? 2002 ARG C NE  1 
ATOM   518  C CZ  . ARG B 2 2  ? -5.014  5.871   13.980  1.00 38.98 ? 2002 ARG C CZ  1 
ATOM   519  N NH1 . ARG B 2 2  ? -5.394  6.728   13.033  1.00 39.28 ? 2002 ARG C NH1 1 
ATOM   520  N NH2 . ARG B 2 2  ? -4.716  4.623   13.651  1.00 41.12 ? 2002 ARG C NH2 1 
ATOM   521  N N   . ASP B 2 3  ? -3.401  12.982  17.194  1.00 26.56 ? 2003 ASP C N   1 
ATOM   522  C CA  . ASP B 2 3  ? -3.809  14.392  17.256  1.00 25.30 ? 2003 ASP C CA  1 
ATOM   523  C C   . ASP B 2 3  ? -2.633  15.342  17.071  1.00 23.81 ? 2003 ASP C C   1 
ATOM   524  O O   . ASP B 2 3  ? -2.785  16.545  17.244  1.00 22.42 ? 2003 ASP C O   1 
ATOM   525  C CB  . ASP B 2 3  ? -4.612  14.698  18.532  1.00 27.83 ? 2003 ASP C CB  1 
ATOM   526  C CG  . ASP B 2 3  ? -3.834  14.448  19.804  1.00 29.38 ? 2003 ASP C CG  1 
ATOM   527  O OD1 . ASP B 2 3  ? -2.653  14.040  19.753  1.00 29.72 ? 2003 ASP C OD1 1 
ATOM   528  O OD2 . ASP B 2 3  ? -4.419  14.686  20.877  1.00 32.83 ? 2003 ASP C OD2 1 
ATOM   529  N N   . SER B 2 4  ? -1.477  14.794  16.667  1.00 23.42 ? 2004 SER C N   1 
ATOM   530  C CA  . SER B 2 4  ? -0.258  15.589  16.457  1.00 21.42 ? 2004 SER C CA  1 
ATOM   531  C C   . SER B 2 4  ? -0.372  16.386  15.170  1.00 21.44 ? 2004 SER C C   1 
ATOM   532  O O   . SER B 2 4  ? -1.039  15.958  14.218  1.00 19.73 ? 2004 SER C O   1 
ATOM   533  C CB  . SER B 2 4  ? 1.014   14.710  16.430  1.00 21.80 ? 2004 SER C CB  1 
ATOM   534  O OG  . SER B 2 4  ? 1.091   13.932  15.221  1.00 20.24 ? 2004 SER C OG  1 
ATOM   535  N N   . SER B 2 5  ? 0.264   17.555  15.141  1.00 20.83 ? 2005 SER C N   1 
ATOM   536  C CA  A SER B 2 5  ? 0.247   18.401  13.940  0.60 21.72 ? 2005 SER C CA  1 
ATOM   537  C CA  B SER B 2 5  ? 0.266   18.407  13.944  0.40 20.71 ? 2005 SER C CA  1 
ATOM   538  C C   . SER B 2 5  ? 0.878   17.689  12.740  1.00 20.39 ? 2005 SER C C   1 
ATOM   539  O O   . SER B 2 5  ? 0.352   17.762  11.628  1.00 20.93 ? 2005 SER C O   1 
ATOM   540  C CB  A SER B 2 5  ? 0.996   19.704  14.194  0.60 23.97 ? 2005 SER C CB  1 
ATOM   541  C CB  B SER B 2 5  ? 1.066   19.674  14.211  0.40 21.15 ? 2005 SER C CB  1 
ATOM   542  O OG  A SER B 2 5  ? 0.728   20.634  13.164  0.60 27.27 ? 2005 SER C OG  1 
ATOM   543  O OG  B SER B 2 5  ? 2.371   19.342  14.641  0.40 20.69 ? 2005 SER C OG  1 
ATOM   544  N N   . GLY B 2 6  ? 1.995   17.005  12.975  1.00 20.64 ? 2006 GLY C N   1 
ATOM   545  C CA  . GLY B 2 6  ? 2.706   16.254  11.906  1.00 20.09 ? 2006 GLY C CA  1 
ATOM   546  C C   . GLY B 2 6  ? 1.803   15.281  11.179  1.00 19.45 ? 2006 GLY C C   1 
ATOM   547  O O   . GLY B 2 6  ? 1.901   15.099  9.949   1.00 19.74 ? 2006 GLY C O   1 
ATOM   548  N N   . TYR B 2 7  ? 0.939   14.625  11.938  1.00 19.27 ? 2007 TYR C N   1 
ATOM   549  C CA  . TYR B 2 7  ? -0.016  13.686  11.354  1.00 19.96 ? 2007 TYR C CA  1 
ATOM   550  C C   . TYR B 2 7  ? -1.212  14.406  10.715  1.00 21.02 ? 2007 TYR C C   1 
ATOM   551  O O   . TYR B 2 7  ? -1.447  14.289  9.503   1.00 20.79 ? 2007 TYR C O   1 
ATOM   552  C CB  . TYR B 2 7  ? -0.502  12.676  12.387  1.00 19.14 ? 2007 TYR C CB  1 
ATOM   553  C CG  . TYR B 2 7  ? -1.566  11.766  11.827  1.00 19.69 ? 2007 TYR C CG  1 
ATOM   554  C CD1 . TYR B 2 7  ? -1.303  10.953  10.707  1.00 19.48 ? 2007 TYR C CD1 1 
ATOM   555  C CD2 . TYR B 2 7  ? -2.852  11.756  12.370  1.00 20.72 ? 2007 TYR C CD2 1 
ATOM   556  C CE1 . TYR B 2 7  ? -2.302  10.132  10.174  1.00 19.67 ? 2007 TYR C CE1 1 
ATOM   557  C CE2 . TYR B 2 7  ? -3.852  10.954  11.842  1.00 20.93 ? 2007 TYR C CE2 1 
ATOM   558  C CZ  . TYR B 2 7  ? -3.564  10.132  10.758  1.00 20.93 ? 2007 TYR C CZ  1 
ATOM   559  O OH  . TYR B 2 7  ? -4.559  9.345   10.239  1.00 21.91 ? 2007 TYR C OH  1 
ATOM   560  N N   . VAL B 2 8  ? -1.946  15.183  11.513  1.00 20.85 ? 2008 VAL C N   1 
ATOM   561  C CA  A VAL B 2 8  ? -3.207  15.800  11.077  0.60 21.80 ? 2008 VAL C CA  1 
ATOM   562  C CA  B VAL B 2 8  ? -3.206  15.744  11.021  0.40 21.93 ? 2008 VAL C CA  1 
ATOM   563  C C   . VAL B 2 8  ? -3.045  16.740  9.872   1.00 23.02 ? 2008 VAL C C   1 
ATOM   564  O O   . VAL B 2 8  ? -3.955  16.880  9.046   1.00 26.60 ? 2008 VAL C O   1 
ATOM   565  C CB  A VAL B 2 8  ? -3.939  16.481  12.272  0.60 21.18 ? 2008 VAL C CB  1 
ATOM   566  C CB  B VAL B 2 8  ? -4.112  16.296  12.150  0.40 21.58 ? 2008 VAL C CB  1 
ATOM   567  C CG1 A VAL B 2 8  ? -5.249  17.141  11.833  0.60 21.17 ? 2008 VAL C CG1 1 
ATOM   568  C CG1 B VAL B 2 8  ? -4.503  15.180  13.110  0.40 21.12 ? 2008 VAL C CG1 1 
ATOM   569  C CG2 A VAL B 2 8  ? -4.227  15.443  13.348  0.60 21.32 ? 2008 VAL C CG2 1 
ATOM   570  C CG2 B VAL B 2 8  ? -3.453  17.452  12.873  0.40 20.93 ? 2008 VAL C CG2 1 
ATOM   571  N N   . MET B 2 9  ? -1.892  17.382  9.779   1.00 22.86 ? 2009 MET C N   1 
ATOM   572  C CA  . MET B 2 9  ? -1.650  18.340  8.683   1.00 28.38 ? 2009 MET C CA  1 
ATOM   573  C C   . MET B 2 9  ? -1.436  17.678  7.321   1.00 26.48 ? 2009 MET C C   1 
ATOM   574  O O   . MET B 2 9  ? -1.481  18.352  6.285   1.00 25.58 ? 2009 MET C O   1 
ATOM   575  C CB  . MET B 2 9  ? -0.487  19.266  9.006   1.00 31.39 ? 2009 MET C CB  1 
ATOM   576  C CG  . MET B 2 9  ? -0.799  20.260  10.123  1.00 39.97 ? 2009 MET C CG  1 
ATOM   577  S SD  . MET B 2 9  ? -2.101  21.480  9.782   1.00 53.65 ? 2009 MET C SD  1 
ATOM   578  C CE  . MET B 2 9  ? -3.652  20.615  10.068  1.00 38.99 ? 2009 MET C CE  1 
ATOM   579  N N   . GLY B 2 10 ? -1.215  16.364  7.325   1.00 24.75 ? 2010 GLY C N   1 
ATOM   580  C CA  . GLY B 2 10 ? -0.988  15.617  6.061   1.00 23.31 ? 2010 GLY C CA  1 
ATOM   581  C C   . GLY B 2 10 ? 0.365   15.890  5.398   1.00 22.16 ? 2010 GLY C C   1 
ATOM   582  O O   . GLY B 2 10 ? 1.185   16.678  5.894   1.00 22.17 ? 2010 GLY C O   1 
ATOM   583  N N   . PRO B 2 11 ? 0.613   15.240  4.253   1.00 20.32 ? 2011 PRO C N   1 
ATOM   584  C CA  . PRO B 2 11 ? 1.952   15.205  3.635   1.00 21.53 ? 2011 PRO C CA  1 
ATOM   585  C C   . PRO B 2 11 ? 2.348   16.397  2.788   1.00 22.42 ? 2011 PRO C C   1 
ATOM   586  O O   . PRO B 2 11 ? 3.537   16.606  2.559   1.00 24.30 ? 2011 PRO C O   1 
ATOM   587  C CB  . PRO B 2 11 ? 1.894   13.958  2.745   1.00 20.29 ? 2011 PRO C CB  1 
ATOM   588  C CG  . PRO B 2 11 ? 0.429   13.734  2.479   1.00 19.69 ? 2011 PRO C CG  1 
ATOM   589  C CD  . PRO B 2 11 ? -0.310  14.235  3.695   1.00 20.68 ? 2011 PRO C CD  1 
ATOM   590  N N   . TRP B 2 12 ? 1.356   17.131  2.292   1.00 26.42 ? 2012 TRP C N   1 
ATOM   591  C CA  . TRP B 2 12 ? 1.579   18.230  1.343   1.00 30.05 ? 2012 TRP C CA  1 
ATOM   592  C C   . TRP B 2 12 ? 1.822   19.525  2.110   1.00 33.63 ? 2012 TRP C C   1 
ATOM   593  O O   . TRP B 2 12 ? 1.195   19.781  3.138   1.00 34.52 ? 2012 TRP C O   1 
ATOM   594  C CB  . TRP B 2 12 ? 0.366   18.380  0.416   1.00 27.22 ? 2012 TRP C CB  1 
ATOM   595  C CG  . TRP B 2 12 ? 0.011   17.150  -0.405  1.00 26.90 ? 2012 TRP C CG  1 
ATOM   596  C CD1 . TRP B 2 12 ? -1.109  16.366  -0.274  1.00 25.23 ? 2012 TRP C CD1 1 
ATOM   597  C CD2 . TRP B 2 12 ? 0.775   16.578  -1.490  1.00 27.02 ? 2012 TRP C CD2 1 
ATOM   598  N NE1 . TRP B 2 12 ? -1.080  15.346  -1.200  1.00 27.00 ? 2012 TRP C NE1 1 
ATOM   599  C CE2 . TRP B 2 12 ? 0.060   15.450  -1.956  1.00 26.76 ? 2012 TRP C CE2 1 
ATOM   600  C CE3 . TRP B 2 12 ? 1.999   16.908  -2.102  1.00 27.88 ? 2012 TRP C CE3 1 
ATOM   601  C CZ2 . TRP B 2 12 ? 0.517   14.656  -3.026  1.00 27.28 ? 2012 TRP C CZ2 1 
ATOM   602  C CZ3 . TRP B 2 12 ? 2.458   16.113  -3.161  1.00 27.24 ? 2012 TRP C CZ3 1 
ATOM   603  C CH2 . TRP B 2 12 ? 1.708   14.995  -3.607  1.00 26.16 ? 2012 TRP C CH2 1 
ATOM   604  O OXT . TRP B 2 12 ? 2.651   20.343  1.726   1.00 38.61 ? 2012 TRP C OXT 1 
ATOM   605  N N   . LEU C 1 12 ? -6.234  -1.032  5.607   1.00 49.45 ? 915  LEU B N   1 
ATOM   606  C CA  . LEU C 1 12 ? -5.365  -1.556  6.707   1.00 44.57 ? 915  LEU B CA  1 
ATOM   607  C C   . LEU C 1 12 ? -5.291  -3.090  6.729   1.00 39.47 ? 915  LEU B C   1 
ATOM   608  O O   . LEU C 1 12 ? -4.497  -3.646  7.481   1.00 43.76 ? 915  LEU B O   1 
ATOM   609  C CB  . LEU C 1 12 ? -5.815  -1.004  8.069   1.00 41.46 ? 915  LEU B CB  1 
ATOM   610  N N   . LEU C 1 13 ? -6.120  -3.770  5.931   1.00 35.98 ? 916  LEU B N   1 
ATOM   611  C CA  . LEU C 1 13 ? -6.045  -5.235  5.793   1.00 30.94 ? 916  LEU B CA  1 
ATOM   612  C C   . LEU C 1 13 ? -4.922  -5.630  4.818   1.00 28.84 ? 916  LEU B C   1 
ATOM   613  O O   . LEU C 1 13 ? -4.850  -5.094  3.708   1.00 24.52 ? 916  LEU B O   1 
ATOM   614  C CB  . LEU C 1 13 ? -7.389  -5.832  5.355   1.00 34.33 ? 916  LEU B CB  1 
ATOM   615  C CG  . LEU C 1 13 ? -7.482  -7.346  5.087   1.00 35.81 ? 916  LEU B CG  1 
ATOM   616  C CD1 . LEU C 1 13 ? -7.057  -8.176  6.293   1.00 39.92 ? 916  LEU B CD1 1 
ATOM   617  C CD2 . LEU C 1 13 ? -8.885  -7.761  4.633   1.00 36.95 ? 916  LEU B CD2 1 
ATOM   618  N N   . GLN C 1 14 ? -4.048  -6.548  5.242   1.00 24.71 ? 917  GLN B N   1 
ATOM   619  C CA  . GLN C 1 14 ? -2.893  -6.940  4.438   1.00 24.87 ? 917  GLN B CA  1 
ATOM   620  C C   . GLN C 1 14 ? -2.984  -8.402  4.043   1.00 22.73 ? 917  GLN B C   1 
ATOM   621  O O   . GLN C 1 14 ? -3.438  -9.234  4.826   1.00 22.49 ? 917  GLN B O   1 
ATOM   622  C CB  . GLN C 1 14 ? -1.574  -6.700  5.200   1.00 27.49 ? 917  GLN B CB  1 
ATOM   623  C CG  . GLN C 1 14 ? -1.433  -5.306  5.805   1.00 31.74 ? 917  GLN B CG  1 
ATOM   624  C CD  . GLN C 1 14 ? -1.440  -4.178  4.768   1.00 32.77 ? 917  GLN B CD  1 
ATOM   625  O OE1 . GLN C 1 14 ? -1.815  -3.037  5.079   1.00 36.93 ? 917  GLN B OE1 1 
ATOM   626  N NE2 . GLN C 1 14 ? -1.044  -4.489  3.537   1.00 31.55 ? 917  GLN B NE2 1 
ATOM   627  N N   . ALA C 1 15 ? -2.548  -8.706  2.825   1.00 21.54 ? 918  ALA B N   1 
ATOM   628  C CA  . ALA C 1 15 ? -2.539  -10.072 2.331   1.00 20.16 ? 918  ALA B CA  1 
ATOM   629  C C   . ALA C 1 15 ? -1.174  -10.371 1.747   1.00 22.05 ? 918  ALA B C   1 
ATOM   630  O O   . ALA C 1 15 ? -0.446  -9.467  1.321   1.00 20.27 ? 918  ALA B O   1 
ATOM   631  C CB  . ALA C 1 15 ? -3.624  -10.270 1.287   1.00 19.51 ? 918  ALA B CB  1 
ATOM   632  N N   . GLN C 1 16 ? -0.794  -11.639 1.779   1.00 23.58 ? 919  GLN B N   1 
ATOM   633  C CA  . GLN C 1 16 ? 0.511   -12.048 1.249   1.00 26.27 ? 919  GLN B CA  1 
ATOM   634  C C   . GLN C 1 16 ? 0.293   -12.964 0.066   1.00 25.63 ? 919  GLN B C   1 
ATOM   635  O O   . GLN C 1 16 ? -0.481  -13.909 0.160   1.00 25.17 ? 919  GLN B O   1 
ATOM   636  C CB  . GLN C 1 16 ? 1.338   -12.772 2.311   1.00 27.52 ? 919  GLN B CB  1 
ATOM   637  C CG  . GLN C 1 16 ? 2.787   -12.963 1.875   1.00 31.32 ? 919  GLN B CG  1 
ATOM   638  C CD  . GLN C 1 16 ? 3.723   -13.268 3.028   1.00 35.09 ? 919  GLN B CD  1 
ATOM   639  O OE1 . GLN C 1 16 ? 3.395   -14.044 3.928   1.00 37.26 ? 919  GLN B OE1 1 
ATOM   640  N NE2 . GLN C 1 16 ? 4.910   -12.665 2.994   1.00 36.76 ? 919  GLN B NE2 1 
ATOM   641  N N   . ALA C 1 17 ? 0.991   -12.704 -1.028  1.00 25.51 ? 920  ALA B N   1 
ATOM   642  C CA  . ALA C 1 17 ? 0.851   -13.540 -2.212  1.00 29.65 ? 920  ALA B CA  1 
ATOM   643  C C   . ALA C 1 17 ? 1.424   -14.947 -1.990  1.00 31.17 ? 920  ALA B C   1 
ATOM   644  O O   . ALA C 1 17 ? 2.539   -15.092 -1.487  1.00 30.04 ? 920  ALA B O   1 
ATOM   645  C CB  . ALA C 1 17 ? 1.490   -12.873 -3.411  1.00 28.38 ? 920  ALA B CB  1 
ATOM   646  N N   . LEU C 1 18 ? 0.630   -15.962 -2.339  1.00 32.87 ? 921  LEU B N   1 
ATOM   647  C CA  . LEU C 1 18 ? 1.019   -17.378 -2.233  1.00 35.65 ? 921  LEU B CA  1 
ATOM   648  C C   . LEU C 1 18 ? 1.717   -17.909 -3.477  1.00 37.22 ? 921  LEU B C   1 
ATOM   649  O O   . LEU C 1 18 ? 2.508   -18.848 -3.385  1.00 41.13 ? 921  LEU B O   1 
ATOM   650  C CB  . LEU C 1 18 ? -0.207  -18.253 -1.959  1.00 35.45 ? 921  LEU B CB  1 
ATOM   651  C CG  . LEU C 1 18 ? -0.966  -18.086 -0.646  1.00 36.76 ? 921  LEU B CG  1 
ATOM   652  C CD1 . LEU C 1 18 ? -2.294  -18.820 -0.758  1.00 36.69 ? 921  LEU B CD1 1 
ATOM   653  C CD2 . LEU C 1 18 ? -0.156  -18.595 0.542   1.00 38.18 ? 921  LEU B CD2 1 
ATOM   654  N N   . TYR C 1 19 ? 1.381   -17.341 -4.631  1.00 38.07 ? 922  TYR B N   1 
ATOM   655  C CA  . TYR C 1 19 ? 1.950   -17.705 -5.932  1.00 40.93 ? 922  TYR B CA  1 
ATOM   656  C C   . TYR C 1 19 ? 2.009   -16.387 -6.676  1.00 38.89 ? 922  TYR B C   1 
ATOM   657  O O   . TYR C 1 19 ? 1.277   -15.461 -6.312  1.00 38.89 ? 922  TYR B O   1 
ATOM   658  C CB  . TYR C 1 19 ? 1.041   -18.686 -6.717  1.00 45.86 ? 922  TYR B CB  1 
ATOM   659  C CG  . TYR C 1 19 ? 0.066   -19.474 -5.873  1.00 51.65 ? 922  TYR B CG  1 
ATOM   660  C CD1 . TYR C 1 19 ? -1.234  -19.015 -5.668  1.00 53.07 ? 922  TYR B CD1 1 
ATOM   661  C CD2 . TYR C 1 19 ? 0.449   -20.667 -5.255  1.00 53.97 ? 922  TYR B CD2 1 
ATOM   662  C CE1 . TYR C 1 19 ? -2.127  -19.721 -4.872  1.00 58.34 ? 922  TYR B CE1 1 
ATOM   663  C CE2 . TYR C 1 19 ? -0.435  -21.379 -4.457  1.00 56.86 ? 922  TYR B CE2 1 
ATOM   664  C CZ  . TYR C 1 19 ? -1.721  -20.903 -4.269  1.00 59.26 ? 922  TYR B CZ  1 
ATOM   665  O OH  . TYR C 1 19 ? -2.601  -21.602 -3.478  1.00 61.57 ? 922  TYR B OH  1 
ATOM   666  N N   . PRO C 1 20 ? 2.859   -16.282 -7.721  1.00 38.52 ? 923  PRO B N   1 
ATOM   667  C CA  . PRO C 1 20 ? 2.862   -15.034 -8.504  1.00 36.39 ? 923  PRO B CA  1 
ATOM   668  C C   . PRO C 1 20 ? 1.602   -14.849 -9.350  1.00 37.38 ? 923  PRO B C   1 
ATOM   669  O O   . PRO C 1 20 ? 0.937   -15.825 -9.716  1.00 33.65 ? 923  PRO B O   1 
ATOM   670  C CB  . PRO C 1 20 ? 4.099   -15.173 -9.411  1.00 37.62 ? 923  PRO B CB  1 
ATOM   671  C CG  . PRO C 1 20 ? 4.395   -16.637 -9.458  1.00 37.60 ? 923  PRO B CG  1 
ATOM   672  C CD  . PRO C 1 20 ? 3.932   -17.210 -8.146  1.00 37.90 ? 923  PRO B CD  1 
ATOM   673  N N   . TRP C 1 21 ? 1.270   -13.597 -9.634  1.00 36.66 ? 924  TRP B N   1 
ATOM   674  C CA  . TRP C 1 21 ? 0.156   -13.280 -10.504 1.00 37.49 ? 924  TRP B CA  1 
ATOM   675  C C   . TRP C 1 21 ? 0.616   -12.218 -11.470 1.00 35.57 ? 924  TRP B C   1 
ATOM   676  O O   . TRP C 1 21 ? 1.188   -11.220 -11.053 1.00 34.71 ? 924  TRP B O   1 
ATOM   677  C CB  . TRP C 1 21 ? -1.055  -12.776 -9.694  1.00 36.81 ? 924  TRP B CB  1 
ATOM   678  C CG  . TRP C 1 21 ? -2.108  -12.110 -10.546 1.00 36.37 ? 924  TRP B CG  1 
ATOM   679  C CD1 . TRP C 1 21 ? -2.333  -10.772 -10.671 1.00 36.32 ? 924  TRP B CD1 1 
ATOM   680  C CD2 . TRP C 1 21 ? -3.052  -12.757 -11.410 1.00 36.64 ? 924  TRP B CD2 1 
ATOM   681  N NE1 . TRP C 1 21 ? -3.364  -10.535 -11.554 1.00 36.99 ? 924  TRP B NE1 1 
ATOM   682  C CE2 . TRP C 1 21 ? -3.827  -11.736 -12.022 1.00 35.44 ? 924  TRP B CE2 1 
ATOM   683  C CE3 . TRP C 1 21 ? -3.332  -14.101 -11.718 1.00 36.55 ? 924  TRP B CE3 1 
ATOM   684  C CZ2 . TRP C 1 21 ? -4.847  -12.012 -12.929 1.00 35.32 ? 924  TRP B CZ2 1 
ATOM   685  C CZ3 . TRP C 1 21 ? -4.356  -14.374 -12.618 1.00 36.84 ? 924  TRP B CZ3 1 
ATOM   686  C CH2 . TRP C 1 21 ? -5.103  -13.329 -13.211 1.00 36.18 ? 924  TRP B CH2 1 
ATOM   687  N N   . ARG C 1 22 ? 0.399   -12.452 -12.763 1.00 34.92 ? 925  ARG B N   1 
ATOM   688  C CA  . ARG C 1 22 ? 0.740   -11.472 -13.793 1.00 33.54 ? 925  ARG B CA  1 
ATOM   689  C C   . ARG C 1 22 ? -0.521  -10.833 -14.347 1.00 33.40 ? 925  ARG B C   1 
ATOM   690  O O   . ARG C 1 22 ? -1.469  -11.549 -14.689 1.00 35.09 ? 925  ARG B O   1 
ATOM   691  C CB  . ARG C 1 22 ? 1.522   -12.150 -14.930 1.00 34.68 ? 925  ARG B CB  1 
ATOM   692  N N   . ALA C 1 23 ? -0.546  -9.503  -14.447 1.00 31.98 ? 926  ALA B N   1 
ATOM   693  C CA  . ALA C 1 23 ? -1.740  -8.807  -14.921 1.00 32.12 ? 926  ALA B CA  1 
ATOM   694  C C   . ALA C 1 23 ? -2.168  -9.292  -16.299 1.00 34.81 ? 926  ALA B C   1 
ATOM   695  O O   . ALA C 1 23 ? -1.321  -9.652  -17.120 1.00 33.67 ? 926  ALA B O   1 
ATOM   696  C CB  . ALA C 1 23 ? -1.546  -7.308  -14.929 1.00 30.17 ? 926  ALA B CB  1 
ATOM   697  N N   . LYS C 1 24 ? -3.481  -9.298  -16.534 1.00 36.19 ? 927  LYS B N   1 
ATOM   698  C CA  A LYS C 1 24 ? -4.028  -9.638  -17.844 0.50 37.36 ? 927  LYS B CA  1 
ATOM   699  C CA  B LYS C 1 24 ? -4.064  -9.661  -17.832 0.50 35.96 ? 927  LYS B CA  1 
ATOM   700  C C   . LYS C 1 24 ? -4.847  -8.475  -18.394 1.00 37.41 ? 927  LYS B C   1 
ATOM   701  O O   . LYS C 1 24 ? -5.265  -8.487  -19.549 1.00 42.59 ? 927  LYS B O   1 
ATOM   702  C CB  A LYS C 1 24 ? -4.851  -10.919 -17.761 0.50 36.86 ? 927  LYS B CB  1 
ATOM   703  C CB  B LYS C 1 24 ? -4.998  -10.873 -17.712 0.50 33.73 ? 927  LYS B CB  1 
ATOM   704  C CG  A LYS C 1 24 ? -4.008  -12.138 -17.440 0.50 38.09 ? 927  LYS B CG  1 
ATOM   705  C CG  B LYS C 1 24 ? -4.577  -11.951 -16.732 0.50 31.70 ? 927  LYS B CG  1 
ATOM   706  C CD  A LYS C 1 24 ? -4.765  -13.127 -16.581 0.50 39.08 ? 927  LYS B CD  1 
ATOM   707  C CD  B LYS C 1 24 ? -3.433  -12.792 -17.272 0.50 32.02 ? 927  LYS B CD  1 
ATOM   708  C CE  A LYS C 1 24 ? -3.958  -14.400 -16.396 0.50 39.67 ? 927  LYS B CE  1 
ATOM   709  C CE  B LYS C 1 24 ? -2.997  -13.820 -16.243 0.50 32.08 ? 927  LYS B CE  1 
ATOM   710  N NZ  A LYS C 1 24 ? -4.753  -15.479 -15.748 0.50 39.73 ? 927  LYS B NZ  1 
ATOM   711  N NZ  B LYS C 1 24 ? -2.148  -14.888 -16.833 0.50 32.92 ? 927  LYS B NZ  1 
ATOM   712  N N   . LYS C 1 25 ? -5.067  -7.463  -17.563 1.00 37.71 ? 928  LYS B N   1 
ATOM   713  C CA  . LYS C 1 25 ? -5.717  -6.219  -17.982 1.00 39.52 ? 928  LYS B CA  1 
ATOM   714  C C   . LYS C 1 25 ? -4.997  -5.064  -17.306 1.00 41.25 ? 928  LYS B C   1 
ATOM   715  O O   . LYS C 1 25 ? -4.225  -5.265  -16.366 1.00 42.93 ? 928  LYS B O   1 
ATOM   716  C CB  . LYS C 1 25 ? -7.202  -6.182  -17.603 1.00 41.07 ? 928  LYS B CB  1 
ATOM   717  C CG  . LYS C 1 25 ? -8.142  -6.997  -18.488 1.00 44.47 ? 928  LYS B CG  1 
ATOM   718  C CD  . LYS C 1 25 ? -9.548  -6.410  -18.460 1.00 46.39 ? 928  LYS B CD  1 
ATOM   719  C CE  . LYS C 1 25 ? -9.994  -6.098  -17.032 1.00 46.05 ? 928  LYS B CE  1 
ATOM   720  N NZ  . LYS C 1 25 ? -11.023 -5.021  -16.917 1.00 48.14 ? 928  LYS B NZ  1 
ATOM   721  N N   . ASP C 1 26 ? -5.268  -3.853  -17.772 1.00 43.26 ? 929  ASP B N   1 
ATOM   722  C CA  . ASP C 1 26 ? -4.583  -2.663  -17.274 1.00 45.29 ? 929  ASP B CA  1 
ATOM   723  C C   . ASP C 1 26 ? -5.002  -2.292  -15.851 1.00 40.59 ? 929  ASP B C   1 
ATOM   724  O O   . ASP C 1 26 ? -4.346  -1.474  -15.203 1.00 38.58 ? 929  ASP B O   1 
ATOM   725  C CB  . ASP C 1 26 ? -4.764  -1.471  -18.241 1.00 51.00 ? 929  ASP B CB  1 
ATOM   726  C CG  . ASP C 1 26 ? -6.152  -0.829  -18.157 1.00 58.02 ? 929  ASP B CG  1 
ATOM   727  O OD1 . ASP C 1 26 ? -7.174  -1.551  -18.242 1.00 64.26 ? 929  ASP B OD1 1 
ATOM   728  O OD2 . ASP C 1 26 ? -6.218  0.412   -18.029 1.00 60.01 ? 929  ASP B OD2 1 
ATOM   729  N N   . ASN C 1 27 ? -6.090  -2.889  -15.366 1.00 32.42 ? 930  ASN B N   1 
ATOM   730  C CA  . ASN C 1 27 ? -6.500  -2.648  -13.987 1.00 28.61 ? 930  ASN B CA  1 
ATOM   731  C C   . ASN C 1 27 ? -6.309  -3.850  -13.056 1.00 26.61 ? 930  ASN B C   1 
ATOM   732  O O   . ASN C 1 27 ? -6.995  -3.938  -12.032 1.00 25.74 ? 930  ASN B O   1 
ATOM   733  C CB  . ASN C 1 27 ? -7.945  -2.143  -13.936 1.00 27.61 ? 930  ASN B CB  1 
ATOM   734  C CG  . ASN C 1 27 ? -8.943  -3.187  -14.409 1.00 25.10 ? 930  ASN B CG  1 
ATOM   735  O OD1 . ASN C 1 27 ? -8.564  -4.183  -15.035 1.00 26.10 ? 930  ASN B OD1 1 
ATOM   736  N ND2 . ASN C 1 27 ? -10.219 -2.977  -14.091 1.00 25.54 ? 930  ASN B ND2 1 
ATOM   737  N N   . HIS C 1 28 ? -5.419  -4.774  -13.438 1.00 23.92 ? 931  HIS B N   1 
ATOM   738  C CA  . HIS C 1 28 ? -4.938  -5.831  -12.551 1.00 25.11 ? 931  HIS B CA  1 
ATOM   739  C C   . HIS C 1 28 ? -3.620  -5.466  -11.911 1.00 27.45 ? 931  HIS B C   1 
ATOM   740  O O   . HIS C 1 28 ? -2.834  -4.726  -12.507 1.00 26.91 ? 931  HIS B O   1 
ATOM   741  C CB  . HIS C 1 28 ? -4.707  -7.140  -13.298 1.00 24.97 ? 931  HIS B CB  1 
ATOM   742  C CG  . HIS C 1 28 ? -5.955  -7.759  -13.843 1.00 23.61 ? 931  HIS B CG  1 
ATOM   743  N ND1 . HIS C 1 28 ? -5.941  -8.927  -14.574 1.00 24.95 ? 931  HIS B ND1 1 
ATOM   744  C CD2 . HIS C 1 28 ? -7.252  -7.377  -13.763 1.00 24.02 ? 931  HIS B CD2 1 
ATOM   745  C CE1 . HIS C 1 28 ? -7.176  -9.238  -14.926 1.00 24.51 ? 931  HIS B CE1 1 
ATOM   746  N NE2 . HIS C 1 28 ? -7.992  -8.322  -14.438 1.00 23.87 ? 931  HIS B NE2 1 
ATOM   747  N N   . LEU C 1 29 ? -3.365  -6.026  -10.726 1.00 27.91 ? 932  LEU B N   1 
ATOM   748  C CA  . LEU C 1 29 ? -2.037  -5.947  -10.113 1.00 29.12 ? 932  LEU B CA  1 
ATOM   749  C C   . LEU C 1 29 ? -1.065  -6.965  -10.684 1.00 32.06 ? 932  LEU B C   1 
ATOM   750  O O   . LEU C 1 29 ? -1.473  -8.014  -11.197 1.00 32.83 ? 932  LEU B O   1 
ATOM   751  C CB  . LEU C 1 29 ? -2.108  -6.185  -8.612  1.00 27.12 ? 932  LEU B CB  1 
ATOM   752  C CG  . LEU C 1 29 ? -2.647  -5.087  -7.714  1.00 25.64 ? 932  LEU B CG  1 
ATOM   753  C CD1 . LEU C 1 29 ? -2.455  -5.544  -6.261  1.00 24.36 ? 932  LEU B CD1 1 
ATOM   754  C CD2 . LEU C 1 29 ? -1.943  -3.754  -7.982  1.00 25.57 ? 932  LEU B CD2 1 
ATOM   755  N N   . ASN C 1 30 ? 0.228   -6.658  -10.576 1.00 32.46 ? 933  ASN B N   1 
ATOM   756  C CA  . ASN C 1 30 ? 1.291   -7.662  -10.701 1.00 34.38 ? 933  ASN B CA  1 
ATOM   757  C C   . ASN C 1 30 ? 1.923   -7.896  -9.348  1.00 33.45 ? 933  ASN B C   1 
ATOM   758  O O   . ASN C 1 30 ? 2.016   -6.962  -8.558  1.00 33.65 ? 933  ASN B O   1 
ATOM   759  C CB  . ASN C 1 30 ? 2.368   -7.174  -11.662 1.00 35.82 ? 933  ASN B CB  1 
ATOM   760  C CG  . ASN C 1 30 ? 1.879   -7.099  -13.082 1.00 36.59 ? 933  ASN B CG  1 
ATOM   761  O OD1 . ASN C 1 30 ? 1.697   -8.134  -13.744 1.00 36.24 ? 933  ASN B OD1 1 
ATOM   762  N ND2 . ASN C 1 30 ? 1.664   -5.877  -13.567 1.00 35.23 ? 933  ASN B ND2 1 
ATOM   763  N N   . PHE C 1 31 ? 2.342   -9.130  -9.070  1.00 34.11 ? 934  PHE B N   1 
ATOM   764  C CA  . PHE C 1 31 ? 3.056   -9.450  -7.824  1.00 34.74 ? 934  PHE B CA  1 
ATOM   765  C C   . PHE C 1 31 ? 3.684   -10.844 -7.803  1.00 36.53 ? 934  PHE B C   1 
ATOM   766  O O   . PHE C 1 31 ? 3.297   -11.713 -8.577  1.00 38.67 ? 934  PHE B O   1 
ATOM   767  C CB  . PHE C 1 31 ? 2.172   -9.218  -6.580  1.00 33.72 ? 934  PHE B CB  1 
ATOM   768  C CG  . PHE C 1 31 ? 0.851   -9.959  -6.590  1.00 31.77 ? 934  PHE B CG  1 
ATOM   769  C CD1 . PHE C 1 31 ? 0.795   -11.324 -6.296  1.00 31.17 ? 934  PHE B CD1 1 
ATOM   770  C CD2 . PHE C 1 31 ? -0.346  -9.278  -6.830  1.00 32.06 ? 934  PHE B CD2 1 
ATOM   771  C CE1 . PHE C 1 31 ? -0.429  -11.999 -6.263  1.00 31.12 ? 934  PHE B CE1 1 
ATOM   772  C CE2 . PHE C 1 31 ? -1.568  -9.946  -6.810  1.00 31.45 ? 934  PHE B CE2 1 
ATOM   773  C CZ  . PHE C 1 31 ? -1.609  -11.308 -6.526  1.00 31.93 ? 934  PHE B CZ  1 
ATOM   774  N N   . ASN C 1 32 ? 4.643   -11.059 -6.907  1.00 38.49 ? 935  ASN B N   1 
ATOM   775  C CA  . ASN C 1 32 ? 5.315   -12.349 -6.801  1.00 38.93 ? 935  ASN B CA  1 
ATOM   776  C C   . ASN C 1 32 ? 4.969   -13.065 -5.534  1.00 37.75 ? 935  ASN B C   1 
ATOM   777  O O   . ASN C 1 32 ? 4.349   -12.484 -4.633  1.00 38.46 ? 935  ASN B O   1 
ATOM   778  C CB  . ASN C 1 32 ? 6.827   -12.172 -6.888  1.00 43.78 ? 935  ASN B CB  1 
ATOM   779  C CG  . ASN C 1 32 ? 7.256   -11.624 -8.219  1.00 46.41 ? 935  ASN B CG  1 
ATOM   780  O OD1 . ASN C 1 32 ? 6.778   -12.071 -9.261  1.00 49.42 ? 935  ASN B OD1 1 
ATOM   781  N ND2 . ASN C 1 32 ? 8.147   -10.635 -8.200  1.00 49.91 ? 935  ASN B ND2 1 
ATOM   782  N N   . LYS C 1 33 ? 5.367   -14.327 -5.447  1.00 34.02 ? 936  LYS B N   1 
ATOM   783  C CA  . LYS C 1 33 ? 5.185   -15.054 -4.213  1.00 35.60 ? 936  LYS B CA  1 
ATOM   784  C C   . LYS C 1 33 ? 5.793   -14.220 -3.075  1.00 33.88 ? 936  LYS B C   1 
ATOM   785  O O   . LYS C 1 33 ? 6.874   -13.641 -3.226  1.00 34.89 ? 936  LYS B O   1 
ATOM   786  C CB  . LYS C 1 33 ? 5.802   -16.458 -4.299  1.00 36.86 ? 936  LYS B CB  1 
ATOM   787  C CG  . LYS C 1 33 ? 5.378   -17.356 -3.142  1.00 37.91 ? 936  LYS B CG  1 
ATOM   788  C CD  . LYS C 1 33 ? 6.120   -18.681 -3.103  1.00 37.20 ? 936  LYS B CD  1 
ATOM   789  C CE  . LYS C 1 33 ? 5.862   -19.360 -1.765  1.00 38.27 ? 936  LYS B CE  1 
ATOM   790  N NZ  . LYS C 1 33 ? 6.304   -20.787 -1.733  1.00 40.15 ? 936  LYS B NZ  1 
ATOM   791  N N   . ASN C 1 34 ? 5.077   -14.125 -1.962  1.00 32.30 ? 937  ASN B N   1 
ATOM   792  C CA  . ASN C 1 34 ? 5.554   -13.392 -0.771  1.00 33.60 ? 937  ASN B CA  1 
ATOM   793  C C   . ASN C 1 34 ? 5.420   -11.853 -0.798  1.00 30.57 ? 937  ASN B C   1 
ATOM   794  O O   . ASN C 1 34 ? 5.685   -11.207 0.212   1.00 32.08 ? 937  ASN B O   1 
ATOM   795  C CB  . ASN C 1 34 ? 7.008   -13.774 -0.404  1.00 36.05 ? 937  ASN B CB  1 
ATOM   796  C CG  . ASN C 1 34 ? 7.196   -15.267 -0.237  1.00 39.74 ? 937  ASN B CG  1 
ATOM   797  O OD1 . ASN C 1 34 ? 6.415   -15.928 0.450   1.00 40.06 ? 937  ASN B OD1 1 
ATOM   798  N ND2 . ASN C 1 34 ? 8.242   -15.808 -0.865  1.00 41.20 ? 937  ASN B ND2 1 
ATOM   799  N N   . ASP C 1 35 ? 5.032   -11.268 -1.929  1.00 28.44 ? 938  ASP B N   1 
ATOM   800  C CA  . ASP C 1 35 ? 4.700   -9.842  -1.946  1.00 27.92 ? 938  ASP B CA  1 
ATOM   801  C C   . ASP C 1 35 ? 3.515   -9.578  -1.008  1.00 27.21 ? 938  ASP B C   1 
ATOM   802  O O   . ASP C 1 35 ? 2.625   -10.438 -0.859  1.00 24.22 ? 938  ASP B O   1 
ATOM   803  C CB  . ASP C 1 35 ? 4.392   -9.348  -3.349  1.00 28.74 ? 938  ASP B CB  1 
ATOM   804  C CG  . ASP C 1 35 ? 5.643   -9.193  -4.202  1.00 32.34 ? 938  ASP B CG  1 
ATOM   805  O OD1 . ASP C 1 35 ? 6.751   -9.459  -3.683  1.00 32.83 ? 938  ASP B OD1 1 
ATOM   806  O OD2 . ASP C 1 35 ? 5.514   -8.794  -5.376  1.00 32.99 ? 938  ASP B OD2 1 
ATOM   807  N N   . VAL C 1 36 ? 3.552   -8.417  -0.344  1.00 24.15 ? 939  VAL B N   1 
ATOM   808  C CA  . VAL C 1 36 ? 2.466   -7.987  0.553   1.00 21.48 ? 939  VAL B CA  1 
ATOM   809  C C   . VAL C 1 36 ? 1.561   -6.929  -0.113  1.00 20.10 ? 939  VAL B C   1 
ATOM   810  O O   . VAL C 1 36 ? 2.046   -5.925  -0.616  1.00 19.34 ? 939  VAL B O   1 
ATOM   811  C CB  . VAL C 1 36 ? 3.012   -7.463  1.901   1.00 20.01 ? 939  VAL B CB  1 
ATOM   812  C CG1 . VAL C 1 36 ? 1.853   -7.011  2.779   1.00 19.71 ? 939  VAL B CG1 1 
ATOM   813  C CG2 . VAL C 1 36 ? 3.773   -8.587  2.608   1.00 22.27 ? 939  VAL B CG2 1 
ATOM   814  N N   . ILE C 1 37 ? 0.257   -7.196  -0.127  1.00 17.22 ? 940  ILE B N   1 
ATOM   815  C CA  . ILE C 1 37 ? -0.728  -6.369  -0.832  1.00 17.55 ? 940  ILE B CA  1 
ATOM   816  C C   . ILE C 1 37 ? -1.714  -5.798  0.203   1.00 16.81 ? 940  ILE B C   1 
ATOM   817  O O   . ILE C 1 37 ? -2.250  -6.513  1.035   1.00 17.58 ? 940  ILE B O   1 
ATOM   818  C CB  . ILE C 1 37 ? -1.530  -7.221  -1.865  1.00 17.74 ? 940  ILE B CB  1 
ATOM   819  C CG1 . ILE C 1 37 ? -0.566  -7.934  -2.830  1.00 18.97 ? 940  ILE B CG1 1 
ATOM   820  C CG2 . ILE C 1 37 ? -2.599  -6.396  -2.578  1.00 16.54 ? 940  ILE B CG2 1 
ATOM   821  C CD1 . ILE C 1 37 ? -0.899  -9.397  -3.033  1.00 21.37 ? 940  ILE B CD1 1 
ATOM   822  N N   . THR C 1 38 ? -1.955  -4.498  0.133   1.00 16.84 ? 941  THR B N   1 
ATOM   823  C CA  . THR C 1 38 ? -2.974  -3.880  0.946   1.00 17.30 ? 941  THR B CA  1 
ATOM   824  C C   . THR C 1 38 ? -4.307  -4.102  0.237   1.00 17.28 ? 941  THR B C   1 
ATOM   825  O O   . THR C 1 38 ? -4.457  -3.775  -0.957  1.00 17.67 ? 941  THR B O   1 
ATOM   826  C CB  . THR C 1 38 ? -2.705  -2.371  1.084   1.00 19.04 ? 941  THR B CB  1 
ATOM   827  O OG1 . THR C 1 38 ? -1.420  -2.198  1.689   1.00 19.35 ? 941  THR B OG1 1 
ATOM   828  C CG2 . THR C 1 38 ? -3.784  -1.709  1.940   1.00 20.35 ? 941  THR B CG2 1 
ATOM   829  N N   . VAL C 1 39 ? -5.253  -4.693  0.961   1.00 17.26 ? 942  VAL B N   1 
ATOM   830  C CA  . VAL C 1 39 ? -6.553  -5.045  0.398   1.00 16.53 ? 942  VAL B CA  1 
ATOM   831  C C   . VAL C 1 39 ? -7.498  -3.863  0.600   1.00 18.53 ? 942  VAL B C   1 
ATOM   832  O O   . VAL C 1 39 ? -7.749  -3.427  1.750   1.00 18.63 ? 942  VAL B O   1 
ATOM   833  C CB  . VAL C 1 39 ? -7.096  -6.354  1.025   1.00 17.25 ? 942  VAL B CB  1 
ATOM   834  C CG1 . VAL C 1 39 ? -8.517  -6.625  0.532   1.00 18.09 ? 942  VAL B CG1 1 
ATOM   835  C CG2 . VAL C 1 39 ? -6.156  -7.528  0.737   1.00 17.63 ? 942  VAL B CG2 1 
ATOM   836  N N   . LEU C 1 40 ? -7.989  -3.331  -0.520  1.00 17.42 ? 943  LEU B N   1 
ATOM   837  C CA  . LEU C 1 40 ? -8.929  -2.203  -0.535  1.00 19.04 ? 943  LEU B CA  1 
ATOM   838  C C   . LEU C 1 40 ? -10.420 -2.635  -0.550  1.00 19.63 ? 943  LEU B C   1 
ATOM   839  O O   . LEU C 1 40 ? -11.278 -2.000  0.093   1.00 19.23 ? 943  LEU B O   1 
ATOM   840  C CB  . LEU C 1 40 ? -8.625  -1.319  -1.737  1.00 19.06 ? 943  LEU B CB  1 
ATOM   841  C CG  . LEU C 1 40 ? -7.226  -0.730  -1.701  1.00 20.17 ? 943  LEU B CG  1 
ATOM   842  C CD1 . LEU C 1 40 ? -7.020  0.212   -2.876  1.00 21.14 ? 943  LEU B CD1 1 
ATOM   843  C CD2 . LEU C 1 40 ? -7.063  0.009   -0.380  1.00 21.38 ? 943  LEU B CD2 1 
ATOM   844  N N   . GLU C 1 41 ? -10.738 -3.681  -1.309  1.00 19.09 ? 944  GLU B N   1 
ATOM   845  C CA  . GLU C 1 41 ? -12.135 -4.159  -1.404  1.00 18.94 ? 944  GLU B CA  1 
ATOM   846  C C   . GLU C 1 41 ? -12.109 -5.625  -1.766  1.00 18.10 ? 944  GLU B C   1 
ATOM   847  O O   . GLU C 1 41 ? -11.114 -6.107  -2.332  1.00 17.76 ? 944  GLU B O   1 
ATOM   848  C CB  . GLU C 1 41 ? -12.957 -3.336  -2.424  1.00 20.40 ? 944  GLU B CB  1 
ATOM   849  C CG  . GLU C 1 41 ? -14.476 -3.639  -2.456  1.00 23.24 ? 944  GLU B CG  1 
ATOM   850  C CD  . GLU C 1 41 ? -15.175 -3.638  -1.093  1.00 25.05 ? 944  GLU B CD  1 
ATOM   851  O OE1 . GLU C 1 41 ? -15.230 -4.688  -0.430  1.00 26.28 ? 944  GLU B OE1 1 
ATOM   852  O OE2 . GLU C 1 41 ? -15.739 -2.601  -0.688  1.00 25.84 ? 944  GLU B OE2 1 
ATOM   853  N N   . GLN C 1 42 ? -13.180 -6.344  -1.419  1.00 17.58 ? 945  GLN B N   1 
ATOM   854  C CA  . GLN C 1 42 ? -13.207 -7.761  -1.643  1.00 18.04 ? 945  GLN B CA  1 
ATOM   855  C C   . GLN C 1 42 ? -14.501 -8.130  -2.309  1.00 19.53 ? 945  GLN B C   1 
ATOM   856  O O   . GLN C 1 42 ? -15.578 -7.942  -1.730  1.00 20.10 ? 945  GLN B O   1 
ATOM   857  C CB  . GLN C 1 42 ? -13.095 -8.532  -0.315  1.00 17.71 ? 945  GLN B CB  1 
ATOM   858  C CG  . GLN C 1 42 ? -11.799 -8.243  0.443   1.00 19.00 ? 945  GLN B CG  1 
ATOM   859  C CD  . GLN C 1 42 ? -11.873 -8.704  1.876   1.00 18.84 ? 945  GLN B CD  1 
ATOM   860  O OE1 . GLN C 1 42 ? -12.639 -8.151  2.679   1.00 21.09 ? 945  GLN B OE1 1 
ATOM   861  N NE2 . GLN C 1 42 ? -11.092 -9.717  2.210   1.00 17.65 ? 945  GLN B NE2 1 
ATOM   862  N N   . GLN C 1 43 ? -14.402 -8.663  -3.516  1.00 18.63 ? 946  GLN B N   1 
ATOM   863  C CA  . GLN C 1 43 ? -15.550 -9.334  -4.094  1.00 20.72 ? 946  GLN B CA  1 
ATOM   864  C C   . GLN C 1 43 ? -15.418 -10.846 -3.893  1.00 22.48 ? 946  GLN B C   1 
ATOM   865  O O   . GLN C 1 43 ? -14.586 -11.325 -3.102  1.00 22.40 ? 946  GLN B O   1 
ATOM   866  C CB  . GLN C 1 43 ? -15.717 -8.951  -5.572  1.00 20.90 ? 946  GLN B CB  1 
ATOM   867  C CG  . GLN C 1 43 ? -16.073 -7.476  -5.799  1.00 23.09 ? 946  GLN B CG  1 
ATOM   868  C CD  . GLN C 1 43 ? -17.403 -7.079  -5.158  1.00 26.00 ? 946  GLN B CD  1 
ATOM   869  O OE1 . GLN C 1 43 ? -17.454 -6.115  -4.388  1.00 30.87 ? 946  GLN B OE1 1 
ATOM   870  N NE2 . GLN C 1 43 ? -18.471 -7.845  -5.425  1.00 24.20 ? 946  GLN B NE2 1 
ATOM   871  N N   . ASP C 1 44 ? -16.261 -11.612 -4.571  1.00 22.54 ? 947  ASP B N   1 
ATOM   872  C CA  . ASP C 1 44 ? -16.317 -13.036 -4.306  1.00 23.06 ? 947  ASP B CA  1 
ATOM   873  C C   . ASP C 1 44 ? -15.187 -13.843 -4.920  1.00 23.52 ? 947  ASP B C   1 
ATOM   874  O O   . ASP C 1 44 ? -14.770 -14.863 -4.355  1.00 25.15 ? 947  ASP B O   1 
ATOM   875  C CB  . ASP C 1 44 ? -17.684 -13.578 -4.717  1.00 23.32 ? 947  ASP B CB  1 
ATOM   876  C CG  . ASP C 1 44 ? -18.773 -13.043 -3.824  1.00 25.68 ? 947  ASP B CG  1 
ATOM   877  O OD1 . ASP C 1 44 ? -19.686 -12.372 -4.327  1.00 27.30 ? 947  ASP B OD1 1 
ATOM   878  O OD2 . ASP C 1 44 ? -18.637 -13.203 -2.586  1.00 28.48 ? 947  ASP B OD2 1 
ATOM   879  N N   . MET C 1 45 ? -14.722 -13.408 -6.078  1.00 22.87 ? 948  MET B N   1 
ATOM   880  C CA  . MET C 1 45 ? -13.627 -14.080 -6.760  1.00 22.41 ? 948  MET B CA  1 
ATOM   881  C C   . MET C 1 45 ? -12.362 -13.222 -6.784  1.00 20.59 ? 948  MET B C   1 
ATOM   882  O O   . MET C 1 45 ? -11.258 -13.748 -6.645  1.00 20.35 ? 948  MET B O   1 
ATOM   883  C CB  . MET C 1 45 ? -14.038 -14.457 -8.172  1.00 25.07 ? 948  MET B CB  1 
ATOM   884  C CG  . MET C 1 45 ? -13.020 -15.348 -8.829  1.00 29.04 ? 948  MET B CG  1 
ATOM   885  S SD  . MET C 1 45 ? -13.524 -15.916 -10.449 1.00 36.86 ? 948  MET B SD  1 
ATOM   886  C CE  . MET C 1 45 ? -15.165 -16.550 -10.150 1.00 23.93 ? 948  MET B CE  1 
ATOM   887  N N   . TRP C 1 46 ? -12.534 -11.915 -6.960  1.00 18.66 ? 949  TRP B N   1 
ATOM   888  C CA  . TRP C 1 46 ? -11.401 -10.998 -7.100  1.00 17.63 ? 949  TRP B CA  1 
ATOM   889  C C   . TRP C 1 46 ? -11.428 -9.999  -5.987  1.00 17.55 ? 949  TRP B C   1 
ATOM   890  O O   . TRP C 1 46 ? -12.511 -9.564  -5.560  1.00 17.63 ? 949  TRP B O   1 
ATOM   891  C CB  . TRP C 1 46 ? -11.504 -10.209 -8.409  1.00 18.89 ? 949  TRP B CB  1 
ATOM   892  C CG  . TRP C 1 46 ? -11.410 -11.048 -9.650  1.00 19.92 ? 949  TRP B CG  1 
ATOM   893  C CD1 . TRP C 1 46 ? -12.379 -11.880 -10.169 1.00 20.67 ? 949  TRP B CD1 1 
ATOM   894  C CD2 . TRP C 1 46 ? -10.299 -11.117 -10.551 1.00 20.49 ? 949  TRP B CD2 1 
ATOM   895  N NE1 . TRP C 1 46 ? -11.919 -12.463 -11.328 1.00 21.29 ? 949  TRP B NE1 1 
ATOM   896  C CE2 . TRP C 1 46 ? -10.657 -12.002 -11.591 1.00 20.46 ? 949  TRP B CE2 1 
ATOM   897  C CE3 . TRP C 1 46 ? -9.029  -10.513 -10.582 1.00 19.97 ? 949  TRP B CE3 1 
ATOM   898  C CZ2 . TRP C 1 46 ? -9.790  -12.302 -12.646 1.00 21.77 ? 949  TRP B CZ2 1 
ATOM   899  C CZ3 . TRP C 1 46 ? -8.171  -10.804 -11.634 1.00 20.76 ? 949  TRP B CZ3 1 
ATOM   900  C CH2 . TRP C 1 46 ? -8.561  -11.697 -12.653 1.00 21.29 ? 949  TRP B CH2 1 
ATOM   901  N N   . TRP C 1 47 ? -10.230 -9.625  -5.534  1.00 17.25 ? 950  TRP B N   1 
ATOM   902  C CA  . TRP C 1 47 ? -10.063 -8.510  -4.602  1.00 17.62 ? 950  TRP B CA  1 
ATOM   903  C C   . TRP C 1 47 ? -9.382  -7.375  -5.323  1.00 16.79 ? 950  TRP B C   1 
ATOM   904  O O   . TRP C 1 47 ? -8.778  -7.575  -6.381  1.00 18.00 ? 950  TRP B O   1 
ATOM   905  C CB  . TRP C 1 47 ? -9.257  -8.938  -3.373  1.00 17.00 ? 950  TRP B CB  1 
ATOM   906  C CG  . TRP C 1 47 ? -9.948  -9.977  -2.487  1.00 16.36 ? 950  TRP B CG  1 
ATOM   907  C CD1 . TRP C 1 47 ? -11.238 -10.464 -2.583  1.00 15.83 ? 950  TRP B CD1 1 
ATOM   908  C CD2 . TRP C 1 47 ? -9.354  -10.614 -1.363  1.00 17.01 ? 950  TRP B CD2 1 
ATOM   909  N NE1 . TRP C 1 47 ? -11.470 -11.392 -1.557  1.00 16.72 ? 950  TRP B NE1 1 
ATOM   910  C CE2 . TRP C 1 47 ? -10.333 -11.477 -0.790  1.00 16.74 ? 950  TRP B CE2 1 
ATOM   911  C CE3 . TRP C 1 47 ? -8.099  -10.496 -0.738  1.00 16.98 ? 950  TRP B CE3 1 
ATOM   912  C CZ2 . TRP C 1 47 ? -10.066 -12.263 0.346   1.00 16.53 ? 950  TRP B CZ2 1 
ATOM   913  C CZ3 . TRP C 1 47 ? -7.842  -11.274 0.410   1.00 17.49 ? 950  TRP B CZ3 1 
ATOM   914  C CH2 . TRP C 1 47 ? -8.822  -12.153 0.920   1.00 17.76 ? 950  TRP B CH2 1 
ATOM   915  N N   . PHE C 1 48 ? -9.534  -6.167  -4.778  1.00 16.76 ? 951  PHE B N   1 
ATOM   916  C CA  . PHE C 1 48 ? -8.958  -4.974  -5.309  1.00 17.23 ? 951  PHE B CA  1 
ATOM   917  C C   . PHE C 1 48 ? -7.954  -4.517  -4.246  1.00 17.36 ? 951  PHE B C   1 
ATOM   918  O O   . PHE C 1 48 ? -8.298  -4.389  -3.058  1.00 17.19 ? 951  PHE B O   1 
ATOM   919  C CB  . PHE C 1 48 ? -10.037 -3.905  -5.512  1.00 16.95 ? 951  PHE B CB  1 
ATOM   920  C CG  . PHE C 1 48 ? -9.580  -2.712  -6.304  1.00 16.46 ? 951  PHE B CG  1 
ATOM   921  C CD1 . PHE C 1 48 ? -9.302  -2.823  -7.677  1.00 17.86 ? 951  PHE B CD1 1 
ATOM   922  C CD2 . PHE C 1 48 ? -9.453  -1.453  -5.698  1.00 18.39 ? 951  PHE B CD2 1 
ATOM   923  C CE1 . PHE C 1 48 ? -8.916  -1.710  -8.436  1.00 17.51 ? 951  PHE B CE1 1 
ATOM   924  C CE2 . PHE C 1 48 ? -9.049  -0.342  -6.449  1.00 17.80 ? 951  PHE B CE2 1 
ATOM   925  C CZ  . PHE C 1 48 ? -8.775  -0.475  -7.814  1.00 17.20 ? 951  PHE B CZ  1 
ATOM   926  N N   . GLY C 1 49 ? -6.710  -4.298  -4.652  1.00 18.27 ? 952  GLY B N   1 
ATOM   927  C CA  . GLY C 1 49 ? -5.665  -3.969  -3.660  1.00 17.53 ? 952  GLY B CA  1 
ATOM   928  C C   . GLY C 1 49 ? -4.650  -3.003  -4.204  1.00 17.74 ? 952  GLY B C   1 
ATOM   929  O O   . GLY C 1 49 ? -4.805  -2.488  -5.339  1.00 18.69 ? 952  GLY B O   1 
ATOM   930  N N   . GLU C 1 50 ? -3.590  -2.805  -3.423  1.00 19.00 ? 953  GLU B N   1 
ATOM   931  C CA  . GLU C 1 50 ? -2.589  -1.793  -3.714  1.00 19.04 ? 953  GLU B CA  1 
ATOM   932  C C   . GLU C 1 50 ? -1.179  -2.326  -3.417  1.00 18.08 ? 953  GLU B C   1 
ATOM   933  O O   . GLU C 1 50 ? -0.954  -2.922  -2.364  1.00 17.14 ? 953  GLU B O   1 
ATOM   934  C CB  . GLU C 1 50 ? -2.874  -0.531  -2.887  1.00 20.60 ? 953  GLU B CB  1 
ATOM   935  C CG  . GLU C 1 50 ? -2.004  0.655   -3.295  1.00 24.31 ? 953  GLU B CG  1 
ATOM   936  C CD  . GLU C 1 50 ? -2.440  1.965   -2.665  1.00 28.36 ? 953  GLU B CD  1 
ATOM   937  O OE1 . GLU C 1 50 ? -2.489  2.981   -3.401  1.00 31.97 ? 953  GLU B OE1 1 
ATOM   938  O OE2 . GLU C 1 50 ? -2.710  1.988   -1.443  1.00 29.80 ? 953  GLU B OE2 1 
ATOM   939  N N   . VAL C 1 51 ? -0.243  -2.093  -4.328  1.00 17.32 ? 954  VAL B N   1 
ATOM   940  C CA  . VAL C 1 51 ? 1.174   -2.428  -4.112  1.00 18.01 ? 954  VAL B CA  1 
ATOM   941  C C   . VAL C 1 51 ? 2.020   -1.269  -4.627  1.00 19.31 ? 954  VAL B C   1 
ATOM   942  O O   . VAL C 1 51 ? 1.832   -0.823  -5.756  1.00 17.67 ? 954  VAL B O   1 
ATOM   943  C CB  . VAL C 1 51 ? 1.588   -3.760  -4.824  1.00 19.41 ? 954  VAL B CB  1 
ATOM   944  C CG1 . VAL C 1 51 ? 3.096   -3.961  -4.784  1.00 18.89 ? 954  VAL B CG1 1 
ATOM   945  C CG2 . VAL C 1 51 ? 0.948   -4.932  -4.123  1.00 19.73 ? 954  VAL B CG2 1 
ATOM   946  N N   . GLN C 1 52 ? 2.902   -0.745  -3.769  1.00 19.66 ? 955  GLN B N   1 
ATOM   947  C CA  . GLN C 1 52 ? 3.775   0.378   -4.137  1.00 21.25 ? 955  GLN B CA  1 
ATOM   948  C C   . GLN C 1 52 ? 2.995   1.539   -4.767  1.00 21.49 ? 955  GLN B C   1 
ATOM   949  O O   . GLN C 1 52 ? 3.478   2.166   -5.703  1.00 23.87 ? 955  GLN B O   1 
ATOM   950  C CB  . GLN C 1 52 ? 4.905   -0.101  -5.057  1.00 21.13 ? 955  GLN B CB  1 
ATOM   951  C CG  . GLN C 1 52 ? 6.204   0.704   -4.972  1.00 20.84 ? 955  GLN B CG  1 
ATOM   952  C CD  . GLN C 1 52 ? 7.126   0.405   -6.124  1.00 22.15 ? 955  GLN B CD  1 
ATOM   953  O OE1 . GLN C 1 52 ? 7.109   -0.708  -6.685  1.00 20.66 ? 955  GLN B OE1 1 
ATOM   954  N NE2 . GLN C 1 52 ? 7.949   1.390   -6.492  1.00 20.99 ? 955  GLN B NE2 1 
ATOM   955  N N   . GLY C 1 53 ? 1.797   1.804   -4.260  1.00 21.36 ? 956  GLY B N   1 
ATOM   956  C CA  . GLY C 1 53 ? 0.952   2.910   -4.723  1.00 22.59 ? 956  GLY B CA  1 
ATOM   957  C C   . GLY C 1 53 ? 0.081   2.660   -5.957  1.00 23.73 ? 956  GLY B C   1 
ATOM   958  O O   . GLY C 1 53 ? -0.702  3.523   -6.334  1.00 25.11 ? 956  GLY B O   1 
ATOM   959  N N   . GLN C 1 54 ? 0.227   1.479   -6.564  1.00 23.22 ? 957  GLN B N   1 
ATOM   960  C CA  . GLN C 1 54 ? -0.548  1.057   -7.739  1.00 23.85 ? 957  GLN B CA  1 
ATOM   961  C C   . GLN C 1 54 ? -1.735  0.217   -7.264  1.00 22.03 ? 957  GLN B C   1 
ATOM   962  O O   . GLN C 1 54 ? -1.554  -0.664  -6.433  1.00 21.75 ? 957  GLN B O   1 
ATOM   963  C CB  . GLN C 1 54 ? 0.335   0.240   -8.691  1.00 26.13 ? 957  GLN B CB  1 
ATOM   964  C CG  . GLN C 1 54 ? 1.532   1.008   -9.294  1.00 30.66 ? 957  GLN B CG  1 
ATOM   965  C CD  . GLN C 1 54 ? 1.129   2.028   -10.356 1.00 35.90 ? 957  GLN B CD  1 
ATOM   966  O OE1 . GLN C 1 54 ? 0.281   1.749   -11.205 1.00 39.96 ? 957  GLN B OE1 1 
ATOM   967  N NE2 . GLN C 1 54 ? 1.731   3.208   -10.314 1.00 33.39 ? 957  GLN B NE2 1 
ATOM   968  N N   . LYS C 1 55 ? -2.922  0.478   -7.813  1.00 21.07 ? 958  LYS B N   1 
ATOM   969  C CA  . LYS C 1 55 ? -4.135  -0.222  -7.396  1.00 22.58 ? 958  LYS B CA  1 
ATOM   970  C C   . LYS C 1 55 ? -4.615  -1.120  -8.539  1.00 23.58 ? 958  LYS B C   1 
ATOM   971  O O   . LYS C 1 55 ? -4.507  -0.752  -9.721  1.00 22.52 ? 958  LYS B O   1 
ATOM   972  C CB  . LYS C 1 55 ? -5.220  0.771   -7.004  1.00 24.18 ? 958  LYS B CB  1 
ATOM   973  C CG  . LYS C 1 55 ? -4.828  1.728   -5.889  1.00 25.11 ? 958  LYS B CG  1 
ATOM   974  C CD  . LYS C 1 55 ? -5.965  2.699   -5.602  1.00 29.29 ? 958  LYS B CD  1 
ATOM   975  C CE  . LYS C 1 55 ? -5.724  3.521   -4.349  1.00 30.07 ? 958  LYS B CE  1 
ATOM   976  N NZ  . LYS C 1 55 ? -4.546  4.406   -4.466  1.00 32.03 ? 958  LYS B NZ  1 
ATOM   977  N N   . GLY C 1 56 ? -5.132  -2.299  -8.208  1.00 21.22 ? 959  GLY B N   1 
ATOM   978  C CA  . GLY C 1 56 ? -5.664  -3.161  -9.247  1.00 20.40 ? 959  GLY B CA  1 
ATOM   979  C C   . GLY C 1 56 ? -6.319  -4.410  -8.700  1.00 19.75 ? 959  GLY B C   1 
ATOM   980  O O   . GLY C 1 56 ? -6.219  -4.691  -7.521  1.00 18.11 ? 959  GLY B O   1 
ATOM   981  N N   . TRP C 1 57 ? -6.961  -5.170  -9.588  1.00 19.57 ? 960  TRP B N   1 
ATOM   982  C CA  . TRP C 1 57 ? -7.684  -6.389  -9.221  1.00 20.16 ? 960  TRP B CA  1 
ATOM   983  C C   . TRP C 1 57 ? -6.731  -7.573  -9.240  1.00 20.14 ? 960  TRP B C   1 
ATOM   984  O O   . TRP C 1 57 ? -5.696  -7.531  -9.912  1.00 22.83 ? 960  TRP B O   1 
ATOM   985  C CB  . TRP C 1 57 ? -8.828  -6.634  -10.212 1.00 19.82 ? 960  TRP B CB  1 
ATOM   986  C CG  . TRP C 1 57 ? -9.933  -5.655  -10.118 1.00 18.34 ? 960  TRP B CG  1 
ATOM   987  C CD1 . TRP C 1 57 ? -10.083 -4.517  -10.858 1.00 18.85 ? 960  TRP B CD1 1 
ATOM   988  C CD2 . TRP C 1 57 ? -11.037 -5.694  -9.210  1.00 18.04 ? 960  TRP B CD2 1 
ATOM   989  N NE1 . TRP C 1 57 ? -11.221 -3.849  -10.477 1.00 18.73 ? 960  TRP B NE1 1 
ATOM   990  C CE2 . TRP C 1 57 ? -11.827 -4.548  -9.467  1.00 18.27 ? 960  TRP B CE2 1 
ATOM   991  C CE3 . TRP C 1 57 ? -11.422 -6.573  -8.184  1.00 16.49 ? 960  TRP B CE3 1 
ATOM   992  C CZ2 . TRP C 1 57 ? -12.989 -4.269  -8.757  1.00 17.55 ? 960  TRP B CZ2 1 
ATOM   993  C CZ3 . TRP C 1 57 ? -12.597 -6.296  -7.473  1.00 18.07 ? 960  TRP B CZ3 1 
ATOM   994  C CH2 . TRP C 1 57 ? -13.370 -5.169  -7.778  1.00 18.78 ? 960  TRP B CH2 1 
ATOM   995  N N   . PHE C 1 58 ? -7.035  -8.611  -8.474  1.00 19.82 ? 961  PHE B N   1 
ATOM   996  C CA  . PHE C 1 58 ? -6.308  -9.883  -8.520  1.00 19.98 ? 961  PHE B CA  1 
ATOM   997  C C   . PHE C 1 58 ? -7.230  -10.956 -7.936  1.00 20.72 ? 961  PHE B C   1 
ATOM   998  O O   . PHE C 1 58 ? -8.094  -10.638 -7.098  1.00 19.13 ? 961  PHE B O   1 
ATOM   999  C CB  . PHE C 1 58 ? -4.989  -9.810  -7.703  1.00 19.10 ? 961  PHE B CB  1 
ATOM   1000 C CG  . PHE C 1 58 ? -5.199  -9.476  -6.245  1.00 19.52 ? 961  PHE B CG  1 
ATOM   1001 C CD1 . PHE C 1 58 ? -5.363  -10.491 -5.300  1.00 19.20 ? 961  PHE B CD1 1 
ATOM   1002 C CD2 . PHE C 1 58 ? -5.271  -8.153  -5.829  1.00 18.46 ? 961  PHE B CD2 1 
ATOM   1003 C CE1 . PHE C 1 58 ? -5.596  -10.191 -3.960  1.00 21.13 ? 961  PHE B CE1 1 
ATOM   1004 C CE2 . PHE C 1 58 ? -5.514  -7.837  -4.511  1.00 19.34 ? 961  PHE B CE2 1 
ATOM   1005 C CZ  . PHE C 1 58 ? -5.659  -8.849  -3.558  1.00 21.11 ? 961  PHE B CZ  1 
ATOM   1006 N N   . PRO C 1 59 ? -7.028  -12.240 -8.317  1.00 21.73 ? 962  PRO B N   1 
ATOM   1007 C CA  . PRO C 1 59 ? -7.937  -13.268 -7.798  1.00 21.08 ? 962  PRO B CA  1 
ATOM   1008 C C   . PRO C 1 59 ? -7.633  -13.520 -6.338  1.00 20.58 ? 962  PRO B C   1 
ATOM   1009 O O   . PRO C 1 59 ? -6.466  -13.608 -5.983  1.00 19.55 ? 962  PRO B O   1 
ATOM   1010 C CB  . PRO C 1 59 ? -7.560  -14.511 -8.610  1.00 22.46 ? 962  PRO B CB  1 
ATOM   1011 C CG  . PRO C 1 59 ? -6.910  -13.957 -9.833  1.00 22.06 ? 962  PRO B CG  1 
ATOM   1012 C CD  . PRO C 1 59 ? -6.100  -12.812 -9.302  1.00 21.88 ? 962  PRO B CD  1 
ATOM   1013 N N   . LYS C 1 60 ? -8.656  -13.676 -5.502  1.00 20.80 ? 963  LYS B N   1 
ATOM   1014 C CA  . LYS C 1 60 ? -8.405  -13.876 -4.072  1.00 22.18 ? 963  LYS B CA  1 
ATOM   1015 C C   . LYS C 1 60 ? -7.664  -15.193 -3.759  1.00 23.83 ? 963  LYS B C   1 
ATOM   1016 O O   . LYS C 1 60 ? -6.960  -15.281 -2.754  1.00 22.40 ? 963  LYS B O   1 
ATOM   1017 C CB  . LYS C 1 60 ? -9.678  -13.764 -3.239  1.00 24.59 ? 963  LYS B CB  1 
ATOM   1018 C CG  . LYS C 1 60 ? -10.629 -14.935 -3.385  1.00 26.32 ? 963  LYS B CG  1 
ATOM   1019 C CD  . LYS C 1 60 ? -11.757 -14.882 -2.381  1.00 28.62 ? 963  LYS B CD  1 
ATOM   1020 C CE  . LYS C 1 60 ? -12.504 -16.204 -2.412  1.00 31.59 ? 963  LYS B CE  1 
ATOM   1021 N NZ  . LYS C 1 60 ? -13.943 -16.046 -2.022  1.00 37.12 ? 963  LYS B NZ  1 
ATOM   1022 N N   . SER C 1 61 ? -7.798  -16.182 -4.643  1.00 23.80 ? 964  SER B N   1 
ATOM   1023 C CA  . SER C 1 61 ? -7.185  -17.509 -4.451  1.00 25.22 ? 964  SER B CA  1 
ATOM   1024 C C   . SER C 1 61 ? -5.654  -17.457 -4.369  1.00 27.49 ? 964  SER B C   1 
ATOM   1025 O O   . SER C 1 61 ? -5.024  -18.372 -3.824  1.00 29.99 ? 964  SER B O   1 
ATOM   1026 C CB  . SER C 1 61 ? -7.614  -18.463 -5.587  1.00 25.20 ? 964  SER B CB  1 
ATOM   1027 O OG  . SER C 1 61 ? -7.107  -18.030 -6.828  1.00 26.62 ? 964  SER B OG  1 
ATOM   1028 N N   . TYR C 1 62 ? -5.074  -16.376 -4.893  1.00 25.94 ? 965  TYR B N   1 
ATOM   1029 C CA  . TYR C 1 62 ? -3.622  -16.176 -4.938  1.00 28.58 ? 965  TYR B CA  1 
ATOM   1030 C C   . TYR C 1 62 ? -2.961  -15.619 -3.657  1.00 28.51 ? 965  TYR B C   1 
ATOM   1031 O O   . TYR C 1 62 ? -1.726  -15.515 -3.575  1.00 28.18 ? 965  TYR B O   1 
ATOM   1032 C CB  . TYR C 1 62 ? -3.273  -15.302 -6.131  1.00 27.30 ? 965  TYR B CB  1 
ATOM   1033 C CG  . TYR C 1 62 ? -3.365  -16.021 -7.464  1.00 28.93 ? 965  TYR B CG  1 
ATOM   1034 C CD1 . TYR C 1 62 ? -4.598  -16.453 -7.972  1.00 30.46 ? 965  TYR B CD1 1 
ATOM   1035 C CD2 . TYR C 1 62 ? -2.222  -16.253 -8.230  1.00 30.69 ? 965  TYR B CD2 1 
ATOM   1036 C CE1 . TYR C 1 62 ? -4.684  -17.103 -9.200  1.00 32.41 ? 965  TYR B CE1 1 
ATOM   1037 C CE2 . TYR C 1 62 ? -2.296  -16.894 -9.462  1.00 33.80 ? 965  TYR B CE2 1 
ATOM   1038 C CZ  . TYR C 1 62 ? -3.526  -17.324 -9.939  1.00 34.04 ? 965  TYR B CZ  1 
ATOM   1039 O OH  . TYR C 1 62 ? -3.599  -17.957 -11.162 1.00 37.08 ? 965  TYR B OH  1 
ATOM   1040 N N   . VAL C 1 63 ? -3.767  -15.292 -2.649  1.00 25.92 ? 966  VAL B N   1 
ATOM   1041 C CA  . VAL C 1 63 ? -3.235  -14.659 -1.442  1.00 24.26 ? 966  VAL B CA  1 
ATOM   1042 C C   . VAL C 1 63 ? -3.785  -15.320 -0.195  1.00 26.17 ? 966  VAL B C   1 
ATOM   1043 O O   . VAL C 1 63 ? -4.823  -15.992 -0.239  1.00 24.35 ? 966  VAL B O   1 
ATOM   1044 C CB  . VAL C 1 63 ? -3.500  -13.123 -1.409  1.00 22.62 ? 966  VAL B CB  1 
ATOM   1045 C CG1 . VAL C 1 63 ? -2.947  -12.458 -2.657  1.00 20.47 ? 966  VAL B CG1 1 
ATOM   1046 C CG2 . VAL C 1 63 ? -4.978  -12.805 -1.244  1.00 20.91 ? 966  VAL B CG2 1 
ATOM   1047 N N   . LYS C 1 64 ? -3.068  -15.137 0.908   1.00 27.64 ? 967  LYS B N   1 
ATOM   1048 C CA  . LYS C 1 64 ? -3.599  -15.421 2.232   1.00 30.53 ? 967  LYS B CA  1 
ATOM   1049 C C   . LYS C 1 64 ? -3.541  -14.143 3.051   1.00 30.38 ? 967  LYS B C   1 
ATOM   1050 O O   . LYS C 1 64 ? -2.595  -13.359 2.944   1.00 30.03 ? 967  LYS B O   1 
ATOM   1051 C CB  . LYS C 1 64 ? -2.829  -16.567 2.916   1.00 35.02 ? 967  LYS B CB  1 
ATOM   1052 C CG  . LYS C 1 64 ? -1.353  -16.283 3.185   1.00 41.77 ? 967  LYS B CG  1 
ATOM   1053 C CD  . LYS C 1 64 ? -0.754  -17.255 4.203   1.00 44.68 ? 967  LYS B CD  1 
ATOM   1054 C CE  . LYS C 1 64 ? 0.600   -16.765 4.708   1.00 47.37 ? 967  LYS B CE  1 
ATOM   1055 N NZ  . LYS C 1 64 ? 1.557   -16.499 3.595   1.00 49.83 ? 967  LYS B NZ  1 
ATOM   1056 N N   . LEU C 1 65 ? -4.559  -13.913 3.861   1.00 29.17 ? 968  LEU B N   1 
ATOM   1057 C CA  . LEU C 1 65 ? -4.523  -12.779 4.767   1.00 31.43 ? 968  LEU B CA  1 
ATOM   1058 C C   . LEU C 1 65 ? -3.397  -12.917 5.802   1.00 35.62 ? 968  LEU B C   1 
ATOM   1059 O O   . LEU C 1 65 ? -3.051  -14.029 6.224   1.00 34.59 ? 968  LEU B O   1 
ATOM   1060 C CB  . LEU C 1 65 ? -5.878  -12.587 5.453   1.00 30.45 ? 968  LEU B CB  1 
ATOM   1061 C CG  . LEU C 1 65 ? -7.088  -12.251 4.580   1.00 27.01 ? 968  LEU B CG  1 
ATOM   1062 C CD1 . LEU C 1 65 ? -8.337  -12.179 5.447   1.00 28.48 ? 968  LEU B CD1 1 
ATOM   1063 C CD2 . LEU C 1 65 ? -6.915  -10.949 3.816   1.00 28.28 ? 968  LEU B CD2 1 
ATOM   1064 N N   . ILE C 1 66 ? -2.797  -11.782 6.154   1.00 37.14 ? 969  ILE B N   1 
ATOM   1065 C CA  . ILE C 1 66 ? -1.848  -11.717 7.260   1.00 43.63 ? 969  ILE B CA  1 
ATOM   1066 C C   . ILE C 1 66 ? -2.577  -11.300 8.534   1.00 44.43 ? 969  ILE B C   1 
ATOM   1067 O O   . ILE C 1 66 ? -3.438  -10.413 8.500   1.00 47.41 ? 969  ILE B O   1 
ATOM   1068 C CB  . ILE C 1 66 ? -0.719  -10.715 6.973   1.00 42.84 ? 969  ILE B CB  1 
ATOM   1069 C CG1 . ILE C 1 66 ? 0.052   -11.136 5.721   1.00 41.90 ? 969  ILE B CG1 1 
ATOM   1070 C CG2 . ILE C 1 66 ? 0.203   -10.604 8.180   1.00 45.38 ? 969  ILE B CG2 1 
ATOM   1071 C CD1 . ILE C 1 66 ? 0.974   -10.060 5.185   1.00 42.31 ? 969  ILE B CD1 1 
ATOM   1072 N N   . TRP D 2 1  ? -10.502 6.305   -5.039  1.00 28.41 ? 2001 TRP D N   1 
ATOM   1073 C CA  . TRP D 2 1  ? -10.452 5.210   -6.017  1.00 27.28 ? 2001 TRP D CA  1 
ATOM   1074 C C   . TRP D 2 1  ? -11.836 4.534   -6.220  1.00 26.73 ? 2001 TRP D C   1 
ATOM   1075 O O   . TRP D 2 1  ? -12.008 3.794   -7.194  1.00 26.28 ? 2001 TRP D O   1 
ATOM   1076 C CB  . TRP D 2 1  ? -9.401  4.149   -5.608  1.00 24.23 ? 2001 TRP D CB  1 
ATOM   1077 C CG  . TRP D 2 1  ? -9.620  3.609   -4.214  1.00 24.09 ? 2001 TRP D CG  1 
ATOM   1078 C CD1 . TRP D 2 1  ? -9.088  4.103   -3.059  1.00 23.24 ? 2001 TRP D CD1 1 
ATOM   1079 C CD2 . TRP D 2 1  ? -10.461 2.506   -3.828  1.00 22.96 ? 2001 TRP D CD2 1 
ATOM   1080 N NE1 . TRP D 2 1  ? -9.528  3.378   -1.982  1.00 23.44 ? 2001 TRP D NE1 1 
ATOM   1081 C CE2 . TRP D 2 1  ? -10.382 2.398   -2.416  1.00 23.21 ? 2001 TRP D CE2 1 
ATOM   1082 C CE3 . TRP D 2 1  ? -11.291 1.620   -4.532  1.00 22.51 ? 2001 TRP D CE3 1 
ATOM   1083 C CZ2 . TRP D 2 1  ? -11.067 1.410   -1.692  1.00 22.54 ? 2001 TRP D CZ2 1 
ATOM   1084 C CZ3 . TRP D 2 1  ? -11.980 0.641   -3.821  1.00 21.77 ? 2001 TRP D CZ3 1 
ATOM   1085 C CH2 . TRP D 2 1  ? -11.859 0.531   -2.411  1.00 21.83 ? 2001 TRP D CH2 1 
ATOM   1086 N N   . ARG D 2 2  ? -12.790 4.784   -5.313  1.00 26.98 ? 2002 ARG D N   1 
ATOM   1087 C CA  . ARG D 2 2  ? -14.128 4.150   -5.377  1.00 27.68 ? 2002 ARG D CA  1 
ATOM   1088 C C   . ARG D 2 2  ? -14.865 4.519   -6.673  1.00 31.16 ? 2002 ARG D C   1 
ATOM   1089 O O   . ARG D 2 2  ? -15.695 3.754   -7.195  1.00 28.28 ? 2002 ARG D O   1 
ATOM   1090 C CB  . ARG D 2 2  ? -14.992 4.567   -4.182  1.00 27.99 ? 2002 ARG D CB  1 
ATOM   1091 C CG  . ARG D 2 2  ? -14.578 3.974   -2.849  1.00 26.80 ? 2002 ARG D CG  1 
ATOM   1092 C CD  . ARG D 2 2  ? -15.033 2.538   -2.739  1.00 26.77 ? 2002 ARG D CD  1 
ATOM   1093 N NE  . ARG D 2 2  ? -14.660 2.008   -1.435  1.00 27.07 ? 2002 ARG D NE  1 
ATOM   1094 C CZ  . ARG D 2 2  ? -14.953 0.779   -1.022  1.00 27.93 ? 2002 ARG D CZ  1 
ATOM   1095 N NH1 . ARG D 2 2  ? -14.569 0.387   0.179   1.00 26.49 ? 2002 ARG D NH1 1 
ATOM   1096 N NH2 . ARG D 2 2  ? -15.616 -0.058  -1.819  1.00 26.42 ? 2002 ARG D NH2 1 
ATOM   1097 N N   . ASP D 2 3  ? -14.576 5.721   -7.170  1.00 32.42 ? 2003 ASP D N   1 
ATOM   1098 C CA  . ASP D 2 3  ? -15.149 6.184   -8.415  1.00 35.76 ? 2003 ASP D CA  1 
ATOM   1099 C C   . ASP D 2 3  ? -14.159 6.025   -9.568  1.00 32.85 ? 2003 ASP D C   1 
ATOM   1100 O O   . ASP D 2 3  ? -14.403 6.495   -10.671 1.00 36.07 ? 2003 ASP D O   1 
ATOM   1101 C CB  . ASP D 2 3  ? -15.590 7.649   -8.266  1.00 38.81 ? 2003 ASP D CB  1 
ATOM   1102 C CG  . ASP D 2 3  ? -14.513 8.542   -7.639  1.00 43.78 ? 2003 ASP D CG  1 
ATOM   1103 O OD1 . ASP D 2 3  ? -14.780 9.755   -7.531  1.00 50.39 ? 2003 ASP D OD1 1 
ATOM   1104 O OD2 . ASP D 2 3  ? -13.421 8.057   -7.237  1.00 42.35 ? 2003 ASP D OD2 1 
ATOM   1105 N N   . SER D 2 4  ? -13.040 5.349   -9.326  1.00 30.73 ? 2004 SER D N   1 
ATOM   1106 C CA  . SER D 2 4  ? -12.000 5.245   -10.352 1.00 30.19 ? 2004 SER D CA  1 
ATOM   1107 C C   . SER D 2 4  ? -12.373 4.246   -11.446 1.00 33.89 ? 2004 SER D C   1 
ATOM   1108 O O   . SER D 2 4  ? -13.105 3.253   -11.199 1.00 33.57 ? 2004 SER D O   1 
ATOM   1109 C CB  . SER D 2 4  ? -10.633 4.899   -9.741  1.00 29.92 ? 2004 SER D CB  1 
ATOM   1110 O OG  . SER D 2 4  ? -10.605 3.537   -9.297  1.00 27.57 ? 2004 SER D OG  1 
ATOM   1111 N N   . SER D 2 5  ? -11.873 4.518   -12.647 1.00 30.65 ? 2005 SER D N   1 
ATOM   1112 C CA  . SER D 2 5  ? -12.026 3.634   -13.792 1.00 32.13 ? 2005 SER D CA  1 
ATOM   1113 C C   . SER D 2 5  ? -11.641 2.198   -13.462 1.00 31.34 ? 2005 SER D C   1 
ATOM   1114 O O   . SER D 2 5  ? -12.428 1.266   -13.651 1.00 31.80 ? 2005 SER D O   1 
ATOM   1115 C CB  . SER D 2 5  ? -11.147 4.125   -14.936 1.00 32.80 ? 2005 SER D CB  1 
ATOM   1116 O OG  . SER D 2 5  ? -11.346 3.292   -16.047 1.00 37.57 ? 2005 SER D OG  1 
ATOM   1117 N N   . GLY D 2 6  ? -10.424 2.032   -12.955 1.00 29.04 ? 2006 GLY D N   1 
ATOM   1118 C CA  . GLY D 2 6  ? -9.872  0.714   -12.652 1.00 27.34 ? 2006 GLY D CA  1 
ATOM   1119 C C   . GLY D 2 6  ? -10.721 -0.077  -11.672 1.00 25.23 ? 2006 GLY D C   1 
ATOM   1120 O O   . GLY D 2 6  ? -10.836 -1.302  -11.795 1.00 27.99 ? 2006 GLY D O   1 
ATOM   1121 N N   . TYR D 2 7  ? -11.342 0.617   -10.724 1.00 23.28 ? 2007 TYR D N   1 
ATOM   1122 C CA  . TYR D 2 7  ? -12.210 -0.079  -9.773  1.00 22.18 ? 2007 TYR D CA  1 
ATOM   1123 C C   . TYR D 2 7  ? -13.595 -0.394  -10.395 1.00 23.62 ? 2007 TYR D C   1 
ATOM   1124 O O   . TYR D 2 7  ? -13.994 -1.568  -10.492 1.00 24.62 ? 2007 TYR D O   1 
ATOM   1125 C CB  . TYR D 2 7  ? -12.320 0.695   -8.456  1.00 20.67 ? 2007 TYR D CB  1 
ATOM   1126 C CG  . TYR D 2 7  ? -13.272 0.052   -7.467  1.00 19.85 ? 2007 TYR D CG  1 
ATOM   1127 C CD1 . TYR D 2 7  ? -13.010 -1.235  -6.947  1.00 19.79 ? 2007 TYR D CD1 1 
ATOM   1128 C CD2 . TYR D 2 7  ? -14.451 0.695   -7.085  1.00 19.80 ? 2007 TYR D CD2 1 
ATOM   1129 C CE1 . TYR D 2 7  ? -13.894 -1.838  -6.057  1.00 19.84 ? 2007 TYR D CE1 1 
ATOM   1130 C CE2 . TYR D 2 7  ? -15.337 0.101   -6.177  1.00 21.13 ? 2007 TYR D CE2 1 
ATOM   1131 C CZ  . TYR D 2 7  ? -15.056 -1.180  -5.680  1.00 20.94 ? 2007 TYR D CZ  1 
ATOM   1132 O OH  . TYR D 2 7  ? -15.935 -1.791  -4.795  1.00 20.32 ? 2007 TYR D OH  1 
ATOM   1133 N N   . VAL D 2 8  ? -14.284 0.663   -10.832 1.00 22.62 ? 2008 VAL D N   1 
ATOM   1134 C CA  . VAL D 2 8  ? -15.619 0.622   -11.432 1.00 24.28 ? 2008 VAL D CA  1 
ATOM   1135 C C   . VAL D 2 8  ? -15.819 -0.395  -12.582 1.00 24.52 ? 2008 VAL D C   1 
ATOM   1136 O O   . VAL D 2 8  ? -16.880 -1.019  -12.668 1.00 24.28 ? 2008 VAL D O   1 
ATOM   1137 C CB  . VAL D 2 8  ? -16.054 2.068   -11.838 1.00 26.28 ? 2008 VAL D CB  1 
ATOM   1138 C CG1 . VAL D 2 8  ? -17.121 2.076   -12.924 1.00 28.30 ? 2008 VAL D CG1 1 
ATOM   1139 C CG2 . VAL D 2 8  ? -16.510 2.858   -10.601 1.00 25.73 ? 2008 VAL D CG2 1 
ATOM   1140 N N   . MET D 2 9  ? -14.824 -0.544  -13.458 1.00 24.53 ? 2009 MET D N   1 
ATOM   1141 C CA  A MET D 2 9  ? -14.898 -1.472  -14.593 0.60 25.54 ? 2009 MET D CA  1 
ATOM   1142 C CA  B MET D 2 9  ? -14.951 -1.466  -14.591 0.40 24.97 ? 2009 MET D CA  1 
ATOM   1143 C C   . MET D 2 9  ? -14.947 -2.942  -14.170 1.00 24.22 ? 2009 MET D C   1 
ATOM   1144 O O   . MET D 2 9  ? -15.453 -3.805  -14.911 1.00 25.11 ? 2009 MET D O   1 
ATOM   1145 C CB  A MET D 2 9  ? -13.706 -1.261  -15.530 0.60 28.88 ? 2009 MET D CB  1 
ATOM   1146 C CB  B MET D 2 9  ? -13.874 -1.203  -15.655 0.40 26.75 ? 2009 MET D CB  1 
ATOM   1147 C CG  A MET D 2 9  ? -13.656 0.128   -16.146 0.60 34.02 ? 2009 MET D CG  1 
ATOM   1148 C CG  B MET D 2 9  ? -14.138 0.015   -16.543 0.40 28.99 ? 2009 MET D CG  1 
ATOM   1149 S SD  A MET D 2 9  ? -12.427 0.275   -17.451 0.60 40.70 ? 2009 MET D SD  1 
ATOM   1150 S SD  B MET D 2 9  ? -15.834 0.207   -17.136 0.40 31.47 ? 2009 MET D SD  1 
ATOM   1151 C CE  A MET D 2 9  ? -13.386 -0.255  -18.866 0.60 37.94 ? 2009 MET D CE  1 
ATOM   1152 C CE  B MET D 2 9  ? -16.140 -1.347  -17.983 0.40 30.69 ? 2009 MET D CE  1 
ATOM   1153 N N   . GLY D 2 10 ? -14.412 -3.235  -12.983 1.00 21.83 ? 2010 GLY D N   1 
ATOM   1154 C CA  . GLY D 2 10 ? -14.311 -4.634  -12.499 1.00 22.18 ? 2010 GLY D CA  1 
ATOM   1155 C C   . GLY D 2 10 ? -13.188 -5.407  -13.157 1.00 21.43 ? 2010 GLY D C   1 
ATOM   1156 O O   . GLY D 2 10 ? -12.472 -4.857  -14.004 1.00 23.11 ? 2010 GLY D O   1 
ATOM   1157 N N   . PRO D 2 11 ? -13.000 -6.685  -12.762 1.00 20.68 ? 2011 PRO D N   1 
ATOM   1158 C CA  . PRO D 2 11 ? -11.797 -7.458  -13.124 1.00 20.33 ? 2011 PRO D CA  1 
ATOM   1159 C C   . PRO D 2 11 ? -11.762 -8.163  -14.493 1.00 20.50 ? 2011 PRO D C   1 
ATOM   1160 O O   . PRO D 2 11 ? -10.706 -8.668  -14.880 1.00 21.74 ? 2011 PRO D O   1 
ATOM   1161 C CB  . PRO D 2 11 ? -11.761 -8.535  -12.033 1.00 19.51 ? 2011 PRO D CB  1 
ATOM   1162 C CG  . PRO D 2 11 ? -13.214 -8.786  -11.743 1.00 19.79 ? 2011 PRO D CG  1 
ATOM   1163 C CD  . PRO D 2 11 ? -13.864 -7.429  -11.819 1.00 20.99 ? 2011 PRO D CD  1 
ATOM   1164 N N   . TRP D 2 12 ? -12.895 -8.243  -15.197 1.00 21.84 ? 2012 TRP D N   1 
ATOM   1165 C CA  . TRP D 2 12 ? -13.029 -9.138  -16.363 1.00 22.49 ? 2012 TRP D CA  1 
ATOM   1166 C C   . TRP D 2 12 ? -12.650 -8.519  -17.703 1.00 25.59 ? 2012 TRP D C   1 
ATOM   1167 O O   . TRP D 2 12 ? -12.229 -9.225  -18.636 1.00 25.61 ? 2012 TRP D O   1 
ATOM   1168 C CB  . TRP D 2 12 ? -14.463 -9.695  -16.440 1.00 21.48 ? 2012 TRP D CB  1 
ATOM   1169 C CG  . TRP D 2 12 ? -14.834 -10.504 -15.221 1.00 18.76 ? 2012 TRP D CG  1 
ATOM   1170 C CD1 . TRP D 2 12 ? -15.788 -10.183 -14.285 1.00 19.62 ? 2012 TRP D CD1 1 
ATOM   1171 C CD2 . TRP D 2 12 ? -14.273 -11.761 -14.809 1.00 17.58 ? 2012 TRP D CD2 1 
ATOM   1172 N NE1 . TRP D 2 12 ? -15.857 -11.165 -13.326 1.00 17.92 ? 2012 TRP D NE1 1 
ATOM   1173 C CE2 . TRP D 2 12 ? -14.942 -12.144 -13.618 1.00 18.71 ? 2012 TRP D CE2 1 
ATOM   1174 C CE3 . TRP D 2 12 ? -13.273 -12.594 -15.322 1.00 17.89 ? 2012 TRP D CE3 1 
ATOM   1175 C CZ2 . TRP D 2 12 ? -14.649 -13.332 -12.939 1.00 17.51 ? 2012 TRP D CZ2 1 
ATOM   1176 C CZ3 . TRP D 2 12 ? -12.973 -13.789 -14.643 1.00 18.28 ? 2012 TRP D CZ3 1 
ATOM   1177 C CH2 . TRP D 2 12 ? -13.671 -14.144 -13.467 1.00 18.76 ? 2012 TRP D CH2 1 
ATOM   1178 O OXT . TRP D 2 12 ? -12.768 -7.306  -17.859 1.00 27.05 ? 2012 TRP D OXT 1 
ATOM   1179 N N   . VAL E 2 8  ? -25.485 -17.840 -3.673  1.00 39.42 ? 2011 VAL E N   1 
ATOM   1180 C CA  . VAL E 2 8  ? -25.126 -17.244 -5.001  1.00 39.95 ? 2011 VAL E CA  1 
ATOM   1181 C C   . VAL E 2 8  ? -24.119 -16.088 -4.837  1.00 36.49 ? 2011 VAL E C   1 
ATOM   1182 O O   . VAL E 2 8  ? -24.369 -15.108 -4.121  1.00 38.00 ? 2011 VAL E O   1 
ATOM   1183 C CB  . VAL E 2 8  ? -26.394 -16.812 -5.800  1.00 43.12 ? 2011 VAL E CB  1 
ATOM   1184 C CG1 . VAL E 2 8  ? -26.048 -15.969 -7.030  1.00 40.75 ? 2011 VAL E CG1 1 
ATOM   1185 C CG2 . VAL E 2 8  ? -27.215 -18.036 -6.195  1.00 41.73 ? 2011 VAL E CG2 1 
ATOM   1186 N N   . MET E 2 9  ? -22.977 -16.226 -5.497  1.00 30.84 ? 2012 MET E N   1 
ATOM   1187 C CA  . MET E 2 9  ? -21.943 -15.189 -5.512  1.00 29.83 ? 2012 MET E CA  1 
ATOM   1188 C C   . MET E 2 9  ? -22.316 -14.027 -6.425  1.00 26.98 ? 2012 MET E C   1 
ATOM   1189 O O   . MET E 2 9  ? -23.115 -14.182 -7.359  1.00 24.85 ? 2012 MET E O   1 
ATOM   1190 C CB  . MET E 2 9  ? -20.609 -15.768 -6.023  1.00 32.11 ? 2012 MET E CB  1 
ATOM   1191 C CG  . MET E 2 9  ? -20.105 -17.054 -5.359  1.00 37.34 ? 2012 MET E CG  1 
ATOM   1192 S SD  . MET E 2 9  ? -19.663 -16.890 -3.617  1.00 39.45 ? 2012 MET E SD  1 
ATOM   1193 C CE  . MET E 2 9  ? -21.012 -17.812 -2.861  1.00 39.28 ? 2012 MET E CE  1 
ATOM   1194 N N   . GLY E 2 10 ? -21.701 -12.873 -6.168  1.00 25.21 ? 2013 GLY E N   1 
ATOM   1195 C CA  . GLY E 2 10 ? -21.750 -11.744 -7.095  1.00 23.09 ? 2013 GLY E CA  1 
ATOM   1196 C C   . GLY E 2 10 ? -20.967 -12.114 -8.349  1.00 21.81 ? 2013 GLY E C   1 
ATOM   1197 O O   . GLY E 2 10 ? -20.444 -13.234 -8.460  1.00 22.84 ? 2013 GLY E O   1 
ATOM   1198 N N   . PRO E 2 11 ? -20.896 -11.188 -9.308  1.00 21.64 ? 2014 PRO E N   1 
ATOM   1199 C CA  . PRO E 2 11 ? -20.278 -11.411 -10.618 1.00 21.53 ? 2014 PRO E CA  1 
ATOM   1200 C C   . PRO E 2 11 ? -18.739 -11.288 -10.611 1.00 21.57 ? 2014 PRO E C   1 
ATOM   1201 O O   . PRO E 2 11 ? -18.043 -11.743 -11.566 1.00 21.05 ? 2014 PRO E O   1 
ATOM   1202 C CB  . PRO E 2 11 ? -20.895 -10.298 -11.472 1.00 21.78 ? 2014 PRO E CB  1 
ATOM   1203 C CG  . PRO E 2 11 ? -21.223 -9.194  -10.509 1.00 22.21 ? 2014 PRO E CG  1 
ATOM   1204 C CD  . PRO E 2 11 ? -21.506 -9.852  -9.182  1.00 21.52 ? 2014 PRO E CD  1 
ATOM   1205 N N   . TRP E 2 12 ? -18.208 -10.664 -9.556  1.00 20.29 ? 2015 TRP E N   1 
ATOM   1206 C CA  . TRP E 2 12 ? -16.778 -10.339 -9.524  1.00 20.70 ? 2015 TRP E CA  1 
ATOM   1207 C C   . TRP E 2 12 ? -16.013 -11.074 -8.430  1.00 20.18 ? 2015 TRP E C   1 
ATOM   1208 O O   . TRP E 2 12 ? -16.552 -11.858 -7.654  1.00 21.31 ? 2015 TRP E O   1 
ATOM   1209 C CB  . TRP E 2 12 ? -16.574 -8.831  -9.318  1.00 21.64 ? 2015 TRP E CB  1 
ATOM   1210 C CG  . TRP E 2 12 ? -17.091 -7.920  -10.429 1.00 22.27 ? 2015 TRP E CG  1 
ATOM   1211 C CD1 . TRP E 2 12 ? -17.655 -8.277  -11.642 1.00 22.46 ? 2015 TRP E CD1 1 
ATOM   1212 C CD2 . TRP E 2 12 ? -17.031 -6.492  -10.418 1.00 22.85 ? 2015 TRP E CD2 1 
ATOM   1213 N NE1 . TRP E 2 12 ? -17.978 -7.130  -12.360 1.00 23.03 ? 2015 TRP E NE1 1 
ATOM   1214 C CE2 . TRP E 2 12 ? -17.588 -6.030  -11.636 1.00 23.44 ? 2015 TRP E CE2 1 
ATOM   1215 C CE3 . TRP E 2 12 ? -16.540 -5.549  -9.494  1.00 23.10 ? 2015 TRP E CE3 1 
ATOM   1216 C CZ2 . TRP E 2 12 ? -17.685 -4.659  -11.944 1.00 22.82 ? 2015 TRP E CZ2 1 
ATOM   1217 C CZ3 . TRP E 2 12 ? -16.647 -4.180  -9.805  1.00 24.27 ? 2015 TRP E CZ3 1 
ATOM   1218 C CH2 . TRP E 2 12 ? -17.219 -3.760  -11.018 1.00 23.08 ? 2015 TRP E CH2 1 
ATOM   1219 O OXT . TRP E 2 12 ? -14.815 -10.852 -8.285  1.00 19.23 ? 2015 TRP E OXT 1 
HETATM 1220 X UNK . UNX F 3 .  ? -6.083  4.574   0.118   1.00 30.00 ? 1001 UNX A UNK 1 
HETATM 1221 X UNK . UNX G 3 .  ? 8.596   8.763   20.826  1.00 30.00 ? 1002 UNX A UNK 1 
HETATM 1222 X UNK . UNX H 3 .  ? -4.164  18.605  0.625   1.00 30.00 ? 2101 UNX C UNK 1 
HETATM 1223 X UNK . UNX I 3 .  ? -2.672  20.527  1.992   1.00 30.00 ? 2102 UNX C UNK 1 
HETATM 1224 X UNK . UNX J 3 .  ? -6.054  13.653  9.211   1.00 30.00 ? 2103 UNX C UNK 1 
HETATM 1225 X UNK . UNX K 3 .  ? -2.547  -4.315  -19.357 1.00 30.00 ? 1001 UNX B UNK 1 
HETATM 1226 X UNK . UNX L 3 .  ? -12.579 -4.797  2.283   1.00 30.00 ? 1002 UNX B UNK 1 
HETATM 1227 X UNK . UNX M 3 .  ? 1.228   -11.686 10.964  1.00 30.00 ? 1003 UNX B UNK 1 
HETATM 1228 X UNK . UNX N 3 .  ? 8.920   -6.353  -11.215 1.00 30.00 ? 1004 UNX B UNK 1 
HETATM 1229 X UNK . UNX O 3 .  ? 5.988   -6.232  -10.956 1.00 30.00 ? 1005 UNX B UNK 1 
HETATM 1230 X UNK . UNX P 3 .  ? -9.620  8.193   -8.628  1.00 30.00 ? 2101 UNX D UNK 1 
HETATM 1231 O O   . HOH Q 4 .  ? 3.753   1.137   -0.700  1.00 12.68 ? 1101 HOH A O   1 
HETATM 1232 O O   . HOH Q 4 .  ? 12.297  4.919   15.083  1.00 33.18 ? 1102 HOH A O   1 
HETATM 1233 O O   . HOH Q 4 .  ? 15.457  11.334  9.946   1.00 23.55 ? 1103 HOH A O   1 
HETATM 1234 O O   . HOH Q 4 .  ? 13.011  10.006  9.779   1.00 25.78 ? 1104 HOH A O   1 
HETATM 1235 O O   . HOH Q 4 .  ? 7.965   22.044  6.476   1.00 36.87 ? 1105 HOH A O   1 
HETATM 1236 O O   . HOH Q 4 .  ? -6.421  0.517   3.201   1.00 50.64 ? 1106 HOH A O   1 
HETATM 1237 O O   . HOH Q 4 .  ? 19.085  10.639  7.953   1.00 34.65 ? 1107 HOH A O   1 
HETATM 1238 O O   . HOH Q 4 .  ? 8.631   12.888  15.086  1.00 24.78 ? 1108 HOH A O   1 
HETATM 1239 O O   . HOH Q 4 .  ? 11.057  12.779  -4.629  1.00 28.97 ? 1109 HOH A O   1 
HETATM 1240 O O   . HOH Q 4 .  ? 14.924  3.572   12.705  1.00 23.77 ? 1110 HOH A O   1 
HETATM 1241 O O   A HOH Q 4 .  ? 12.339  15.257  8.856   0.50 21.92 ? 1111 HOH A O   1 
HETATM 1242 O O   B HOH Q 4 .  ? 11.198  16.259  8.259   0.50 18.64 ? 1111 HOH A O   1 
HETATM 1243 O O   A HOH Q 4 .  ? 22.618  6.528   4.583   0.50 15.94 ? 1112 HOH A O   1 
HETATM 1244 O O   B HOH Q 4 .  ? 22.659  8.142   4.522   0.50 23.15 ? 1112 HOH A O   1 
HETATM 1245 O O   . HOH Q 4 .  ? 9.126   13.982  10.753  1.00 32.10 ? 1113 HOH A O   1 
HETATM 1246 O O   . HOH Q 4 .  ? 18.966  8.266   6.122   1.00 29.21 ? 1114 HOH A O   1 
HETATM 1247 O O   . HOH Q 4 .  ? 6.121   -6.984  -0.664  1.00 31.20 ? 1115 HOH A O   1 
HETATM 1248 O O   A HOH Q 4 .  ? 20.243  4.714   0.029   0.70 17.52 ? 1116 HOH A O   1 
HETATM 1249 O O   B HOH Q 4 .  ? 21.357  5.985   0.854   0.30 17.14 ? 1116 HOH A O   1 
HETATM 1250 O O   . HOH Q 4 .  ? 14.543  -2.765  -0.863  1.00 31.12 ? 1117 HOH A O   1 
HETATM 1251 O O   . HOH Q 4 .  ? 2.474   -0.801  12.561  1.00 32.77 ? 1118 HOH A O   1 
HETATM 1252 O O   . HOH Q 4 .  ? 6.527   -7.160  10.095  1.00 35.82 ? 1119 HOH A O   1 
HETATM 1253 O O   . HOH Q 4 .  ? 17.829  4.449   8.839   1.00 22.13 ? 1120 HOH A O   1 
HETATM 1254 O O   . HOH Q 4 .  ? -6.771  9.792   0.490   1.00 47.06 ? 1121 HOH A O   1 
HETATM 1255 O O   . HOH Q 4 .  ? 3.675   19.115  5.144   1.00 38.90 ? 1122 HOH A O   1 
HETATM 1256 O O   . HOH Q 4 .  ? 15.157  8.429   -4.616  1.00 32.99 ? 1123 HOH A O   1 
HETATM 1257 O O   . HOH Q 4 .  ? 4.737   3.839   17.283  1.00 47.64 ? 1124 HOH A O   1 
HETATM 1258 O O   . HOH Q 4 .  ? 4.689   -6.180  8.221   1.00 32.85 ? 1125 HOH A O   1 
HETATM 1259 O O   . HOH Q 4 .  ? 13.746  11.932  -1.831  1.00 26.28 ? 1126 HOH A O   1 
HETATM 1260 O O   . HOH Q 4 .  ? 9.191   9.060   17.026  1.00 42.73 ? 1127 HOH A O   1 
HETATM 1261 O O   . HOH Q 4 .  ? 8.708   17.449  13.999  1.00 43.26 ? 1128 HOH A O   1 
HETATM 1262 O O   . HOH Q 4 .  ? 22.454  10.793  3.177   1.00 53.22 ? 1129 HOH A O   1 
HETATM 1263 O O   . HOH Q 4 .  ? 15.231  11.870  12.861  1.00 34.27 ? 1130 HOH A O   1 
HETATM 1264 O O   . HOH Q 4 .  ? 9.395   21.864  0.397   1.00 44.86 ? 1131 HOH A O   1 
HETATM 1265 O O   . HOH Q 4 .  ? 12.150  19.436  6.011   1.00 48.78 ? 1132 HOH A O   1 
HETATM 1266 O O   . HOH Q 4 .  ? -1.482  2.331   13.680  1.00 35.65 ? 1133 HOH A O   1 
HETATM 1267 O O   . HOH Q 4 .  ? 5.281   14.094  12.168  1.00 29.89 ? 1134 HOH A O   1 
HETATM 1268 O O   . HOH Q 4 .  ? 13.538  10.622  -4.982  1.00 32.85 ? 1135 HOH A O   1 
HETATM 1269 O O   . HOH Q 4 .  ? 6.400   1.786   17.100  1.00 50.81 ? 1136 HOH A O   1 
HETATM 1270 O O   . HOH Q 4 .  ? 14.070  18.581  0.401   1.00 48.19 ? 1137 HOH A O   1 
HETATM 1271 O O   . HOH Q 4 .  ? -6.244  4.311   6.989   1.00 37.16 ? 1138 HOH A O   1 
HETATM 1272 O O   . HOH Q 4 .  ? 21.039  12.861  0.442   1.00 44.64 ? 1139 HOH A O   1 
HETATM 1273 O O   . HOH Q 4 .  ? 11.739  -8.634  1.416   1.00 46.24 ? 1140 HOH A O   1 
HETATM 1274 O O   . HOH Q 4 .  ? 9.678   -1.318  12.112  1.00 37.75 ? 1141 HOH A O   1 
HETATM 1275 O O   . HOH Q 4 .  ? 11.932  0.675   11.582  1.00 37.63 ? 1142 HOH A O   1 
HETATM 1276 O O   . HOH Q 4 .  ? 12.259  2.560   13.678  1.00 41.04 ? 1143 HOH A O   1 
HETATM 1277 O O   . HOH Q 4 .  ? -3.348  16.068  3.345   1.00 47.63 ? 1144 HOH A O   1 
HETATM 1278 O O   . HOH Q 4 .  ? 8.088   -9.808  3.369   1.00 38.74 ? 1145 HOH A O   1 
HETATM 1279 O O   . HOH Q 4 .  ? 9.789   14.975  13.487  1.00 46.61 ? 1146 HOH A O   1 
HETATM 1280 O O   . HOH Q 4 .  ? 0.367   1.528   15.752  1.00 45.46 ? 1147 HOH A O   1 
HETATM 1281 O O   . HOH R 4 .  ? -2.383  8.192   18.582  1.00 31.79 ? 2201 HOH C O   1 
HETATM 1282 O O   . HOH R 4 .  ? -5.351  15.600  6.522   1.00 44.73 ? 2202 HOH C O   1 
HETATM 1283 O O   . HOH R 4 .  ? -1.356  17.858  3.398   1.00 25.47 ? 2203 HOH C O   1 
HETATM 1284 O O   . HOH R 4 .  ? 0.711   3.870   17.588  1.00 38.47 ? 2204 HOH C O   1 
HETATM 1285 O O   . HOH R 4 .  ? 3.617   12.785  14.850  1.00 29.20 ? 2205 HOH C O   1 
HETATM 1286 O O   . HOH R 4 .  ? -6.873  12.123  13.881  1.00 34.78 ? 2206 HOH C O   1 
HETATM 1287 O O   . HOH R 4 .  ? 3.604   16.985  15.158  1.00 25.84 ? 2207 HOH C O   1 
HETATM 1288 O O   . HOH R 4 .  ? -5.014  18.201  6.138   1.00 57.64 ? 2208 HOH C O   1 
HETATM 1289 O O   . HOH R 4 .  ? -0.370  15.687  20.018  1.00 36.32 ? 2209 HOH C O   1 
HETATM 1290 O O   . HOH S 4 .  ? 3.202   -1.716  -1.072  1.00 15.62 ? 1101 HOH B O   1 
HETATM 1291 O O   . HOH S 4 .  ? -10.117 -16.215 -6.674  1.00 22.98 ? 1102 HOH B O   1 
HETATM 1292 O O   . HOH S 4 .  ? 1.009   0.932   -1.494  1.00 19.70 ? 1103 HOH B O   1 
HETATM 1293 O O   . HOH S 4 .  ? 0.403   -1.754  -0.279  1.00 23.77 ? 1104 HOH B O   1 
HETATM 1294 O O   . HOH S 4 .  ? -15.246 -7.326  2.773   1.00 35.99 ? 1105 HOH B O   1 
HETATM 1295 O O   . HOH S 4 .  ? -13.915 -12.632 -0.709  1.00 26.75 ? 1106 HOH B O   1 
HETATM 1296 O O   . HOH S 4 .  ? 4.177   -4.276  -1.020  1.00 24.36 ? 1107 HOH B O   1 
HETATM 1297 O O   . HOH S 4 .  ? 2.604   -2.221  -8.291  1.00 33.69 ? 1108 HOH B O   1 
HETATM 1298 O O   . HOH S 4 .  ? -6.931  0.127   -11.149 1.00 30.41 ? 1109 HOH B O   1 
HETATM 1299 O O   . HOH S 4 .  ? -3.300  3.171   -9.151  1.00 35.65 ? 1110 HOH B O   1 
HETATM 1300 O O   . HOH S 4 .  ? 3.696   3.305   -8.233  1.00 27.04 ? 1111 HOH B O   1 
HETATM 1301 O O   . HOH S 4 .  ? -18.981 -10.303 -6.457  1.00 29.73 ? 1112 HOH B O   1 
HETATM 1302 O O   . HOH S 4 .  ? -10.681 -0.007  1.725   1.00 28.21 ? 1113 HOH B O   1 
HETATM 1303 O O   . HOH S 4 .  ? 5.706   -5.404  -3.085  1.00 28.00 ? 1114 HOH B O   1 
HETATM 1304 O O   . HOH S 4 .  ? -5.554  -18.610 0.157   1.00 43.99 ? 1115 HOH B O   1 
HETATM 1305 O O   . HOH S 4 .  ? 3.670   -16.659 0.545   1.00 41.19 ? 1116 HOH B O   1 
HETATM 1306 O O   . HOH S 4 .  ? -22.194 -11.936 -2.987  1.00 45.73 ? 1117 HOH B O   1 
HETATM 1307 O O   . HOH S 4 .  ? -16.211 -9.959  2.017   1.00 36.13 ? 1118 HOH B O   1 
HETATM 1308 O O   . HOH S 4 .  ? 3.826   -10.722 -12.617 1.00 50.84 ? 1119 HOH B O   1 
HETATM 1309 O O   . HOH S 4 .  ? -6.225  0.911   -13.586 1.00 43.44 ? 1120 HOH B O   1 
HETATM 1310 O O   . HOH S 4 .  ? -3.652  5.075   -7.026  1.00 45.54 ? 1121 HOH B O   1 
HETATM 1311 O O   . HOH S 4 .  ? -0.645  -14.871 -13.988 1.00 39.88 ? 1122 HOH B O   1 
HETATM 1312 O O   . HOH S 4 .  ? 5.632   -2.753  -7.538  1.00 46.70 ? 1123 HOH B O   1 
HETATM 1313 O O   . HOH S 4 .  ? -1.981  4.955   -11.274 1.00 38.51 ? 1124 HOH B O   1 
HETATM 1314 O O   . HOH S 4 .  ? -1.431  5.454   -3.989  1.00 35.34 ? 1125 HOH B O   1 
HETATM 1315 O O   . HOH S 4 .  ? -3.594  -7.297  7.931   1.00 34.38 ? 1126 HOH B O   1 
HETATM 1316 O O   . HOH S 4 .  ? 7.683   -8.988  0.706   1.00 40.03 ? 1127 HOH B O   1 
HETATM 1317 O O   A HOH S 4 .  ? -2.318  -1.449  -11.506 0.70 39.33 ? 1128 HOH B O   1 
HETATM 1318 O O   B HOH S 4 .  ? -0.820  -2.640  -11.513 0.30 20.83 ? 1128 HOH B O   1 
HETATM 1319 O O   . HOH S 4 .  ? -9.967  -4.109  3.414   1.00 42.79 ? 1129 HOH B O   1 
HETATM 1320 O O   . HOH S 4 .  ? -16.866 -1.603  1.524   1.00 36.89 ? 1130 HOH B O   1 
HETATM 1321 O O   . HOH S 4 .  ? -13.545 -15.078 0.210   1.00 42.99 ? 1131 HOH B O   1 
HETATM 1322 O O   . HOH S 4 .  ? -2.443  8.005   -7.819  1.00 35.20 ? 1132 HOH B O   1 
HETATM 1323 O O   . HOH S 4 .  ? -5.008  -20.503 -1.979  1.00 52.20 ? 1133 HOH B O   1 
HETATM 1324 O O   . HOH S 4 .  ? -7.736  -15.749 -0.010  1.00 34.85 ? 1134 HOH B O   1 
HETATM 1325 O O   . HOH T 4 .  ? -11.313 -9.714  -21.003 1.00 27.36 ? 2201 HOH D O   1 
HETATM 1326 O O   . HOH T 4 .  ? -17.924 2.068   -7.210  1.00 22.01 ? 2202 HOH D O   1 
HETATM 1327 O O   . HOH T 4 .  ? -18.070 -0.563  -8.481  1.00 24.23 ? 2203 HOH D O   1 
HETATM 1328 O O   . HOH T 4 .  ? -8.277  3.648   -12.688 1.00 35.89 ? 2204 HOH D O   1 
HETATM 1329 O O   . HOH T 4 .  ? -16.308 8.395   -10.837 1.00 44.43 ? 2205 HOH D O   1 
HETATM 1330 O O   . HOH T 4 .  ? -15.350 -6.661  -15.200 1.00 22.87 ? 2206 HOH D O   1 
HETATM 1331 O O   . HOH T 4 .  ? -13.184 3.729   0.178   1.00 36.43 ? 2207 HOH D O   1 
HETATM 1332 O O   . HOH T 4 .  ? -18.643 -2.326  -14.750 1.00 37.34 ? 2208 HOH D O   1 
HETATM 1333 O O   . HOH U 4 .  ? -17.936 -14.121 -8.278  1.00 18.20 ? 2101 HOH E O   1 
# 
loop_
_pdbx_poly_seq_scheme.asym_id 
_pdbx_poly_seq_scheme.entity_id 
_pdbx_poly_seq_scheme.seq_id 
_pdbx_poly_seq_scheme.mon_id 
_pdbx_poly_seq_scheme.ndb_seq_num 
_pdbx_poly_seq_scheme.pdb_seq_num 
_pdbx_poly_seq_scheme.auth_seq_num 
_pdbx_poly_seq_scheme.pdb_mon_id 
_pdbx_poly_seq_scheme.auth_mon_id 
_pdbx_poly_seq_scheme.pdb_strand_id 
_pdbx_poly_seq_scheme.pdb_ins_code 
_pdbx_poly_seq_scheme.hetero 
A 1 1  GLY 1  904  ?    ?   ?   A . n 
A 1 2  ALA 2  905  ?    ?   ?   A . n 
A 1 3  ALA 3  906  ?    ?   ?   A . n 
A 1 4  GLN 4  907  ?    ?   ?   A . n 
A 1 5  PRO 5  908  ?    ?   ?   A . n 
A 1 6  ALA 6  909  ?    ?   ?   A . n 
A 1 7  MET 7  910  ?    ?   ?   A . n 
A 1 8  ALA 8  911  ?    ?   ?   A . n 
A 1 9  GLN 9  912  ?    ?   ?   A . n 
A 1 10 GLY 10 913  ?    ?   ?   A . n 
A 1 11 ALA 11 914  ?    ?   ?   A . n 
A 1 12 LEU 12 915  915  LEU LEU A . n 
A 1 13 LEU 13 916  916  LEU LEU A . n 
A 1 14 GLN 14 917  917  GLN GLN A . n 
A 1 15 ALA 15 918  918  ALA ALA A . n 
A 1 16 GLN 16 919  919  GLN GLN A . n 
A 1 17 ALA 17 920  920  ALA ALA A . n 
A 1 18 LEU 18 921  921  LEU LEU A . n 
A 1 19 TYR 19 922  922  TYR TYR A . n 
A 1 20 PRO 20 923  923  PRO PRO A . n 
A 1 21 TRP 21 924  924  TRP TRP A . n 
A 1 22 ARG 22 925  925  ARG ARG A . n 
A 1 23 ALA 23 926  926  ALA ALA A . n 
A 1 24 LYS 24 927  927  LYS LYS A . n 
A 1 25 LYS 25 928  928  LYS LYS A . n 
A 1 26 ASP 26 929  929  ASP ASP A . n 
A 1 27 ASN 27 930  930  ASN ASN A . n 
A 1 28 HIS 28 931  931  HIS HIS A . n 
A 1 29 LEU 29 932  932  LEU LEU A . n 
A 1 30 ASN 30 933  933  ASN ASN A . n 
A 1 31 PHE 31 934  934  PHE PHE A . n 
A 1 32 ASN 32 935  935  ASN ASN A . n 
A 1 33 LYS 33 936  936  LYS LYS A . n 
A 1 34 ASN 34 937  937  ASN ASN A . n 
A 1 35 ASP 35 938  938  ASP ASP A . n 
A 1 36 VAL 36 939  939  VAL VAL A . n 
A 1 37 ILE 37 940  940  ILE ILE A . n 
A 1 38 THR 38 941  941  THR THR A . n 
A 1 39 VAL 39 942  942  VAL VAL A . n 
A 1 40 LEU 40 943  943  LEU LEU A . n 
A 1 41 GLU 41 944  944  GLU GLU A . n 
A 1 42 GLN 42 945  945  GLN GLN A . n 
A 1 43 GLN 43 946  946  GLN GLN A . n 
A 1 44 ASP 44 947  947  ASP ASP A . n 
A 1 45 MET 45 948  948  MET MET A . n 
A 1 46 TRP 46 949  949  TRP TRP A . n 
A 1 47 TRP 47 950  950  TRP TRP A . n 
A 1 48 PHE 48 951  951  PHE PHE A . n 
A 1 49 GLY 49 952  952  GLY GLY A . n 
A 1 50 GLU 50 953  953  GLU GLU A . n 
A 1 51 VAL 51 954  954  VAL VAL A . n 
A 1 52 GLN 52 955  955  GLN GLN A . n 
A 1 53 GLY 53 956  956  GLY GLY A . n 
A 1 54 GLN 54 957  957  GLN GLN A . n 
A 1 55 LYS 55 958  958  LYS LYS A . n 
A 1 56 GLY 56 959  959  GLY GLY A . n 
A 1 57 TRP 57 960  960  TRP TRP A . n 
A 1 58 PHE 58 961  961  PHE PHE A . n 
A 1 59 PRO 59 962  962  PRO PRO A . n 
A 1 60 LYS 60 963  963  LYS LYS A . n 
A 1 61 SER 61 964  964  SER SER A . n 
A 1 62 TYR 62 965  965  TYR TYR A . n 
A 1 63 VAL 63 966  966  VAL VAL A . n 
A 1 64 LYS 64 967  967  LYS LYS A . n 
A 1 65 LEU 65 968  968  LEU LEU A . n 
A 1 66 ILE 66 969  969  ILE ILE A . n 
A 1 67 SER 67 970  970  SER SER A . n 
A 1 68 ALA 68 971  971  ALA ALA A . n 
A 1 69 ALA 69 972  ?    ?   ?   A . n 
A 1 70 ALA 70 973  ?    ?   ?   A . n 
B 2 1  TRP 1  2001 2001 TRP TRP C . n 
B 2 2  ARG 2  2002 2002 ARG ARG C . n 
B 2 3  ASP 3  2003 2003 ASP ASP C . n 
B 2 4  SER 4  2004 2004 SER SER C . n 
B 2 5  SER 5  2005 2005 SER SER C . n 
B 2 6  GLY 6  2006 2006 GLY GLY C . n 
B 2 7  TYR 7  2007 2007 TYR TYR C . n 
B 2 8  VAL 8  2008 2008 VAL VAL C . n 
B 2 9  MET 9  2009 2009 MET MET C . n 
B 2 10 GLY 10 2010 2010 GLY GLY C . n 
B 2 11 PRO 11 2011 2011 PRO PRO C . n 
B 2 12 TRP 12 2012 2012 TRP TRP C . n 
C 1 1  GLY 1  904  ?    ?   ?   B . n 
C 1 2  ALA 2  905  ?    ?   ?   B . n 
C 1 3  ALA 3  906  ?    ?   ?   B . n 
C 1 4  GLN 4  907  ?    ?   ?   B . n 
C 1 5  PRO 5  908  ?    ?   ?   B . n 
C 1 6  ALA 6  909  ?    ?   ?   B . n 
C 1 7  MET 7  910  ?    ?   ?   B . n 
C 1 8  ALA 8  911  ?    ?   ?   B . n 
C 1 9  GLN 9  912  ?    ?   ?   B . n 
C 1 10 GLY 10 913  ?    ?   ?   B . n 
C 1 11 ALA 11 914  ?    ?   ?   B . n 
C 1 12 LEU 12 915  915  LEU LEU B . n 
C 1 13 LEU 13 916  916  LEU LEU B . n 
C 1 14 GLN 14 917  917  GLN GLN B . n 
C 1 15 ALA 15 918  918  ALA ALA B . n 
C 1 16 GLN 16 919  919  GLN GLN B . n 
C 1 17 ALA 17 920  920  ALA ALA B . n 
C 1 18 LEU 18 921  921  LEU LEU B . n 
C 1 19 TYR 19 922  922  TYR TYR B . n 
C 1 20 PRO 20 923  923  PRO PRO B . n 
C 1 21 TRP 21 924  924  TRP TRP B . n 
C 1 22 ARG 22 925  925  ARG ARG B . n 
C 1 23 ALA 23 926  926  ALA ALA B . n 
C 1 24 LYS 24 927  927  LYS LYS B . n 
C 1 25 LYS 25 928  928  LYS LYS B . n 
C 1 26 ASP 26 929  929  ASP ASP B . n 
C 1 27 ASN 27 930  930  ASN ASN B . n 
C 1 28 HIS 28 931  931  HIS HIS B . n 
C 1 29 LEU 29 932  932  LEU LEU B . n 
C 1 30 ASN 30 933  933  ASN ASN B . n 
C 1 31 PHE 31 934  934  PHE PHE B . n 
C 1 32 ASN 32 935  935  ASN ASN B . n 
C 1 33 LYS 33 936  936  LYS LYS B . n 
C 1 34 ASN 34 937  937  ASN ASN B . n 
C 1 35 ASP 35 938  938  ASP ASP B . n 
C 1 36 VAL 36 939  939  VAL VAL B . n 
C 1 37 ILE 37 940  940  ILE ILE B . n 
C 1 38 THR 38 941  941  THR THR B . n 
C 1 39 VAL 39 942  942  VAL VAL B . n 
C 1 40 LEU 40 943  943  LEU LEU B . n 
C 1 41 GLU 41 944  944  GLU GLU B . n 
C 1 42 GLN 42 945  945  GLN GLN B . n 
C 1 43 GLN 43 946  946  GLN GLN B . n 
C 1 44 ASP 44 947  947  ASP ASP B . n 
C 1 45 MET 45 948  948  MET MET B . n 
C 1 46 TRP 46 949  949  TRP TRP B . n 
C 1 47 TRP 47 950  950  TRP TRP B . n 
C 1 48 PHE 48 951  951  PHE PHE B . n 
C 1 49 GLY 49 952  952  GLY GLY B . n 
C 1 50 GLU 50 953  953  GLU GLU B . n 
C 1 51 VAL 51 954  954  VAL VAL B . n 
C 1 52 GLN 52 955  955  GLN GLN B . n 
C 1 53 GLY 53 956  956  GLY GLY B . n 
C 1 54 GLN 54 957  957  GLN GLN B . n 
C 1 55 LYS 55 958  958  LYS LYS B . n 
C 1 56 GLY 56 959  959  GLY GLY B . n 
C 1 57 TRP 57 960  960  TRP TRP B . n 
C 1 58 PHE 58 961  961  PHE PHE B . n 
C 1 59 PRO 59 962  962  PRO PRO B . n 
C 1 60 LYS 60 963  963  LYS LYS B . n 
C 1 61 SER 61 964  964  SER SER B . n 
C 1 62 TYR 62 965  965  TYR TYR B . n 
C 1 63 VAL 63 966  966  VAL VAL B . n 
C 1 64 LYS 64 967  967  LYS LYS B . n 
C 1 65 LEU 65 968  968  LEU LEU B . n 
C 1 66 ILE 66 969  969  ILE ILE B . n 
C 1 67 SER 67 970  ?    ?   ?   B . n 
C 1 68 ALA 68 971  ?    ?   ?   B . n 
C 1 69 ALA 69 972  ?    ?   ?   B . n 
C 1 70 ALA 70 973  ?    ?   ?   B . n 
D 2 1  TRP 1  2001 2001 TRP TRP D . n 
D 2 2  ARG 2  2002 2002 ARG ARG D . n 
D 2 3  ASP 3  2003 2003 ASP ASP D . n 
D 2 4  SER 4  2004 2004 SER SER D . n 
D 2 5  SER 5  2005 2005 SER SER D . n 
D 2 6  GLY 6  2006 2006 GLY GLY D . n 
D 2 7  TYR 7  2007 2007 TYR TYR D . n 
D 2 8  VAL 8  2008 2008 VAL VAL D . n 
D 2 9  MET 9  2009 2009 MET MET D . n 
D 2 10 GLY 10 2010 2010 GLY GLY D . n 
D 2 11 PRO 11 2011 2011 PRO PRO D . n 
D 2 12 TRP 12 2012 2012 TRP TRP D . n 
E 2 1  TRP 1  2004 ?    ?   ?   E . n 
E 2 2  ARG 2  2005 ?    ?   ?   E . n 
E 2 3  ASP 3  2006 ?    ?   ?   E . n 
E 2 4  SER 4  2007 ?    ?   ?   E . n 
E 2 5  SER 5  2008 ?    ?   ?   E . n 
E 2 6  GLY 6  2009 ?    ?   ?   E . n 
E 2 7  TYR 7  2010 ?    ?   ?   E . n 
E 2 8  VAL 8  2011 2011 VAL VAL E . n 
E 2 9  MET 9  2012 2012 MET MET E . n 
E 2 10 GLY 10 2013 2013 GLY GLY E . n 
E 2 11 PRO 11 2014 2014 PRO PRO E . n 
E 2 12 TRP 12 2015 2015 TRP TRP E . n 
# 
_pdbx_SG_project.id                    1 
_pdbx_SG_project.project_name          ? 
_pdbx_SG_project.full_name_of_center   'Structural Genomics Consortium' 
_pdbx_SG_project.initial_of_center     SGC 
# 
loop_
_pdbx_nonpoly_scheme.asym_id 
_pdbx_nonpoly_scheme.entity_id 
_pdbx_nonpoly_scheme.mon_id 
_pdbx_nonpoly_scheme.ndb_seq_num 
_pdbx_nonpoly_scheme.pdb_seq_num 
_pdbx_nonpoly_scheme.auth_seq_num 
_pdbx_nonpoly_scheme.pdb_mon_id 
_pdbx_nonpoly_scheme.auth_mon_id 
_pdbx_nonpoly_scheme.pdb_strand_id 
_pdbx_nonpoly_scheme.pdb_ins_code 
F 3 UNX 1  1001 1005 UNX UNX A . 
G 3 UNX 1  1002 1011 UNX UNX A . 
H 3 UNX 1  2101 1007 UNX UNX C . 
I 3 UNX 1  2102 1008 UNX UNX C . 
J 3 UNX 1  2103 1010 UNX UNX C . 
K 3 UNX 1  1001 1001 UNX UNX B . 
L 3 UNX 1  1002 1002 UNX UNX B . 
M 3 UNX 1  1003 1003 UNX UNX B . 
N 3 UNX 1  1004 1006 UNX UNX B . 
O 3 UNX 1  1005 1009 UNX UNX B . 
P 3 UNX 1  2101 1004 UNX UNX D . 
Q 4 HOH 1  1101 3    HOH HOH A . 
Q 4 HOH 2  1102 6    HOH HOH A . 
Q 4 HOH 3  1103 7    HOH HOH A . 
Q 4 HOH 4  1104 11   HOH HOH A . 
Q 4 HOH 5  1105 12   HOH HOH A . 
Q 4 HOH 6  1106 13   HOH HOH A . 
Q 4 HOH 7  1107 17   HOH HOH A . 
Q 4 HOH 8  1108 20   HOH HOH A . 
Q 4 HOH 9  1109 21   HOH HOH A . 
Q 4 HOH 10 1110 25   HOH HOH A . 
Q 4 HOH 11 1111 26   HOH HOH A . 
Q 4 HOH 12 1112 28   HOH HOH A . 
Q 4 HOH 13 1113 29   HOH HOH A . 
Q 4 HOH 14 1114 31   HOH HOH A . 
Q 4 HOH 15 1115 34   HOH HOH A . 
Q 4 HOH 16 1116 35   HOH HOH A . 
Q 4 HOH 17 1117 38   HOH HOH A . 
Q 4 HOH 18 1118 40   HOH HOH A . 
Q 4 HOH 19 1119 42   HOH HOH A . 
Q 4 HOH 20 1120 44   HOH HOH A . 
Q 4 HOH 21 1121 45   HOH HOH A . 
Q 4 HOH 22 1122 47   HOH HOH A . 
Q 4 HOH 23 1123 52   HOH HOH A . 
Q 4 HOH 24 1124 53   HOH HOH A . 
Q 4 HOH 25 1125 54   HOH HOH A . 
Q 4 HOH 26 1126 55   HOH HOH A . 
Q 4 HOH 27 1127 57   HOH HOH A . 
Q 4 HOH 28 1128 59   HOH HOH A . 
Q 4 HOH 29 1129 62   HOH HOH A . 
Q 4 HOH 30 1130 63   HOH HOH A . 
Q 4 HOH 31 1131 66   HOH HOH A . 
Q 4 HOH 32 1132 67   HOH HOH A . 
Q 4 HOH 33 1133 69   HOH HOH A . 
Q 4 HOH 34 1134 70   HOH HOH A . 
Q 4 HOH 35 1135 73   HOH HOH A . 
Q 4 HOH 36 1136 74   HOH HOH A . 
Q 4 HOH 37 1137 75   HOH HOH A . 
Q 4 HOH 38 1138 78   HOH HOH A . 
Q 4 HOH 39 1139 79   HOH HOH A . 
Q 4 HOH 40 1140 86   HOH HOH A . 
Q 4 HOH 41 1141 87   HOH HOH A . 
Q 4 HOH 42 1142 88   HOH HOH A . 
Q 4 HOH 43 1143 89   HOH HOH A . 
Q 4 HOH 44 1144 90   HOH HOH A . 
Q 4 HOH 45 1145 91   HOH HOH A . 
Q 4 HOH 46 1146 97   HOH HOH A . 
Q 4 HOH 47 1147 100  HOH HOH A . 
R 4 HOH 1  2201 4    HOH HOH C . 
R 4 HOH 2  2202 15   HOH HOH C . 
R 4 HOH 3  2203 16   HOH HOH C . 
R 4 HOH 4  2204 30   HOH HOH C . 
R 4 HOH 5  2205 48   HOH HOH C . 
R 4 HOH 6  2206 60   HOH HOH C . 
R 4 HOH 7  2207 64   HOH HOH C . 
R 4 HOH 8  2208 65   HOH HOH C . 
R 4 HOH 9  2209 68   HOH HOH C . 
S 4 HOH 1  1101 1    HOH HOH B . 
S 4 HOH 2  1102 2    HOH HOH B . 
S 4 HOH 3  1103 5    HOH HOH B . 
S 4 HOH 4  1104 8    HOH HOH B . 
S 4 HOH 5  1105 9    HOH HOH B . 
S 4 HOH 6  1106 10   HOH HOH B . 
S 4 HOH 7  1107 23   HOH HOH B . 
S 4 HOH 8  1108 27   HOH HOH B . 
S 4 HOH 9  1109 32   HOH HOH B . 
S 4 HOH 10 1110 33   HOH HOH B . 
S 4 HOH 11 1111 36   HOH HOH B . 
S 4 HOH 12 1112 37   HOH HOH B . 
S 4 HOH 13 1113 39   HOH HOH B . 
S 4 HOH 14 1114 46   HOH HOH B . 
S 4 HOH 15 1115 49   HOH HOH B . 
S 4 HOH 16 1116 50   HOH HOH B . 
S 4 HOH 17 1117 51   HOH HOH B . 
S 4 HOH 18 1118 56   HOH HOH B . 
S 4 HOH 19 1119 58   HOH HOH B . 
S 4 HOH 20 1120 71   HOH HOH B . 
S 4 HOH 21 1121 72   HOH HOH B . 
S 4 HOH 22 1122 76   HOH HOH B . 
S 4 HOH 23 1123 77   HOH HOH B . 
S 4 HOH 24 1124 80   HOH HOH B . 
S 4 HOH 25 1125 81   HOH HOH B . 
S 4 HOH 26 1126 82   HOH HOH B . 
S 4 HOH 27 1127 83   HOH HOH B . 
S 4 HOH 28 1128 85   HOH HOH B . 
S 4 HOH 29 1129 92   HOH HOH B . 
S 4 HOH 30 1130 93   HOH HOH B . 
S 4 HOH 31 1131 94   HOH HOH B . 
S 4 HOH 32 1132 95   HOH HOH B . 
S 4 HOH 33 1133 96   HOH HOH B . 
S 4 HOH 34 1134 98   HOH HOH B . 
T 4 HOH 1  2201 14   HOH HOH D . 
T 4 HOH 2  2202 18   HOH HOH D . 
T 4 HOH 3  2203 19   HOH HOH D . 
T 4 HOH 4  2204 22   HOH HOH D . 
T 4 HOH 5  2205 24   HOH HOH D . 
T 4 HOH 6  2206 41   HOH HOH D . 
T 4 HOH 7  2207 43   HOH HOH D . 
T 4 HOH 8  2208 61   HOH HOH D . 
U 4 HOH 1  2101 84   HOH HOH E . 
# 
loop_
_pdbx_struct_assembly.id 
_pdbx_struct_assembly.details 
_pdbx_struct_assembly.method_details 
_pdbx_struct_assembly.oligomeric_details 
_pdbx_struct_assembly.oligomeric_count 
1 author_defined_assembly   ?    pentameric 5 
2 software_defined_assembly PISA pentameric 5 
# 
loop_
_pdbx_struct_assembly_gen.assembly_id 
_pdbx_struct_assembly_gen.oper_expression 
_pdbx_struct_assembly_gen.asym_id_list 
1 1 A,B,C,D,E,F,G,H,I,J,K,L,M,N,O,P,Q,R,S,T,U 
2 2 A,B,F,G,H,I,J,Q,R                         
2 1 C,D,E,K,L,M,N,O,P,S,T,U                   
# 
loop_
_pdbx_struct_assembly_prop.biol_id 
_pdbx_struct_assembly_prop.type 
_pdbx_struct_assembly_prop.value 
_pdbx_struct_assembly_prop.details 
2 'ABSA (A^2)' 3580 ? 
2 MORE         -30  ? 
2 'SSA (A^2)'  8210 ? 
# 
loop_
_pdbx_struct_oper_list.id 
_pdbx_struct_oper_list.type 
_pdbx_struct_oper_list.name 
_pdbx_struct_oper_list.symmetry_operation 
_pdbx_struct_oper_list.matrix[1][1] 
_pdbx_struct_oper_list.matrix[1][2] 
_pdbx_struct_oper_list.matrix[1][3] 
_pdbx_struct_oper_list.vector[1] 
_pdbx_struct_oper_list.matrix[2][1] 
_pdbx_struct_oper_list.matrix[2][2] 
_pdbx_struct_oper_list.matrix[2][3] 
_pdbx_struct_oper_list.vector[2] 
_pdbx_struct_oper_list.matrix[3][1] 
_pdbx_struct_oper_list.matrix[3][2] 
_pdbx_struct_oper_list.matrix[3][3] 
_pdbx_struct_oper_list.vector[3] 
1 'identity operation'         1_555 x,y,z           1.0000000000  0.0000000000 0.0000000000  0.0000000000   0.0000000000 1.0000000000 0.0000000000  0.0000000000   0.0000000000  0.0000000000  1.0000000000  0.0000000000   
2 'crystal symmetry operation' 3_544 -x,y-1/2,-z-1/2 -0.7759749853 0.6135530201 -0.1463404035 -17.8259316215 0.6135530201 0.6803806887 -0.4007927269 -24.6804543723 -0.1463404035 -0.4007927269 -0.9044057034 -13.2285687525 
# 
loop_
_pdbx_audit_revision_history.ordinal 
_pdbx_audit_revision_history.data_content_type 
_pdbx_audit_revision_history.major_revision 
_pdbx_audit_revision_history.minor_revision 
_pdbx_audit_revision_history.revision_date 
1 'Structure model' 1 0 2013-01-23 
2 'Structure model' 1 1 2017-11-15 
3 'Structure model' 1 2 2023-09-20 
# 
_pdbx_audit_revision_details.ordinal             1 
_pdbx_audit_revision_details.revision_ordinal    1 
_pdbx_audit_revision_details.data_content_type   'Structure model' 
_pdbx_audit_revision_details.provider            repository 
_pdbx_audit_revision_details.type                'Initial release' 
_pdbx_audit_revision_details.description         ? 
_pdbx_audit_revision_details.details             ? 
# 
loop_
_pdbx_audit_revision_group.ordinal 
_pdbx_audit_revision_group.revision_ordinal 
_pdbx_audit_revision_group.data_content_type 
_pdbx_audit_revision_group.group 
1 2 'Structure model' 'Refinement description' 
2 3 'Structure model' 'Data collection'        
3 3 'Structure model' 'Database references'    
4 3 'Structure model' 'Refinement description' 
# 
loop_
_pdbx_audit_revision_category.ordinal 
_pdbx_audit_revision_category.revision_ordinal 
_pdbx_audit_revision_category.data_content_type 
_pdbx_audit_revision_category.category 
1 2 'Structure model' software                      
2 3 'Structure model' chem_comp_atom                
3 3 'Structure model' chem_comp_bond                
4 3 'Structure model' database_2                    
5 3 'Structure model' pdbx_initial_refinement_model 
6 3 'Structure model' struct_ref_seq_dif            
# 
loop_
_pdbx_audit_revision_item.ordinal 
_pdbx_audit_revision_item.revision_ordinal 
_pdbx_audit_revision_item.data_content_type 
_pdbx_audit_revision_item.item 
1 2 'Structure model' '_software.name'                      
2 3 'Structure model' '_database_2.pdbx_DOI'                
3 3 'Structure model' '_database_2.pdbx_database_accession' 
4 3 'Structure model' '_struct_ref_seq_dif.details'         
# 
loop_
_software.pdbx_ordinal 
_software.name 
_software.version 
_software.date 
_software.type 
_software.contact_author 
_software.contact_author_email 
_software.classification 
_software.location 
_software.language 
_software.citation_id 
1 SCALEPACK   .     ?                program 'Zbyszek Otwinowski' hkl@hkl-xray.com         'data scaling'    
http://www.hkl-xray.com/                     ?          ? 
2 REFMAC      .     ?                program 'Garib N. Murshudov' garib@ysbl.york.ac.uk    refinement        
http://www.ccp4.ac.uk/dist/html/refmac5.html Fortran_77 ? 
3 PDB_EXTRACT 3.11  'April 22, 2011' package PDB                  deposit@deposit.rcsb.org 'data extraction' 
http://sw-tools.pdb.org/apps/PDB_EXTRACT/    C++        ? 
4 JDirector   .     ?                ?       ?                    ?                        'data collection' ? ?          ? 
5 HKL-3000    .     ?                ?       ?                    ?                        'data reduction'  ? ?          ? 
6 HKL-3000    .     ?                ?       ?                    ?                        'data scaling'    ? ?          ? 
7 MOLREP      11.0  ?                ?       ?                    ?                        phasing           ? ?          ? 
8 Coot        0.6.2 ?                ?       ?                    ?                        'model building'  ? ?          ? 
# 
loop_
_pdbx_validate_torsion.id 
_pdbx_validate_torsion.PDB_model_num 
_pdbx_validate_torsion.auth_comp_id 
_pdbx_validate_torsion.auth_asym_id 
_pdbx_validate_torsion.auth_seq_id 
_pdbx_validate_torsion.PDB_ins_code 
_pdbx_validate_torsion.label_alt_id 
_pdbx_validate_torsion.phi 
_pdbx_validate_torsion.psi 
1 1 ASN A 937 ? ? 79.53   -7.29   
2 1 SER A 970 ? ? -131.14 -111.56 
3 1 ASN B 937 ? ? 79.28   -7.44   
# 
loop_
_pdbx_unobs_or_zero_occ_atoms.id 
_pdbx_unobs_or_zero_occ_atoms.PDB_model_num 
_pdbx_unobs_or_zero_occ_atoms.polymer_flag 
_pdbx_unobs_or_zero_occ_atoms.occupancy_flag 
_pdbx_unobs_or_zero_occ_atoms.auth_asym_id 
_pdbx_unobs_or_zero_occ_atoms.auth_comp_id 
_pdbx_unobs_or_zero_occ_atoms.auth_seq_id 
_pdbx_unobs_or_zero_occ_atoms.PDB_ins_code 
_pdbx_unobs_or_zero_occ_atoms.auth_atom_id 
_pdbx_unobs_or_zero_occ_atoms.label_alt_id 
_pdbx_unobs_or_zero_occ_atoms.label_asym_id 
_pdbx_unobs_or_zero_occ_atoms.label_comp_id 
_pdbx_unobs_or_zero_occ_atoms.label_seq_id 
_pdbx_unobs_or_zero_occ_atoms.label_atom_id 
1  1 Y 1 A LYS 928 ? CE  ? A LYS 25 CE  
2  1 Y 1 A LYS 928 ? NZ  ? A LYS 25 NZ  
3  1 Y 1 B LEU 915 ? CG  ? C LEU 12 CG  
4  1 Y 1 B LEU 915 ? CD1 ? C LEU 12 CD1 
5  1 Y 1 B LEU 915 ? CD2 ? C LEU 12 CD2 
6  1 Y 1 B ARG 925 ? CG  ? C ARG 22 CG  
7  1 Y 1 B ARG 925 ? CD  ? C ARG 22 CD  
8  1 Y 1 B ARG 925 ? NE  ? C ARG 22 NE  
9  1 Y 1 B ARG 925 ? CZ  ? C ARG 22 CZ  
10 1 Y 1 B ARG 925 ? NH1 ? C ARG 22 NH1 
11 1 Y 1 B ARG 925 ? NH2 ? C ARG 22 NH2 
# 
loop_
_pdbx_unobs_or_zero_occ_residues.id 
_pdbx_unobs_or_zero_occ_residues.PDB_model_num 
_pdbx_unobs_or_zero_occ_residues.polymer_flag 
_pdbx_unobs_or_zero_occ_residues.occupancy_flag 
_pdbx_unobs_or_zero_occ_residues.auth_asym_id 
_pdbx_unobs_or_zero_occ_residues.auth_comp_id 
_pdbx_unobs_or_zero_occ_residues.auth_seq_id 
_pdbx_unobs_or_zero_occ_residues.PDB_ins_code 
_pdbx_unobs_or_zero_occ_residues.label_asym_id 
_pdbx_unobs_or_zero_occ_residues.label_comp_id 
_pdbx_unobs_or_zero_occ_residues.label_seq_id 
1  1 Y 1 A GLY 904  ? A GLY 1  
2  1 Y 1 A ALA 905  ? A ALA 2  
3  1 Y 1 A ALA 906  ? A ALA 3  
4  1 Y 1 A GLN 907  ? A GLN 4  
5  1 Y 1 A PRO 908  ? A PRO 5  
6  1 Y 1 A ALA 909  ? A ALA 6  
7  1 Y 1 A MET 910  ? A MET 7  
8  1 Y 1 A ALA 911  ? A ALA 8  
9  1 Y 1 A GLN 912  ? A GLN 9  
10 1 Y 1 A GLY 913  ? A GLY 10 
11 1 Y 1 A ALA 914  ? A ALA 11 
12 1 Y 1 A ALA 972  ? A ALA 69 
13 1 Y 1 A ALA 973  ? A ALA 70 
14 1 Y 1 B GLY 904  ? C GLY 1  
15 1 Y 1 B ALA 905  ? C ALA 2  
16 1 Y 1 B ALA 906  ? C ALA 3  
17 1 Y 1 B GLN 907  ? C GLN 4  
18 1 Y 1 B PRO 908  ? C PRO 5  
19 1 Y 1 B ALA 909  ? C ALA 6  
20 1 Y 1 B MET 910  ? C MET 7  
21 1 Y 1 B ALA 911  ? C ALA 8  
22 1 Y 1 B GLN 912  ? C GLN 9  
23 1 Y 1 B GLY 913  ? C GLY 10 
24 1 Y 1 B ALA 914  ? C ALA 11 
25 1 Y 1 B SER 970  ? C SER 67 
26 1 Y 1 B ALA 971  ? C ALA 68 
27 1 Y 1 B ALA 972  ? C ALA 69 
28 1 Y 1 B ALA 973  ? C ALA 70 
29 1 Y 1 E TRP 2004 ? E TRP 1  
30 1 Y 1 E ARG 2005 ? E ARG 2  
31 1 Y 1 E ASP 2006 ? E ASP 3  
32 1 Y 1 E SER 2007 ? E SER 4  
33 1 Y 1 E SER 2008 ? E SER 5  
34 1 Y 1 E GLY 2009 ? E GLY 6  
35 1 Y 1 E TYR 2010 ? E TYR 7  
# 
loop_
_chem_comp_atom.comp_id 
_chem_comp_atom.atom_id 
_chem_comp_atom.type_symbol 
_chem_comp_atom.pdbx_aromatic_flag 
_chem_comp_atom.pdbx_stereo_config 
_chem_comp_atom.pdbx_ordinal 
ALA N    N N N 1   
ALA CA   C N S 2   
ALA C    C N N 3   
ALA O    O N N 4   
ALA CB   C N N 5   
ALA OXT  O N N 6   
ALA H    H N N 7   
ALA H2   H N N 8   
ALA HA   H N N 9   
ALA HB1  H N N 10  
ALA HB2  H N N 11  
ALA HB3  H N N 12  
ALA HXT  H N N 13  
ARG N    N N N 14  
ARG CA   C N S 15  
ARG C    C N N 16  
ARG O    O N N 17  
ARG CB   C N N 18  
ARG CG   C N N 19  
ARG CD   C N N 20  
ARG NE   N N N 21  
ARG CZ   C N N 22  
ARG NH1  N N N 23  
ARG NH2  N N N 24  
ARG OXT  O N N 25  
ARG H    H N N 26  
ARG H2   H N N 27  
ARG HA   H N N 28  
ARG HB2  H N N 29  
ARG HB3  H N N 30  
ARG HG2  H N N 31  
ARG HG3  H N N 32  
ARG HD2  H N N 33  
ARG HD3  H N N 34  
ARG HE   H N N 35  
ARG HH11 H N N 36  
ARG HH12 H N N 37  
ARG HH21 H N N 38  
ARG HH22 H N N 39  
ARG HXT  H N N 40  
ASN N    N N N 41  
ASN CA   C N S 42  
ASN C    C N N 43  
ASN O    O N N 44  
ASN CB   C N N 45  
ASN CG   C N N 46  
ASN OD1  O N N 47  
ASN ND2  N N N 48  
ASN OXT  O N N 49  
ASN H    H N N 50  
ASN H2   H N N 51  
ASN HA   H N N 52  
ASN HB2  H N N 53  
ASN HB3  H N N 54  
ASN HD21 H N N 55  
ASN HD22 H N N 56  
ASN HXT  H N N 57  
ASP N    N N N 58  
ASP CA   C N S 59  
ASP C    C N N 60  
ASP O    O N N 61  
ASP CB   C N N 62  
ASP CG   C N N 63  
ASP OD1  O N N 64  
ASP OD2  O N N 65  
ASP OXT  O N N 66  
ASP H    H N N 67  
ASP H2   H N N 68  
ASP HA   H N N 69  
ASP HB2  H N N 70  
ASP HB3  H N N 71  
ASP HD2  H N N 72  
ASP HXT  H N N 73  
GLN N    N N N 74  
GLN CA   C N S 75  
GLN C    C N N 76  
GLN O    O N N 77  
GLN CB   C N N 78  
GLN CG   C N N 79  
GLN CD   C N N 80  
GLN OE1  O N N 81  
GLN NE2  N N N 82  
GLN OXT  O N N 83  
GLN H    H N N 84  
GLN H2   H N N 85  
GLN HA   H N N 86  
GLN HB2  H N N 87  
GLN HB3  H N N 88  
GLN HG2  H N N 89  
GLN HG3  H N N 90  
GLN HE21 H N N 91  
GLN HE22 H N N 92  
GLN HXT  H N N 93  
GLU N    N N N 94  
GLU CA   C N S 95  
GLU C    C N N 96  
GLU O    O N N 97  
GLU CB   C N N 98  
GLU CG   C N N 99  
GLU CD   C N N 100 
GLU OE1  O N N 101 
GLU OE2  O N N 102 
GLU OXT  O N N 103 
GLU H    H N N 104 
GLU H2   H N N 105 
GLU HA   H N N 106 
GLU HB2  H N N 107 
GLU HB3  H N N 108 
GLU HG2  H N N 109 
GLU HG3  H N N 110 
GLU HE2  H N N 111 
GLU HXT  H N N 112 
GLY N    N N N 113 
GLY CA   C N N 114 
GLY C    C N N 115 
GLY O    O N N 116 
GLY OXT  O N N 117 
GLY H    H N N 118 
GLY H2   H N N 119 
GLY HA2  H N N 120 
GLY HA3  H N N 121 
GLY HXT  H N N 122 
HIS N    N N N 123 
HIS CA   C N S 124 
HIS C    C N N 125 
HIS O    O N N 126 
HIS CB   C N N 127 
HIS CG   C Y N 128 
HIS ND1  N Y N 129 
HIS CD2  C Y N 130 
HIS CE1  C Y N 131 
HIS NE2  N Y N 132 
HIS OXT  O N N 133 
HIS H    H N N 134 
HIS H2   H N N 135 
HIS HA   H N N 136 
HIS HB2  H N N 137 
HIS HB3  H N N 138 
HIS HD1  H N N 139 
HIS HD2  H N N 140 
HIS HE1  H N N 141 
HIS HE2  H N N 142 
HIS HXT  H N N 143 
HOH O    O N N 144 
HOH H1   H N N 145 
HOH H2   H N N 146 
ILE N    N N N 147 
ILE CA   C N S 148 
ILE C    C N N 149 
ILE O    O N N 150 
ILE CB   C N S 151 
ILE CG1  C N N 152 
ILE CG2  C N N 153 
ILE CD1  C N N 154 
ILE OXT  O N N 155 
ILE H    H N N 156 
ILE H2   H N N 157 
ILE HA   H N N 158 
ILE HB   H N N 159 
ILE HG12 H N N 160 
ILE HG13 H N N 161 
ILE HG21 H N N 162 
ILE HG22 H N N 163 
ILE HG23 H N N 164 
ILE HD11 H N N 165 
ILE HD12 H N N 166 
ILE HD13 H N N 167 
ILE HXT  H N N 168 
LEU N    N N N 169 
LEU CA   C N S 170 
LEU C    C N N 171 
LEU O    O N N 172 
LEU CB   C N N 173 
LEU CG   C N N 174 
LEU CD1  C N N 175 
LEU CD2  C N N 176 
LEU OXT  O N N 177 
LEU H    H N N 178 
LEU H2   H N N 179 
LEU HA   H N N 180 
LEU HB2  H N N 181 
LEU HB3  H N N 182 
LEU HG   H N N 183 
LEU HD11 H N N 184 
LEU HD12 H N N 185 
LEU HD13 H N N 186 
LEU HD21 H N N 187 
LEU HD22 H N N 188 
LEU HD23 H N N 189 
LEU HXT  H N N 190 
LYS N    N N N 191 
LYS CA   C N S 192 
LYS C    C N N 193 
LYS O    O N N 194 
LYS CB   C N N 195 
LYS CG   C N N 196 
LYS CD   C N N 197 
LYS CE   C N N 198 
LYS NZ   N N N 199 
LYS OXT  O N N 200 
LYS H    H N N 201 
LYS H2   H N N 202 
LYS HA   H N N 203 
LYS HB2  H N N 204 
LYS HB3  H N N 205 
LYS HG2  H N N 206 
LYS HG3  H N N 207 
LYS HD2  H N N 208 
LYS HD3  H N N 209 
LYS HE2  H N N 210 
LYS HE3  H N N 211 
LYS HZ1  H N N 212 
LYS HZ2  H N N 213 
LYS HZ3  H N N 214 
LYS HXT  H N N 215 
MET N    N N N 216 
MET CA   C N S 217 
MET C    C N N 218 
MET O    O N N 219 
MET CB   C N N 220 
MET CG   C N N 221 
MET SD   S N N 222 
MET CE   C N N 223 
MET OXT  O N N 224 
MET H    H N N 225 
MET H2   H N N 226 
MET HA   H N N 227 
MET HB2  H N N 228 
MET HB3  H N N 229 
MET HG2  H N N 230 
MET HG3  H N N 231 
MET HE1  H N N 232 
MET HE2  H N N 233 
MET HE3  H N N 234 
MET HXT  H N N 235 
PHE N    N N N 236 
PHE CA   C N S 237 
PHE C    C N N 238 
PHE O    O N N 239 
PHE CB   C N N 240 
PHE CG   C Y N 241 
PHE CD1  C Y N 242 
PHE CD2  C Y N 243 
PHE CE1  C Y N 244 
PHE CE2  C Y N 245 
PHE CZ   C Y N 246 
PHE OXT  O N N 247 
PHE H    H N N 248 
PHE H2   H N N 249 
PHE HA   H N N 250 
PHE HB2  H N N 251 
PHE HB3  H N N 252 
PHE HD1  H N N 253 
PHE HD2  H N N 254 
PHE HE1  H N N 255 
PHE HE2  H N N 256 
PHE HZ   H N N 257 
PHE HXT  H N N 258 
PRO N    N N N 259 
PRO CA   C N S 260 
PRO C    C N N 261 
PRO O    O N N 262 
PRO CB   C N N 263 
PRO CG   C N N 264 
PRO CD   C N N 265 
PRO OXT  O N N 266 
PRO H    H N N 267 
PRO HA   H N N 268 
PRO HB2  H N N 269 
PRO HB3  H N N 270 
PRO HG2  H N N 271 
PRO HG3  H N N 272 
PRO HD2  H N N 273 
PRO HD3  H N N 274 
PRO HXT  H N N 275 
SER N    N N N 276 
SER CA   C N S 277 
SER C    C N N 278 
SER O    O N N 279 
SER CB   C N N 280 
SER OG   O N N 281 
SER OXT  O N N 282 
SER H    H N N 283 
SER H2   H N N 284 
SER HA   H N N 285 
SER HB2  H N N 286 
SER HB3  H N N 287 
SER HG   H N N 288 
SER HXT  H N N 289 
THR N    N N N 290 
THR CA   C N S 291 
THR C    C N N 292 
THR O    O N N 293 
THR CB   C N R 294 
THR OG1  O N N 295 
THR CG2  C N N 296 
THR OXT  O N N 297 
THR H    H N N 298 
THR H2   H N N 299 
THR HA   H N N 300 
THR HB   H N N 301 
THR HG1  H N N 302 
THR HG21 H N N 303 
THR HG22 H N N 304 
THR HG23 H N N 305 
THR HXT  H N N 306 
TRP N    N N N 307 
TRP CA   C N S 308 
TRP C    C N N 309 
TRP O    O N N 310 
TRP CB   C N N 311 
TRP CG   C Y N 312 
TRP CD1  C Y N 313 
TRP CD2  C Y N 314 
TRP NE1  N Y N 315 
TRP CE2  C Y N 316 
TRP CE3  C Y N 317 
TRP CZ2  C Y N 318 
TRP CZ3  C Y N 319 
TRP CH2  C Y N 320 
TRP OXT  O N N 321 
TRP H    H N N 322 
TRP H2   H N N 323 
TRP HA   H N N 324 
TRP HB2  H N N 325 
TRP HB3  H N N 326 
TRP HD1  H N N 327 
TRP HE1  H N N 328 
TRP HE3  H N N 329 
TRP HZ2  H N N 330 
TRP HZ3  H N N 331 
TRP HH2  H N N 332 
TRP HXT  H N N 333 
TYR N    N N N 334 
TYR CA   C N S 335 
TYR C    C N N 336 
TYR O    O N N 337 
TYR CB   C N N 338 
TYR CG   C Y N 339 
TYR CD1  C Y N 340 
TYR CD2  C Y N 341 
TYR CE1  C Y N 342 
TYR CE2  C Y N 343 
TYR CZ   C Y N 344 
TYR OH   O N N 345 
TYR OXT  O N N 346 
TYR H    H N N 347 
TYR H2   H N N 348 
TYR HA   H N N 349 
TYR HB2  H N N 350 
TYR HB3  H N N 351 
TYR HD1  H N N 352 
TYR HD2  H N N 353 
TYR HE1  H N N 354 
TYR HE2  H N N 355 
TYR HH   H N N 356 
TYR HXT  H N N 357 
VAL N    N N N 358 
VAL CA   C N S 359 
VAL C    C N N 360 
VAL O    O N N 361 
VAL CB   C N N 362 
VAL CG1  C N N 363 
VAL CG2  C N N 364 
VAL OXT  O N N 365 
VAL H    H N N 366 
VAL H2   H N N 367 
VAL HA   H N N 368 
VAL HB   H N N 369 
VAL HG11 H N N 370 
VAL HG12 H N N 371 
VAL HG13 H N N 372 
VAL HG21 H N N 373 
VAL HG22 H N N 374 
VAL HG23 H N N 375 
VAL HXT  H N N 376 
# 
loop_
_chem_comp_bond.comp_id 
_chem_comp_bond.atom_id_1 
_chem_comp_bond.atom_id_2 
_chem_comp_bond.value_order 
_chem_comp_bond.pdbx_aromatic_flag 
_chem_comp_bond.pdbx_stereo_config 
_chem_comp_bond.pdbx_ordinal 
ALA N   CA   sing N N 1   
ALA N   H    sing N N 2   
ALA N   H2   sing N N 3   
ALA CA  C    sing N N 4   
ALA CA  CB   sing N N 5   
ALA CA  HA   sing N N 6   
ALA C   O    doub N N 7   
ALA C   OXT  sing N N 8   
ALA CB  HB1  sing N N 9   
ALA CB  HB2  sing N N 10  
ALA CB  HB3  sing N N 11  
ALA OXT HXT  sing N N 12  
ARG N   CA   sing N N 13  
ARG N   H    sing N N 14  
ARG N   H2   sing N N 15  
ARG CA  C    sing N N 16  
ARG CA  CB   sing N N 17  
ARG CA  HA   sing N N 18  
ARG C   O    doub N N 19  
ARG C   OXT  sing N N 20  
ARG CB  CG   sing N N 21  
ARG CB  HB2  sing N N 22  
ARG CB  HB3  sing N N 23  
ARG CG  CD   sing N N 24  
ARG CG  HG2  sing N N 25  
ARG CG  HG3  sing N N 26  
ARG CD  NE   sing N N 27  
ARG CD  HD2  sing N N 28  
ARG CD  HD3  sing N N 29  
ARG NE  CZ   sing N N 30  
ARG NE  HE   sing N N 31  
ARG CZ  NH1  sing N N 32  
ARG CZ  NH2  doub N N 33  
ARG NH1 HH11 sing N N 34  
ARG NH1 HH12 sing N N 35  
ARG NH2 HH21 sing N N 36  
ARG NH2 HH22 sing N N 37  
ARG OXT HXT  sing N N 38  
ASN N   CA   sing N N 39  
ASN N   H    sing N N 40  
ASN N   H2   sing N N 41  
ASN CA  C    sing N N 42  
ASN CA  CB   sing N N 43  
ASN CA  HA   sing N N 44  
ASN C   O    doub N N 45  
ASN C   OXT  sing N N 46  
ASN CB  CG   sing N N 47  
ASN CB  HB2  sing N N 48  
ASN CB  HB3  sing N N 49  
ASN CG  OD1  doub N N 50  
ASN CG  ND2  sing N N 51  
ASN ND2 HD21 sing N N 52  
ASN ND2 HD22 sing N N 53  
ASN OXT HXT  sing N N 54  
ASP N   CA   sing N N 55  
ASP N   H    sing N N 56  
ASP N   H2   sing N N 57  
ASP CA  C    sing N N 58  
ASP CA  CB   sing N N 59  
ASP CA  HA   sing N N 60  
ASP C   O    doub N N 61  
ASP C   OXT  sing N N 62  
ASP CB  CG   sing N N 63  
ASP CB  HB2  sing N N 64  
ASP CB  HB3  sing N N 65  
ASP CG  OD1  doub N N 66  
ASP CG  OD2  sing N N 67  
ASP OD2 HD2  sing N N 68  
ASP OXT HXT  sing N N 69  
GLN N   CA   sing N N 70  
GLN N   H    sing N N 71  
GLN N   H2   sing N N 72  
GLN CA  C    sing N N 73  
GLN CA  CB   sing N N 74  
GLN CA  HA   sing N N 75  
GLN C   O    doub N N 76  
GLN C   OXT  sing N N 77  
GLN CB  CG   sing N N 78  
GLN CB  HB2  sing N N 79  
GLN CB  HB3  sing N N 80  
GLN CG  CD   sing N N 81  
GLN CG  HG2  sing N N 82  
GLN CG  HG3  sing N N 83  
GLN CD  OE1  doub N N 84  
GLN CD  NE2  sing N N 85  
GLN NE2 HE21 sing N N 86  
GLN NE2 HE22 sing N N 87  
GLN OXT HXT  sing N N 88  
GLU N   CA   sing N N 89  
GLU N   H    sing N N 90  
GLU N   H2   sing N N 91  
GLU CA  C    sing N N 92  
GLU CA  CB   sing N N 93  
GLU CA  HA   sing N N 94  
GLU C   O    doub N N 95  
GLU C   OXT  sing N N 96  
GLU CB  CG   sing N N 97  
GLU CB  HB2  sing N N 98  
GLU CB  HB3  sing N N 99  
GLU CG  CD   sing N N 100 
GLU CG  HG2  sing N N 101 
GLU CG  HG3  sing N N 102 
GLU CD  OE1  doub N N 103 
GLU CD  OE2  sing N N 104 
GLU OE2 HE2  sing N N 105 
GLU OXT HXT  sing N N 106 
GLY N   CA   sing N N 107 
GLY N   H    sing N N 108 
GLY N   H2   sing N N 109 
GLY CA  C    sing N N 110 
GLY CA  HA2  sing N N 111 
GLY CA  HA3  sing N N 112 
GLY C   O    doub N N 113 
GLY C   OXT  sing N N 114 
GLY OXT HXT  sing N N 115 
HIS N   CA   sing N N 116 
HIS N   H    sing N N 117 
HIS N   H2   sing N N 118 
HIS CA  C    sing N N 119 
HIS CA  CB   sing N N 120 
HIS CA  HA   sing N N 121 
HIS C   O    doub N N 122 
HIS C   OXT  sing N N 123 
HIS CB  CG   sing N N 124 
HIS CB  HB2  sing N N 125 
HIS CB  HB3  sing N N 126 
HIS CG  ND1  sing Y N 127 
HIS CG  CD2  doub Y N 128 
HIS ND1 CE1  doub Y N 129 
HIS ND1 HD1  sing N N 130 
HIS CD2 NE2  sing Y N 131 
HIS CD2 HD2  sing N N 132 
HIS CE1 NE2  sing Y N 133 
HIS CE1 HE1  sing N N 134 
HIS NE2 HE2  sing N N 135 
HIS OXT HXT  sing N N 136 
HOH O   H1   sing N N 137 
HOH O   H2   sing N N 138 
ILE N   CA   sing N N 139 
ILE N   H    sing N N 140 
ILE N   H2   sing N N 141 
ILE CA  C    sing N N 142 
ILE CA  CB   sing N N 143 
ILE CA  HA   sing N N 144 
ILE C   O    doub N N 145 
ILE C   OXT  sing N N 146 
ILE CB  CG1  sing N N 147 
ILE CB  CG2  sing N N 148 
ILE CB  HB   sing N N 149 
ILE CG1 CD1  sing N N 150 
ILE CG1 HG12 sing N N 151 
ILE CG1 HG13 sing N N 152 
ILE CG2 HG21 sing N N 153 
ILE CG2 HG22 sing N N 154 
ILE CG2 HG23 sing N N 155 
ILE CD1 HD11 sing N N 156 
ILE CD1 HD12 sing N N 157 
ILE CD1 HD13 sing N N 158 
ILE OXT HXT  sing N N 159 
LEU N   CA   sing N N 160 
LEU N   H    sing N N 161 
LEU N   H2   sing N N 162 
LEU CA  C    sing N N 163 
LEU CA  CB   sing N N 164 
LEU CA  HA   sing N N 165 
LEU C   O    doub N N 166 
LEU C   OXT  sing N N 167 
LEU CB  CG   sing N N 168 
LEU CB  HB2  sing N N 169 
LEU CB  HB3  sing N N 170 
LEU CG  CD1  sing N N 171 
LEU CG  CD2  sing N N 172 
LEU CG  HG   sing N N 173 
LEU CD1 HD11 sing N N 174 
LEU CD1 HD12 sing N N 175 
LEU CD1 HD13 sing N N 176 
LEU CD2 HD21 sing N N 177 
LEU CD2 HD22 sing N N 178 
LEU CD2 HD23 sing N N 179 
LEU OXT HXT  sing N N 180 
LYS N   CA   sing N N 181 
LYS N   H    sing N N 182 
LYS N   H2   sing N N 183 
LYS CA  C    sing N N 184 
LYS CA  CB   sing N N 185 
LYS CA  HA   sing N N 186 
LYS C   O    doub N N 187 
LYS C   OXT  sing N N 188 
LYS CB  CG   sing N N 189 
LYS CB  HB2  sing N N 190 
LYS CB  HB3  sing N N 191 
LYS CG  CD   sing N N 192 
LYS CG  HG2  sing N N 193 
LYS CG  HG3  sing N N 194 
LYS CD  CE   sing N N 195 
LYS CD  HD2  sing N N 196 
LYS CD  HD3  sing N N 197 
LYS CE  NZ   sing N N 198 
LYS CE  HE2  sing N N 199 
LYS CE  HE3  sing N N 200 
LYS NZ  HZ1  sing N N 201 
LYS NZ  HZ2  sing N N 202 
LYS NZ  HZ3  sing N N 203 
LYS OXT HXT  sing N N 204 
MET N   CA   sing N N 205 
MET N   H    sing N N 206 
MET N   H2   sing N N 207 
MET CA  C    sing N N 208 
MET CA  CB   sing N N 209 
MET CA  HA   sing N N 210 
MET C   O    doub N N 211 
MET C   OXT  sing N N 212 
MET CB  CG   sing N N 213 
MET CB  HB2  sing N N 214 
MET CB  HB3  sing N N 215 
MET CG  SD   sing N N 216 
MET CG  HG2  sing N N 217 
MET CG  HG3  sing N N 218 
MET SD  CE   sing N N 219 
MET CE  HE1  sing N N 220 
MET CE  HE2  sing N N 221 
MET CE  HE3  sing N N 222 
MET OXT HXT  sing N N 223 
PHE N   CA   sing N N 224 
PHE N   H    sing N N 225 
PHE N   H2   sing N N 226 
PHE CA  C    sing N N 227 
PHE CA  CB   sing N N 228 
PHE CA  HA   sing N N 229 
PHE C   O    doub N N 230 
PHE C   OXT  sing N N 231 
PHE CB  CG   sing N N 232 
PHE CB  HB2  sing N N 233 
PHE CB  HB3  sing N N 234 
PHE CG  CD1  doub Y N 235 
PHE CG  CD2  sing Y N 236 
PHE CD1 CE1  sing Y N 237 
PHE CD1 HD1  sing N N 238 
PHE CD2 CE2  doub Y N 239 
PHE CD2 HD2  sing N N 240 
PHE CE1 CZ   doub Y N 241 
PHE CE1 HE1  sing N N 242 
PHE CE2 CZ   sing Y N 243 
PHE CE2 HE2  sing N N 244 
PHE CZ  HZ   sing N N 245 
PHE OXT HXT  sing N N 246 
PRO N   CA   sing N N 247 
PRO N   CD   sing N N 248 
PRO N   H    sing N N 249 
PRO CA  C    sing N N 250 
PRO CA  CB   sing N N 251 
PRO CA  HA   sing N N 252 
PRO C   O    doub N N 253 
PRO C   OXT  sing N N 254 
PRO CB  CG   sing N N 255 
PRO CB  HB2  sing N N 256 
PRO CB  HB3  sing N N 257 
PRO CG  CD   sing N N 258 
PRO CG  HG2  sing N N 259 
PRO CG  HG3  sing N N 260 
PRO CD  HD2  sing N N 261 
PRO CD  HD3  sing N N 262 
PRO OXT HXT  sing N N 263 
SER N   CA   sing N N 264 
SER N   H    sing N N 265 
SER N   H2   sing N N 266 
SER CA  C    sing N N 267 
SER CA  CB   sing N N 268 
SER CA  HA   sing N N 269 
SER C   O    doub N N 270 
SER C   OXT  sing N N 271 
SER CB  OG   sing N N 272 
SER CB  HB2  sing N N 273 
SER CB  HB3  sing N N 274 
SER OG  HG   sing N N 275 
SER OXT HXT  sing N N 276 
THR N   CA   sing N N 277 
THR N   H    sing N N 278 
THR N   H2   sing N N 279 
THR CA  C    sing N N 280 
THR CA  CB   sing N N 281 
THR CA  HA   sing N N 282 
THR C   O    doub N N 283 
THR C   OXT  sing N N 284 
THR CB  OG1  sing N N 285 
THR CB  CG2  sing N N 286 
THR CB  HB   sing N N 287 
THR OG1 HG1  sing N N 288 
THR CG2 HG21 sing N N 289 
THR CG2 HG22 sing N N 290 
THR CG2 HG23 sing N N 291 
THR OXT HXT  sing N N 292 
TRP N   CA   sing N N 293 
TRP N   H    sing N N 294 
TRP N   H2   sing N N 295 
TRP CA  C    sing N N 296 
TRP CA  CB   sing N N 297 
TRP CA  HA   sing N N 298 
TRP C   O    doub N N 299 
TRP C   OXT  sing N N 300 
TRP CB  CG   sing N N 301 
TRP CB  HB2  sing N N 302 
TRP CB  HB3  sing N N 303 
TRP CG  CD1  doub Y N 304 
TRP CG  CD2  sing Y N 305 
TRP CD1 NE1  sing Y N 306 
TRP CD1 HD1  sing N N 307 
TRP CD2 CE2  doub Y N 308 
TRP CD2 CE3  sing Y N 309 
TRP NE1 CE2  sing Y N 310 
TRP NE1 HE1  sing N N 311 
TRP CE2 CZ2  sing Y N 312 
TRP CE3 CZ3  doub Y N 313 
TRP CE3 HE3  sing N N 314 
TRP CZ2 CH2  doub Y N 315 
TRP CZ2 HZ2  sing N N 316 
TRP CZ3 CH2  sing Y N 317 
TRP CZ3 HZ3  sing N N 318 
TRP CH2 HH2  sing N N 319 
TRP OXT HXT  sing N N 320 
TYR N   CA   sing N N 321 
TYR N   H    sing N N 322 
TYR N   H2   sing N N 323 
TYR CA  C    sing N N 324 
TYR CA  CB   sing N N 325 
TYR CA  HA   sing N N 326 
TYR C   O    doub N N 327 
TYR C   OXT  sing N N 328 
TYR CB  CG   sing N N 329 
TYR CB  HB2  sing N N 330 
TYR CB  HB3  sing N N 331 
TYR CG  CD1  doub Y N 332 
TYR CG  CD2  sing Y N 333 
TYR CD1 CE1  sing Y N 334 
TYR CD1 HD1  sing N N 335 
TYR CD2 CE2  doub Y N 336 
TYR CD2 HD2  sing N N 337 
TYR CE1 CZ   doub Y N 338 
TYR CE1 HE1  sing N N 339 
TYR CE2 CZ   sing Y N 340 
TYR CE2 HE2  sing N N 341 
TYR CZ  OH   sing N N 342 
TYR OH  HH   sing N N 343 
TYR OXT HXT  sing N N 344 
VAL N   CA   sing N N 345 
VAL N   H    sing N N 346 
VAL N   H2   sing N N 347 
VAL CA  C    sing N N 348 
VAL CA  CB   sing N N 349 
VAL CA  HA   sing N N 350 
VAL C   O    doub N N 351 
VAL C   OXT  sing N N 352 
VAL CB  CG1  sing N N 353 
VAL CB  CG2  sing N N 354 
VAL CB  HB   sing N N 355 
VAL CG1 HG11 sing N N 356 
VAL CG1 HG12 sing N N 357 
VAL CG1 HG13 sing N N 358 
VAL CG2 HG21 sing N N 359 
VAL CG2 HG22 sing N N 360 
VAL CG2 HG23 sing N N 361 
VAL OXT HXT  sing N N 362 
# 
loop_
_pdbx_entity_nonpoly.entity_id 
_pdbx_entity_nonpoly.name 
_pdbx_entity_nonpoly.comp_id 
3 'UNKNOWN ATOM OR ION' UNX 
4 water                 HOH 
# 
_pdbx_initial_refinement_model.id               1 
_pdbx_initial_refinement_model.entity_id_list   ? 
_pdbx_initial_refinement_model.type             'experimental model' 
_pdbx_initial_refinement_model.source_name      PDB 
_pdbx_initial_refinement_model.accession_code   1J3T 
_pdbx_initial_refinement_model.details          ? 
# 
